data_7SUE
#
_entry.id   7SUE
#
_cell.length_a   71.310
_cell.length_b   78.500
_cell.length_c   127.150
_cell.angle_alpha   97.600
_cell.angle_beta   89.960
_cell.angle_gamma   90.020
#
_symmetry.space_group_name_H-M   'P 1'
#
loop_
_entity.id
_entity.type
_entity.pdbx_description
1 polymer 'S24-188 Fab Light chain'
2 polymer 'S24-188 Fab Heavy chain'
3 polymer Nucleoprotein
#
loop_
_entity_poly.entity_id
_entity_poly.type
_entity_poly.pdbx_seq_one_letter_code
_entity_poly.pdbx_strand_id
1 'polypeptide(L)'
;QSALTQPASVSGSPGQSITISCTGTSSDVGGYNYVSWYQQHPGKAPKLMIYEVTNRPSGVSNRFSGSRSGNTASLTISGL
QAEDEADYYCSSYTSSSLYVFGTGTKVAVLGQPKANPTVTLFPPSSEELQANKATLVCLISDFYPGAVTVAWKADSSPVK
AGVETTKPSKQSNNKYAASSYLSLTPEQWKSHRSYSCQVTHEGSTVEKTVAPTECS
;
L,A,E,G
2 'polypeptide(L)'
;QVHLVQSGAEVKKPGSSVKVSCKASGGTFSSCAISWVRQAPGQGLEWMGRIIPILGIANYAQKFQGRVTITADKSTSTAY
MELSSLRSEDTAVYYCARGWEFGSGSYYRTDYYYYAMDVWGQGTTVTVSSASTKGPSVFPLAPCSRSTSGGTAALGCLVK
DYFPEPVTVSWNSGALTSGVHTFPAVLQSSGLYSLSSVVTVPSSSLGTQTYICNVNHKPSNTKVDKKVEPK
;
H,B,F,I
3 'polypeptide(L)'
;SNMNNTASWFTALTQHGKEDLKFPRGQGVPINTNSSPDDQIGYYRRATRRIRGGDGKMKDLSPRWYFYYLGTGPEAGLPY
GANKDGIIWVATEGALNTPKDHIGTRNPANNAAIVLQLPQGTTLPKGFYA
;
C,D,J,K
#
# COMPACT_ATOMS: atom_id res chain seq x y z
N SER A 2 39.27 25.44 -6.89
CA SER A 2 38.55 24.84 -5.77
C SER A 2 37.16 25.45 -5.63
N ALA A 3 36.44 25.03 -4.59
CA ALA A 3 35.11 25.52 -4.29
C ALA A 3 35.14 26.38 -3.04
N LEU A 4 34.27 27.40 -3.02
CA LEU A 4 34.23 28.31 -1.89
C LEU A 4 33.77 27.59 -0.64
N THR A 5 34.39 27.93 0.49
CA THR A 5 34.16 27.24 1.76
C THR A 5 33.20 28.04 2.63
N GLN A 6 32.14 27.38 3.11
CA GLN A 6 31.20 27.98 4.03
C GLN A 6 31.02 27.08 5.24
N PRO A 7 30.70 27.64 6.40
CA PRO A 7 30.32 26.80 7.55
C PRO A 7 29.05 26.00 7.26
N ALA A 8 29.02 24.76 7.75
CA ALA A 8 27.87 23.91 7.49
C ALA A 8 26.60 24.46 8.14
N SER A 9 26.70 24.91 9.40
CA SER A 9 25.53 25.41 10.12
C SER A 9 25.89 26.68 10.88
N VAL A 10 24.97 27.65 10.86
CA VAL A 10 25.08 28.87 11.65
C VAL A 10 23.73 29.14 12.30
N SER A 11 23.73 29.33 13.62
CA SER A 11 22.50 29.46 14.38
C SER A 11 22.53 30.74 15.21
N GLY A 12 21.36 31.37 15.35
CA GLY A 12 21.22 32.57 16.15
C GLY A 12 19.85 32.65 16.78
N SER A 13 19.77 33.46 17.84
CA SER A 13 18.52 33.65 18.56
C SER A 13 17.58 34.57 17.78
N PRO A 14 16.28 34.48 18.06
CA PRO A 14 15.33 35.40 17.42
C PRO A 14 15.58 36.85 17.85
N GLY A 15 15.68 37.73 16.85
CA GLY A 15 16.00 39.12 17.09
C GLY A 15 17.48 39.43 17.18
N GLN A 16 18.34 38.42 17.15
CA GLN A 16 19.77 38.60 17.24
C GLN A 16 20.34 38.94 15.86
N SER A 17 21.60 39.34 15.83
CA SER A 17 22.32 39.54 14.58
C SER A 17 23.43 38.52 14.46
N ILE A 18 23.58 37.94 13.27
CA ILE A 18 24.60 36.94 13.01
C ILE A 18 25.15 37.13 11.60
N THR A 19 26.36 36.61 11.39
CA THR A 19 27.11 36.77 10.16
C THR A 19 27.47 35.41 9.59
N ILE A 20 27.34 35.26 8.28
CA ILE A 20 27.76 34.07 7.56
C ILE A 20 28.99 34.42 6.73
N SER A 21 30.03 33.59 6.83
CA SER A 21 31.30 33.85 6.18
C SER A 21 31.45 33.00 4.91
N CYS A 22 32.28 33.51 3.99
CA CYS A 22 32.55 32.83 2.73
C CYS A 22 34.01 33.08 2.35
N THR A 23 34.87 32.10 2.57
CA THR A 23 36.31 32.26 2.36
C THR A 23 36.68 31.63 1.02
N GLY A 24 37.24 32.43 0.12
CA GLY A 24 37.71 31.93 -1.15
C GLY A 24 39.19 32.13 -1.36
N THR A 25 39.61 32.36 -2.60
CA THR A 25 40.99 32.60 -2.95
C THR A 25 41.14 33.98 -3.57
N SER A 26 42.35 34.28 -4.02
CA SER A 26 42.64 35.53 -4.72
C SER A 26 42.27 35.49 -6.20
N SER A 27 41.74 34.36 -6.68
CA SER A 27 41.33 34.26 -8.08
C SER A 27 39.83 34.38 -8.29
N ASP A 28 39.02 34.17 -7.25
CA ASP A 28 37.57 34.26 -7.35
C ASP A 28 36.99 35.35 -6.47
N VAL A 29 37.27 35.33 -5.18
CA VAL A 29 36.65 36.24 -4.22
C VAL A 29 37.54 37.45 -3.97
N GLY A 30 38.82 37.23 -3.74
CA GLY A 30 39.77 38.30 -3.57
C GLY A 30 40.28 38.91 -4.84
N GLY A 31 39.96 38.34 -6.00
CA GLY A 31 40.46 38.87 -7.25
C GLY A 31 39.50 39.79 -7.97
N TYR A 32 38.21 39.68 -7.67
CA TYR A 32 37.19 40.46 -8.36
C TYR A 32 36.13 40.94 -7.39
N ASN A 33 35.48 42.05 -7.74
CA ASN A 33 34.40 42.62 -6.95
C ASN A 33 33.03 42.08 -7.35
N TYR A 34 32.98 40.87 -7.89
CA TYR A 34 31.75 40.24 -8.34
C TYR A 34 31.50 39.02 -7.46
N VAL A 35 30.87 39.24 -6.32
CA VAL A 35 30.52 38.19 -5.36
C VAL A 35 29.05 38.36 -5.00
N SER A 36 28.31 37.24 -4.97
CA SER A 36 26.88 37.29 -4.75
C SER A 36 26.45 36.25 -3.72
N TRP A 37 25.31 36.53 -3.08
CA TRP A 37 24.71 35.68 -2.06
C TRP A 37 23.28 35.32 -2.43
N TYR A 38 22.89 34.09 -2.13
CA TYR A 38 21.58 33.56 -2.45
C TYR A 38 20.95 32.93 -1.22
N GLN A 39 19.63 33.03 -1.13
CA GLN A 39 18.82 32.42 -0.08
C GLN A 39 17.92 31.39 -0.71
N GLN A 40 17.84 30.21 -0.10
CA GLN A 40 17.06 29.09 -0.64
C GLN A 40 16.23 28.47 0.47
N HIS A 41 14.92 28.68 0.41
CA HIS A 41 14.01 27.91 1.24
C HIS A 41 13.93 26.48 0.71
N PRO A 42 13.69 25.50 1.58
CA PRO A 42 13.62 24.11 1.10
C PRO A 42 12.51 23.95 0.08
N GLY A 43 12.82 23.25 -1.01
CA GLY A 43 11.85 23.01 -2.06
C GLY A 43 11.57 24.18 -2.97
N LYS A 44 12.37 25.24 -2.92
CA LYS A 44 12.13 26.42 -3.74
C LYS A 44 13.45 26.90 -4.33
N ALA A 45 13.34 27.65 -5.41
CA ALA A 45 14.51 28.18 -6.11
C ALA A 45 15.22 29.25 -5.30
N PRO A 46 16.54 29.37 -5.44
CA PRO A 46 17.28 30.39 -4.71
C PRO A 46 16.88 31.80 -5.12
N LYS A 47 17.02 32.72 -4.18
CA LYS A 47 16.70 34.14 -4.38
C LYS A 47 17.96 34.96 -4.21
N LEU A 48 18.18 35.90 -5.12
CA LEU A 48 19.34 36.77 -5.06
C LEU A 48 19.15 37.81 -3.96
N MET A 49 20.15 37.94 -3.08
CA MET A 49 20.12 38.86 -1.95
C MET A 49 21.18 39.94 -2.01
N ILE A 50 22.37 39.64 -2.52
CA ILE A 50 23.43 40.60 -2.74
C ILE A 50 24.01 40.37 -4.13
N TYR A 51 24.10 41.45 -4.95
CA TYR A 51 24.56 41.34 -6.32
C TYR A 51 25.98 41.88 -6.52
N GLU A 52 26.34 42.97 -5.88
CA GLU A 52 27.76 43.29 -5.80
C GLU A 52 28.27 42.65 -4.53
N VAL A 53 29.48 43.01 -4.10
CA VAL A 53 29.99 42.46 -2.85
C VAL A 53 29.12 42.88 -1.68
N THR A 54 28.65 44.14 -1.69
CA THR A 54 27.86 44.69 -0.60
C THR A 54 26.52 45.25 -1.02
N ASN A 55 26.22 45.27 -2.32
CA ASN A 55 25.03 45.93 -2.84
C ASN A 55 23.84 44.98 -2.88
N ARG A 56 22.71 45.41 -2.33
CA ARG A 56 21.47 44.68 -2.31
C ARG A 56 20.47 45.25 -3.32
N PRO A 57 19.71 44.38 -3.98
CA PRO A 57 18.79 44.84 -5.02
C PRO A 57 17.62 45.63 -4.46
N SER A 58 17.01 46.42 -5.34
CA SER A 58 15.80 47.16 -4.99
C SER A 58 14.69 46.20 -4.63
N GLY A 59 14.17 46.31 -3.42
CA GLY A 59 13.14 45.40 -2.95
C GLY A 59 13.59 44.32 -2.00
N VAL A 60 14.69 44.52 -1.28
CA VAL A 60 15.22 43.56 -0.32
C VAL A 60 15.36 44.29 1.00
N SER A 61 14.96 43.63 2.09
CA SER A 61 14.94 44.30 3.38
C SER A 61 16.35 44.71 3.81
N ASN A 62 16.42 45.83 4.54
CA ASN A 62 17.69 46.31 5.09
C ASN A 62 18.25 45.39 6.16
N ARG A 63 17.47 44.44 6.66
CA ARG A 63 17.99 43.49 7.66
C ARG A 63 19.07 42.60 7.08
N PHE A 64 19.16 42.48 5.76
CA PHE A 64 20.20 41.71 5.09
C PHE A 64 21.30 42.65 4.61
N SER A 65 22.55 42.31 4.91
CA SER A 65 23.66 43.13 4.44
C SER A 65 24.85 42.23 4.12
N GLY A 66 25.70 42.71 3.22
CA GLY A 66 26.89 41.99 2.80
C GLY A 66 28.15 42.80 3.00
N SER A 67 29.26 42.09 3.19
CA SER A 67 30.56 42.73 3.36
C SER A 67 31.64 41.75 2.94
N ARG A 68 32.90 42.19 3.03
CA ARG A 68 34.04 41.36 2.67
C ARG A 68 35.31 41.94 3.27
N SER A 69 36.16 41.07 3.79
CA SER A 69 37.53 41.43 4.16
C SER A 69 38.49 40.40 3.58
N GLY A 70 39.44 40.86 2.77
CA GLY A 70 40.36 39.92 2.13
C GLY A 70 39.63 38.99 1.19
N ASN A 71 39.92 37.70 1.31
CA ASN A 71 39.31 36.68 0.47
C ASN A 71 38.07 36.08 1.11
N THR A 72 37.60 36.65 2.22
CA THR A 72 36.46 36.14 2.95
C THR A 72 35.33 37.16 2.85
N ALA A 73 34.27 36.80 2.13
CA ALA A 73 33.06 37.60 2.09
C ALA A 73 32.16 37.25 3.27
N SER A 74 31.19 38.12 3.53
CA SER A 74 30.32 37.92 4.68
C SER A 74 28.93 38.46 4.39
N LEU A 75 27.94 37.76 4.90
CA LEU A 75 26.54 38.19 4.87
C LEU A 75 26.08 38.39 6.30
N THR A 76 25.33 39.47 6.54
CA THR A 76 24.92 39.82 7.90
C THR A 76 23.41 40.00 7.93
N ILE A 77 22.76 39.36 8.89
CA ILE A 77 21.34 39.49 9.11
C ILE A 77 21.12 40.15 10.48
N SER A 78 20.39 41.25 10.49
CA SER A 78 20.02 41.93 11.72
C SER A 78 18.52 41.77 11.94
N GLY A 79 18.11 41.87 13.20
CA GLY A 79 16.70 41.69 13.52
C GLY A 79 16.18 40.33 13.08
N LEU A 80 16.93 39.28 13.42
CA LEU A 80 16.64 37.95 12.90
C LEU A 80 15.21 37.52 13.21
N GLN A 81 14.45 37.22 12.16
CA GLN A 81 13.06 36.83 12.28
C GLN A 81 12.89 35.36 11.94
N ALA A 82 11.68 34.85 12.15
CA ALA A 82 11.42 33.42 11.95
C ALA A 82 11.59 33.00 10.51
N GLU A 83 11.07 33.79 9.56
CA GLU A 83 11.09 33.41 8.15
C GLU A 83 12.46 33.56 7.49
N ASP A 84 13.52 33.84 8.24
CA ASP A 84 14.87 33.89 7.70
C ASP A 84 15.58 32.53 7.73
N GLU A 85 14.92 31.50 8.25
CA GLU A 85 15.49 30.16 8.28
C GLU A 85 15.54 29.57 6.88
N ALA A 86 16.74 29.30 6.37
CA ALA A 86 16.94 28.74 5.05
C ALA A 86 18.41 28.36 4.90
N ASP A 87 18.76 27.83 3.72
CA ASP A 87 20.16 27.63 3.35
C ASP A 87 20.68 28.86 2.62
N TYR A 88 21.87 29.34 3.01
CA TYR A 88 22.48 30.49 2.38
C TYR A 88 23.77 30.10 1.68
N TYR A 89 23.85 30.43 0.40
CA TYR A 89 24.96 30.05 -0.47
C TYR A 89 25.71 31.29 -0.94
N CYS A 90 27.00 31.13 -1.25
CA CYS A 90 27.84 32.24 -1.63
C CYS A 90 28.46 31.89 -2.98
N SER A 91 28.35 32.81 -3.95
CA SER A 91 28.87 32.55 -5.31
C SER A 91 29.66 33.76 -5.82
N SER A 92 30.63 33.51 -6.69
CA SER A 92 31.53 34.55 -7.20
C SER A 92 32.07 34.19 -8.58
N TYR A 93 32.29 35.21 -9.39
CA TYR A 93 32.99 35.02 -10.65
C TYR A 93 34.49 34.83 -10.36
N THR A 94 35.16 34.11 -11.25
CA THR A 94 36.55 33.74 -11.04
C THR A 94 37.38 34.05 -12.29
N SER A 95 38.70 34.04 -12.10
CA SER A 95 39.64 34.43 -13.14
C SER A 95 39.64 33.48 -14.34
N SER A 96 39.14 32.26 -14.18
CA SER A 96 39.08 31.31 -15.27
C SER A 96 37.76 31.40 -16.04
N SER A 97 37.02 32.49 -15.86
CA SER A 97 35.84 32.83 -16.65
C SER A 97 34.72 31.81 -16.47
N LEU A 98 34.32 31.62 -15.22
CA LEU A 98 33.17 30.79 -14.88
C LEU A 98 32.68 31.21 -13.50
N TYR A 99 31.73 30.46 -12.96
CA TYR A 99 31.12 30.73 -11.68
C TYR A 99 31.42 29.57 -10.74
N VAL A 100 31.56 29.88 -9.46
CA VAL A 100 31.75 28.86 -8.43
C VAL A 100 30.86 29.21 -7.24
N PHE A 101 30.19 28.20 -6.70
CA PHE A 101 29.34 28.36 -5.53
C PHE A 101 30.05 27.86 -4.28
N GLY A 102 29.43 28.13 -3.13
CA GLY A 102 29.96 27.72 -1.86
C GLY A 102 29.34 26.40 -1.38
N THR A 103 29.97 25.83 -0.36
CA THR A 103 29.49 24.56 0.18
C THR A 103 28.08 24.69 0.74
N GLY A 104 27.77 25.83 1.32
CA GLY A 104 26.43 26.06 1.82
C GLY A 104 26.39 26.17 3.33
N THR A 105 25.47 26.97 3.83
CA THR A 105 25.28 27.17 5.26
C THR A 105 23.79 27.14 5.57
N LYS A 106 23.43 26.34 6.56
CA LYS A 106 22.04 26.22 6.99
C LYS A 106 21.82 27.12 8.20
N VAL A 107 20.75 27.92 8.16
CA VAL A 107 20.44 28.89 9.19
C VAL A 107 19.14 28.47 9.89
N ALA A 108 19.20 28.38 11.21
CA ALA A 108 18.04 28.05 12.03
C ALA A 108 18.07 28.91 13.28
N VAL A 109 16.90 29.28 13.76
CA VAL A 109 16.76 30.07 14.96
C VAL A 109 16.63 29.15 16.16
N LEU A 110 17.35 29.49 17.23
CA LEU A 110 17.33 28.72 18.47
C LEU A 110 16.19 29.19 19.36
N GLY A 111 15.82 28.35 20.33
CA GLY A 111 14.82 28.68 21.31
C GLY A 111 13.55 27.87 21.20
N GLN A 112 13.33 27.19 20.09
CA GLN A 112 12.16 26.33 19.97
C GLN A 112 12.25 25.16 20.95
N PRO A 113 11.20 24.91 21.74
CA PRO A 113 11.28 23.90 22.79
C PRO A 113 11.56 22.51 22.23
N LYS A 114 12.36 21.74 22.95
CA LYS A 114 12.64 20.38 22.52
C LYS A 114 11.39 19.53 22.72
N ALA A 115 11.16 18.60 21.80
CA ALA A 115 10.02 17.70 21.87
C ALA A 115 10.51 16.26 21.73
N ASN A 116 10.01 15.38 22.57
CA ASN A 116 10.50 14.03 22.38
C ASN A 116 9.66 13.32 21.32
N PRO A 117 10.28 12.42 20.57
CA PRO A 117 9.59 11.81 19.42
C PRO A 117 8.43 10.93 19.87
N THR A 118 7.43 10.85 19.00
CA THR A 118 6.31 9.92 19.17
C THR A 118 6.50 8.78 18.17
N VAL A 119 6.63 7.57 18.68
CA VAL A 119 7.01 6.41 17.88
C VAL A 119 5.82 5.47 17.80
N THR A 120 5.49 5.05 16.59
CA THR A 120 4.47 4.04 16.36
C THR A 120 5.08 2.92 15.52
N LEU A 121 4.93 1.68 16.00
CA LEU A 121 5.51 0.51 15.36
C LEU A 121 4.37 -0.38 14.89
N PHE A 122 4.35 -0.68 13.59
CA PHE A 122 3.32 -1.49 12.98
C PHE A 122 3.88 -2.85 12.61
N PRO A 123 3.20 -3.93 12.97
CA PRO A 123 3.63 -5.26 12.54
C PRO A 123 3.28 -5.48 11.09
N PRO A 124 3.83 -6.53 10.46
CA PRO A 124 3.46 -6.83 9.08
C PRO A 124 1.97 -7.12 8.95
N SER A 125 1.39 -6.66 7.84
CA SER A 125 -0.02 -6.91 7.57
C SER A 125 -0.23 -8.37 7.18
N SER A 126 -1.48 -8.81 7.32
CA SER A 126 -1.84 -10.15 6.88
C SER A 126 -1.65 -10.32 5.38
N GLU A 127 -2.02 -9.30 4.60
CA GLU A 127 -1.86 -9.38 3.15
C GLU A 127 -0.39 -9.53 2.76
N GLU A 128 0.49 -8.77 3.40
CA GLU A 128 1.91 -8.86 3.09
C GLU A 128 2.48 -10.22 3.46
N LEU A 129 2.07 -10.77 4.61
CA LEU A 129 2.53 -12.08 5.02
C LEU A 129 2.10 -13.15 4.02
N GLN A 130 0.88 -13.05 3.51
CA GLN A 130 0.42 -14.00 2.50
C GLN A 130 1.24 -13.89 1.22
N ALA A 131 1.80 -12.72 0.94
CA ALA A 131 2.68 -12.55 -0.22
C ALA A 131 4.12 -12.96 0.07
N ASN A 132 4.37 -13.74 1.12
CA ASN A 132 5.69 -14.27 1.44
C ASN A 132 6.71 -13.17 1.69
N LYS A 133 6.26 -12.07 2.29
CA LYS A 133 7.14 -10.96 2.64
C LYS A 133 6.71 -10.39 3.98
N ALA A 134 7.65 -9.70 4.64
CA ALA A 134 7.38 -9.11 5.94
C ALA A 134 8.23 -7.86 6.11
N THR A 135 7.58 -6.72 6.29
CA THR A 135 8.26 -5.45 6.50
C THR A 135 7.73 -4.81 7.78
N LEU A 136 8.66 -4.38 8.63
CA LEU A 136 8.33 -3.68 9.87
C LEU A 136 8.49 -2.18 9.65
N VAL A 137 7.45 -1.42 10.01
CA VAL A 137 7.41 0.01 9.77
C VAL A 137 7.51 0.70 11.12
N CYS A 138 8.61 1.44 11.33
CA CYS A 138 8.83 2.24 12.52
C CYS A 138 8.78 3.71 12.12
N LEU A 139 7.84 4.45 12.70
CA LEU A 139 7.55 5.82 12.30
C LEU A 139 7.84 6.77 13.45
N ILE A 140 8.60 7.83 13.15
CA ILE A 140 9.10 8.77 14.14
C ILE A 140 8.62 10.17 13.76
N SER A 141 8.11 10.91 14.74
CA SER A 141 7.54 12.22 14.45
C SER A 141 7.61 13.10 15.68
N ASP A 142 7.41 14.40 15.45
CA ASP A 142 7.28 15.40 16.51
C ASP A 142 8.50 15.45 17.43
N PHE A 143 9.69 15.50 16.83
CA PHE A 143 10.92 15.63 17.60
C PHE A 143 11.73 16.81 17.09
N TYR A 144 12.45 17.45 18.02
CA TYR A 144 13.29 18.61 17.76
C TYR A 144 14.38 18.70 18.83
N PRO A 145 15.67 18.79 18.45
CA PRO A 145 16.26 18.95 17.11
C PRO A 145 16.09 17.74 16.19
N GLY A 146 16.32 17.97 14.90
CA GLY A 146 16.04 16.97 13.88
C GLY A 146 17.18 16.05 13.52
N ALA A 147 17.67 15.28 14.50
CA ALA A 147 18.71 14.28 14.26
C ALA A 147 18.40 13.08 15.14
N VAL A 148 18.07 11.95 14.52
CA VAL A 148 17.78 10.71 15.24
C VAL A 148 18.51 9.57 14.56
N THR A 149 19.05 8.66 15.38
CA THR A 149 19.62 7.41 14.91
C THR A 149 18.74 6.25 15.34
N VAL A 150 18.54 5.30 14.43
CA VAL A 150 17.58 4.20 14.63
C VAL A 150 18.34 2.90 14.61
N ALA A 151 18.11 2.07 15.63
CA ALA A 151 18.69 0.74 15.73
C ALA A 151 17.60 -0.30 15.89
N TRP A 152 17.73 -1.41 15.17
CA TRP A 152 16.78 -2.51 15.25
C TRP A 152 17.40 -3.66 16.03
N LYS A 153 16.59 -4.32 16.84
CA LYS A 153 17.04 -5.44 17.67
C LYS A 153 15.96 -6.52 17.72
N ALA A 154 16.40 -7.76 17.60
CA ALA A 154 15.51 -8.92 17.63
C ALA A 154 15.85 -9.77 18.84
N ASP A 155 14.86 -9.98 19.70
CA ASP A 155 15.06 -10.70 20.96
C ASP A 155 16.23 -10.13 21.76
N SER A 156 16.33 -8.80 21.77
CA SER A 156 17.43 -8.08 22.42
C SER A 156 18.77 -8.49 21.83
N SER A 157 18.78 -8.74 20.52
CA SER A 157 20.01 -9.04 19.79
C SER A 157 20.06 -8.08 18.60
N PRO A 158 21.13 -7.29 18.47
CA PRO A 158 21.19 -6.33 17.36
C PRO A 158 21.19 -7.05 16.01
N VAL A 159 20.47 -6.47 15.05
CA VAL A 159 20.36 -7.00 13.70
C VAL A 159 20.62 -5.86 12.71
N LYS A 160 21.52 -6.11 11.76
CA LYS A 160 21.76 -5.19 10.65
C LYS A 160 21.63 -5.98 9.35
N ALA A 161 20.39 -6.08 8.87
CA ALA A 161 20.07 -6.80 7.65
C ALA A 161 18.65 -6.47 7.20
N GLY A 162 18.49 -5.99 5.98
CA GLY A 162 17.17 -5.60 5.51
C GLY A 162 16.60 -4.42 6.27
N VAL A 163 17.46 -3.48 6.67
CA VAL A 163 17.05 -2.29 7.41
C VAL A 163 17.34 -1.06 6.54
N GLU A 164 16.34 -0.20 6.40
CA GLU A 164 16.46 1.02 5.60
C GLU A 164 15.73 2.14 6.31
N THR A 165 16.45 3.24 6.57
CA THR A 165 15.92 4.38 7.30
C THR A 165 16.04 5.64 6.45
N THR A 166 15.01 6.48 6.49
CA THR A 166 15.02 7.71 5.71
C THR A 166 15.84 8.78 6.43
N LYS A 167 15.85 9.97 5.87
CA LYS A 167 16.47 11.10 6.54
C LYS A 167 15.43 11.88 7.33
N PRO A 168 15.83 12.58 8.38
CA PRO A 168 14.89 13.44 9.09
C PRO A 168 14.39 14.56 8.19
N SER A 169 13.14 14.96 8.40
CA SER A 169 12.50 15.96 7.55
C SER A 169 11.67 16.91 8.40
N LYS A 170 11.74 18.20 8.07
CA LYS A 170 10.92 19.20 8.74
C LYS A 170 9.44 19.00 8.41
N GLN A 171 8.58 19.15 9.40
CA GLN A 171 7.14 19.15 9.18
C GLN A 171 6.55 20.52 9.51
N SER A 172 5.21 20.58 9.47
CA SER A 172 4.51 21.87 9.50
C SER A 172 4.76 22.61 10.81
N ASN A 173 4.71 21.90 11.94
CA ASN A 173 4.86 22.53 13.25
C ASN A 173 6.32 22.78 13.61
N ASN A 174 7.20 22.77 12.61
CA ASN A 174 8.62 23.06 12.73
C ASN A 174 9.38 21.98 13.49
N LYS A 175 8.74 20.86 13.80
CA LYS A 175 9.44 19.71 14.34
C LYS A 175 9.94 18.86 13.18
N TYR A 176 10.48 17.68 13.49
CA TYR A 176 11.06 16.80 12.50
C TYR A 176 10.40 15.43 12.56
N ALA A 177 10.49 14.70 11.45
CA ALA A 177 9.91 13.37 11.38
C ALA A 177 10.78 12.49 10.50
N ALA A 178 10.79 11.19 10.81
CA ALA A 178 11.57 10.23 10.06
C ALA A 178 10.85 8.89 10.08
N SER A 179 11.38 7.93 9.34
CA SER A 179 10.80 6.60 9.27
C SER A 179 11.88 5.59 8.97
N SER A 180 11.72 4.38 9.51
CA SER A 180 12.64 3.27 9.29
C SER A 180 11.84 2.01 8.98
N TYR A 181 12.41 1.18 8.11
CA TYR A 181 11.76 -0.06 7.68
C TYR A 181 12.73 -1.22 7.86
N LEU A 182 12.18 -2.38 8.23
CA LEU A 182 12.96 -3.60 8.38
C LEU A 182 12.40 -4.68 7.47
N SER A 183 13.27 -5.32 6.70
CA SER A 183 12.87 -6.33 5.72
C SER A 183 13.18 -7.72 6.26
N LEU A 184 12.16 -8.59 6.29
CA LEU A 184 12.32 -9.96 6.74
C LEU A 184 11.50 -10.88 5.86
N THR A 185 11.95 -12.13 5.74
CA THR A 185 11.09 -13.18 5.24
C THR A 185 10.20 -13.71 6.37
N PRO A 186 9.09 -14.35 6.04
CA PRO A 186 8.14 -14.76 7.09
C PRO A 186 8.73 -15.68 8.14
N GLU A 187 9.81 -16.41 7.85
CA GLU A 187 10.29 -17.38 8.83
C GLU A 187 11.15 -16.74 9.92
N GLN A 188 11.89 -15.68 9.60
CA GLN A 188 12.63 -14.99 10.67
C GLN A 188 11.69 -14.25 11.59
N TRP A 189 10.58 -13.73 11.05
CA TRP A 189 9.55 -13.09 11.87
C TRP A 189 8.94 -14.07 12.85
N LYS A 190 8.69 -15.31 12.41
CA LYS A 190 8.13 -16.34 13.28
C LYS A 190 9.16 -16.88 14.26
N SER A 191 10.40 -17.08 13.81
CA SER A 191 11.40 -17.73 14.66
C SER A 191 11.72 -16.89 15.89
N HIS A 192 11.84 -15.58 15.73
CA HIS A 192 12.20 -14.73 16.84
C HIS A 192 10.95 -14.41 17.67
N ARG A 193 11.17 -14.14 18.96
CA ARG A 193 10.05 -13.89 19.86
C ARG A 193 9.55 -12.46 19.78
N SER A 194 10.41 -11.50 19.42
CA SER A 194 10.00 -10.11 19.32
C SER A 194 11.05 -9.33 18.54
N TYR A 195 10.56 -8.28 17.85
CA TYR A 195 11.42 -7.31 17.18
C TYR A 195 11.11 -5.93 17.76
N SER A 196 12.17 -5.12 17.93
CA SER A 196 12.07 -3.84 18.59
C SER A 196 12.74 -2.76 17.75
N CYS A 197 12.16 -1.56 17.81
CA CYS A 197 12.70 -0.37 17.14
C CYS A 197 13.17 0.62 18.20
N GLN A 198 14.43 1.01 18.13
CA GLN A 198 15.03 1.97 19.07
C GLN A 198 15.28 3.28 18.34
N VAL A 199 14.73 4.36 18.89
CA VAL A 199 14.91 5.70 18.33
C VAL A 199 15.65 6.52 19.37
N THR A 200 16.88 6.91 19.06
CA THR A 200 17.69 7.72 19.96
C THR A 200 17.69 9.18 19.50
N HIS A 201 17.37 10.09 20.42
CA HIS A 201 17.26 11.51 20.12
C HIS A 201 17.78 12.31 21.28
N GLU A 202 18.87 13.04 21.07
CA GLU A 202 19.50 13.86 22.12
C GLU A 202 19.87 13.00 23.33
N GLY A 203 20.39 11.81 23.08
CA GLY A 203 20.80 10.93 24.16
C GLY A 203 19.67 10.24 24.87
N SER A 204 18.44 10.34 24.37
CA SER A 204 17.28 9.69 24.99
C SER A 204 16.65 8.74 23.99
N THR A 205 16.55 7.47 24.37
CA THR A 205 16.04 6.42 23.50
C THR A 205 14.60 6.10 23.87
N VAL A 206 13.72 6.04 22.86
CA VAL A 206 12.35 5.60 23.04
C VAL A 206 12.16 4.35 22.18
N GLU A 207 11.68 3.28 22.82
CA GLU A 207 11.56 1.98 22.16
C GLU A 207 10.11 1.56 21.97
N LYS A 208 9.88 0.79 20.91
CA LYS A 208 8.62 0.10 20.66
C LYS A 208 8.93 -1.33 20.27
N THR A 209 8.12 -2.27 20.74
CA THR A 209 8.35 -3.68 20.50
C THR A 209 7.08 -4.32 19.97
N VAL A 210 7.23 -5.15 18.93
CA VAL A 210 6.12 -5.91 18.38
C VAL A 210 6.51 -7.39 18.36
N ALA A 211 5.51 -8.25 18.43
CA ALA A 211 5.69 -9.69 18.48
C ALA A 211 4.70 -10.35 17.55
N PRO A 212 5.00 -11.55 17.07
CA PRO A 212 4.04 -12.26 16.19
C PRO A 212 2.73 -12.53 16.91
N THR A 213 1.66 -11.94 16.39
CA THR A 213 0.31 -12.11 16.93
C THR A 213 0.24 -11.83 18.44
N GLN B 1 9.64 41.84 -15.59
CA GLN B 1 8.54 40.90 -15.76
C GLN B 1 8.97 39.73 -16.65
N VAL B 2 10.06 39.08 -16.30
CA VAL B 2 10.56 37.93 -17.05
C VAL B 2 10.56 36.71 -16.13
N HIS B 3 9.88 35.66 -16.56
CA HIS B 3 9.77 34.41 -15.81
C HIS B 3 10.47 33.30 -16.57
N LEU B 4 11.07 32.37 -15.84
CA LEU B 4 11.73 31.22 -16.43
C LEU B 4 10.92 29.97 -16.11
N VAL B 5 10.43 29.29 -17.14
CA VAL B 5 9.68 28.05 -17.00
C VAL B 5 10.48 26.91 -17.63
N GLN B 6 10.65 25.83 -16.89
CA GLN B 6 11.46 24.70 -17.31
C GLN B 6 10.56 23.51 -17.64
N SER B 7 11.14 22.54 -18.36
CA SER B 7 10.39 21.36 -18.75
C SER B 7 10.15 20.45 -17.53
N GLY B 8 9.29 19.46 -17.72
CA GLY B 8 8.91 18.60 -16.63
C GLY B 8 10.03 17.66 -16.20
N ALA B 9 9.78 16.98 -15.08
CA ALA B 9 10.78 16.08 -14.52
C ALA B 9 11.01 14.89 -15.43
N GLU B 10 12.26 14.45 -15.50
CA GLU B 10 12.66 13.34 -16.34
C GLU B 10 13.10 12.17 -15.48
N VAL B 11 12.83 10.96 -15.94
CA VAL B 11 13.36 9.74 -15.34
C VAL B 11 14.13 8.97 -16.41
N LYS B 12 15.42 8.76 -16.16
CA LYS B 12 16.33 8.17 -17.13
C LYS B 12 17.09 7.02 -16.51
N LYS B 13 17.44 6.05 -17.36
CA LYS B 13 18.30 4.93 -16.98
C LYS B 13 19.77 5.30 -17.19
N PRO B 14 20.67 4.66 -16.45
CA PRO B 14 22.10 5.00 -16.57
C PRO B 14 22.63 4.78 -17.98
N GLY B 15 23.52 5.66 -18.41
CA GLY B 15 24.12 5.61 -19.72
C GLY B 15 23.37 6.33 -20.81
N SER B 16 22.17 6.83 -20.53
CA SER B 16 21.38 7.55 -21.52
C SER B 16 21.70 9.04 -21.44
N SER B 17 20.91 9.87 -22.12
CA SER B 17 21.11 11.31 -22.10
C SER B 17 19.78 12.01 -21.87
N VAL B 18 19.85 13.21 -21.27
CA VAL B 18 18.67 14.01 -20.96
C VAL B 18 18.89 15.42 -21.48
N LYS B 19 17.85 16.01 -22.04
CA LYS B 19 17.90 17.39 -22.55
C LYS B 19 16.77 18.19 -21.89
N VAL B 20 17.14 19.10 -21.00
CA VAL B 20 16.18 19.93 -20.28
C VAL B 20 16.06 21.28 -20.99
N SER B 21 14.86 21.84 -20.97
CA SER B 21 14.57 23.11 -21.61
C SER B 21 14.28 24.19 -20.59
N CYS B 22 14.35 25.43 -21.05
CA CYS B 22 14.14 26.61 -20.21
C CYS B 22 13.68 27.72 -21.14
N LYS B 23 12.41 28.13 -21.02
CA LYS B 23 11.82 29.09 -21.95
C LYS B 23 11.60 30.44 -21.28
N ALA B 24 12.07 31.49 -21.95
CA ALA B 24 11.83 32.87 -21.53
C ALA B 24 10.49 33.35 -22.06
N SER B 25 9.66 33.90 -21.17
CA SER B 25 8.34 34.36 -21.56
C SER B 25 8.27 35.85 -21.82
N GLY B 26 9.32 36.61 -21.46
CA GLY B 26 9.37 38.02 -21.81
C GLY B 26 9.90 38.30 -23.20
N GLY B 27 10.65 37.36 -23.77
CA GLY B 27 11.17 37.47 -25.11
C GLY B 27 12.51 38.18 -25.23
N THR B 28 13.01 38.78 -24.16
CA THR B 28 14.26 39.55 -24.21
C THR B 28 15.41 38.58 -24.05
N PHE B 29 15.87 38.02 -25.17
CA PHE B 29 17.11 37.26 -25.22
C PHE B 29 18.30 38.10 -25.63
N SER B 30 18.23 39.42 -25.41
CA SER B 30 19.27 40.34 -25.86
C SER B 30 20.34 40.47 -24.79
N SER B 31 21.54 39.99 -25.11
CA SER B 31 22.72 40.07 -24.25
C SER B 31 22.55 39.36 -22.90
N CYS B 32 21.54 38.50 -22.77
CA CYS B 32 21.33 37.82 -21.51
C CYS B 32 22.36 36.71 -21.34
N ALA B 33 22.51 36.25 -20.10
CA ALA B 33 23.34 35.09 -19.80
C ALA B 33 22.51 34.10 -19.01
N ILE B 34 22.39 32.88 -19.54
CA ILE B 34 21.59 31.82 -18.94
C ILE B 34 22.53 30.80 -18.32
N SER B 35 22.41 30.60 -17.00
CA SER B 35 23.27 29.67 -16.29
C SER B 35 22.46 28.48 -15.81
N TRP B 36 23.06 27.30 -15.91
CA TRP B 36 22.45 26.05 -15.45
C TRP B 36 23.16 25.58 -14.19
N VAL B 37 22.41 25.42 -13.11
CA VAL B 37 22.98 25.01 -11.82
C VAL B 37 22.21 23.80 -11.31
N ARG B 38 22.93 22.78 -10.88
CA ARG B 38 22.36 21.55 -10.34
C ARG B 38 22.73 21.41 -8.87
N GLN B 39 21.97 20.56 -8.16
CA GLN B 39 22.18 20.37 -6.74
C GLN B 39 21.81 18.94 -6.39
N ALA B 40 22.80 18.14 -6.05
CA ALA B 40 22.56 16.77 -5.63
C ALA B 40 21.86 16.76 -4.27
N PRO B 41 21.11 15.69 -3.96
CA PRO B 41 20.40 15.64 -2.67
C PRO B 41 21.36 15.79 -1.49
N GLY B 42 21.14 16.83 -0.70
CA GLY B 42 21.99 17.12 0.43
C GLY B 42 23.36 17.67 0.08
N GLN B 43 23.51 18.23 -1.12
CA GLN B 43 24.79 18.75 -1.59
C GLN B 43 24.64 20.23 -1.93
N GLY B 44 25.77 20.87 -2.22
CA GLY B 44 25.80 22.27 -2.55
C GLY B 44 25.54 22.54 -4.02
N LEU B 45 25.24 23.80 -4.31
CA LEU B 45 24.99 24.22 -5.69
C LEU B 45 26.27 24.10 -6.50
N GLU B 46 26.11 23.78 -7.78
CA GLU B 46 27.25 23.65 -8.69
C GLU B 46 26.89 24.25 -10.04
N TRP B 47 27.66 25.24 -10.46
CA TRP B 47 27.45 25.94 -11.73
C TRP B 47 27.95 25.05 -12.87
N MET B 48 27.12 24.88 -13.89
CA MET B 48 27.46 24.00 -15.00
C MET B 48 27.94 24.74 -16.24
N GLY B 49 27.18 25.73 -16.71
CA GLY B 49 27.58 26.44 -17.92
C GLY B 49 26.77 27.69 -18.14
N ARG B 50 27.16 28.45 -19.16
CA ARG B 50 26.50 29.70 -19.51
C ARG B 50 26.41 29.78 -21.02
N ILE B 51 25.39 30.46 -21.51
CA ILE B 51 25.23 30.72 -22.94
C ILE B 51 24.73 32.15 -23.13
N ILE B 52 25.24 32.79 -24.18
CA ILE B 52 24.76 34.10 -24.62
C ILE B 52 24.01 33.90 -25.93
N PRO B 53 22.68 33.85 -25.89
CA PRO B 53 21.91 33.47 -27.09
C PRO B 53 22.12 34.36 -28.31
N ILE B 54 22.31 35.66 -28.11
CA ILE B 54 22.49 36.56 -29.25
C ILE B 54 23.77 36.22 -30.01
N LEU B 55 24.82 35.83 -29.29
CA LEU B 55 26.07 35.43 -29.93
C LEU B 55 26.16 33.94 -30.18
N GLY B 56 25.29 33.14 -29.60
CA GLY B 56 25.28 31.70 -29.83
C GLY B 56 26.56 31.00 -29.41
N ILE B 57 27.12 31.38 -28.26
CA ILE B 57 28.39 30.85 -27.77
C ILE B 57 28.18 30.34 -26.36
N ALA B 58 28.83 29.24 -26.02
CA ALA B 58 28.63 28.61 -24.72
C ALA B 58 29.96 28.11 -24.16
N ASN B 59 30.24 28.50 -22.92
CA ASN B 59 31.36 28.00 -22.14
C ASN B 59 30.84 26.99 -21.12
N TYR B 60 31.71 26.08 -20.70
CA TYR B 60 31.33 25.05 -19.74
C TYR B 60 32.39 24.92 -18.66
N ALA B 61 31.92 24.62 -17.45
CA ALA B 61 32.81 24.32 -16.34
C ALA B 61 33.60 23.05 -16.60
N GLN B 62 34.84 23.02 -16.10
CA GLN B 62 35.77 21.95 -16.44
C GLN B 62 35.29 20.58 -15.98
N LYS B 63 34.54 20.52 -14.87
CA LYS B 63 34.05 19.22 -14.43
C LYS B 63 33.06 18.66 -15.44
N PHE B 64 32.20 19.51 -16.00
CA PHE B 64 31.21 19.11 -16.98
C PHE B 64 31.67 19.34 -18.41
N GLN B 65 32.90 19.80 -18.61
CA GLN B 65 33.43 20.06 -19.95
C GLN B 65 33.59 18.76 -20.73
N GLY B 66 32.83 18.61 -21.81
CA GLY B 66 32.87 17.42 -22.63
C GLY B 66 31.67 16.51 -22.48
N ARG B 67 30.80 16.76 -21.50
CA ARG B 67 29.61 15.95 -21.28
C ARG B 67 28.32 16.74 -21.30
N VAL B 68 28.38 18.07 -21.14
CA VAL B 68 27.20 18.92 -21.16
C VAL B 68 27.23 19.78 -22.41
N THR B 69 26.08 19.93 -23.05
CA THR B 69 25.92 20.79 -24.22
C THR B 69 24.77 21.75 -23.95
N ILE B 70 25.04 23.04 -24.05
CA ILE B 70 24.04 24.08 -23.82
C ILE B 70 23.80 24.82 -25.12
N THR B 71 22.55 24.83 -25.56
CA THR B 71 22.15 25.50 -26.78
C THR B 71 20.98 26.42 -26.50
N ALA B 72 20.70 27.32 -27.44
CA ALA B 72 19.59 28.24 -27.34
C ALA B 72 18.87 28.30 -28.68
N ASP B 73 17.56 28.57 -28.61
CA ASP B 73 16.71 28.70 -29.80
C ASP B 73 16.04 30.06 -29.72
N LYS B 74 16.60 31.03 -30.46
CA LYS B 74 16.05 32.38 -30.43
C LYS B 74 14.66 32.46 -31.04
N SER B 75 14.29 31.50 -31.89
CA SER B 75 12.98 31.52 -32.51
C SER B 75 11.86 31.32 -31.49
N THR B 76 12.14 30.57 -30.42
CA THR B 76 11.18 30.36 -29.35
C THR B 76 11.65 30.90 -28.00
N SER B 77 12.83 31.54 -27.94
CA SER B 77 13.40 32.05 -26.70
C SER B 77 13.46 30.96 -25.63
N THR B 78 14.09 29.85 -25.99
CA THR B 78 14.21 28.69 -25.11
C THR B 78 15.67 28.27 -25.02
N ALA B 79 16.16 28.07 -23.79
CA ALA B 79 17.49 27.56 -23.56
C ALA B 79 17.43 26.07 -23.26
N TYR B 80 18.47 25.36 -23.69
CA TYR B 80 18.52 23.90 -23.56
C TYR B 80 19.83 23.48 -22.91
N MET B 81 19.74 22.57 -21.95
CA MET B 81 20.90 21.91 -21.36
C MET B 81 20.76 20.41 -21.63
N GLU B 82 21.79 19.82 -22.23
CA GLU B 82 21.78 18.40 -22.59
C GLU B 82 22.96 17.70 -21.94
N LEU B 83 22.66 16.75 -21.06
CA LEU B 83 23.68 15.95 -20.37
C LEU B 83 23.61 14.52 -20.88
N SER B 84 24.75 14.02 -21.36
CA SER B 84 24.87 12.68 -21.94
C SER B 84 25.64 11.79 -20.99
N SER B 85 25.66 10.49 -21.30
CA SER B 85 26.40 9.50 -20.53
C SER B 85 26.11 9.66 -19.03
N LEU B 86 24.82 9.55 -18.70
CA LEU B 86 24.38 9.83 -17.34
C LEU B 86 24.96 8.81 -16.37
N ARG B 87 25.46 9.32 -15.25
CA ARG B 87 25.84 8.54 -14.08
C ARG B 87 24.83 8.75 -12.96
N SER B 88 25.01 8.00 -11.87
CA SER B 88 24.15 8.18 -10.71
C SER B 88 24.39 9.52 -10.03
N GLU B 89 25.60 10.09 -10.17
CA GLU B 89 25.87 11.40 -9.59
C GLU B 89 25.04 12.49 -10.25
N ASP B 90 24.64 12.29 -11.52
CA ASP B 90 23.87 13.31 -12.21
C ASP B 90 22.43 13.42 -11.72
N THR B 91 22.00 12.55 -10.82
CA THR B 91 20.66 12.68 -10.24
C THR B 91 20.60 13.95 -9.39
N ALA B 92 19.86 14.94 -9.84
CA ALA B 92 19.80 16.22 -9.13
C ALA B 92 18.61 17.02 -9.65
N VAL B 93 18.42 18.20 -9.07
CA VAL B 93 17.44 19.18 -9.55
C VAL B 93 18.18 20.26 -10.31
N TYR B 94 17.76 20.50 -11.55
CA TYR B 94 18.46 21.41 -12.45
C TYR B 94 17.69 22.72 -12.60
N TYR B 95 18.37 23.83 -12.35
CA TYR B 95 17.78 25.16 -12.43
C TYR B 95 18.41 25.93 -13.58
N CYS B 96 17.60 26.78 -14.22
CA CYS B 96 18.11 27.78 -15.14
C CYS B 96 17.87 29.18 -14.59
N ALA B 97 18.86 30.07 -14.77
CA ALA B 97 18.79 31.40 -14.20
C ALA B 97 19.29 32.40 -15.23
N ARG B 98 18.74 33.61 -15.19
CA ARG B 98 19.11 34.67 -16.10
C ARG B 98 20.03 35.65 -15.39
N GLY B 99 21.12 36.03 -16.05
CA GLY B 99 22.07 36.97 -15.48
C GLY B 99 22.68 37.84 -16.55
N TRP B 100 23.47 38.81 -16.10
CA TRP B 100 24.15 39.74 -16.97
C TRP B 100 25.65 39.73 -16.68
N GLU B 101 26.44 39.93 -17.73
CA GLU B 101 27.89 40.00 -17.60
C GLU B 101 28.40 41.24 -18.33
N PHE B 102 29.63 41.63 -18.01
CA PHE B 102 30.22 42.84 -18.60
C PHE B 102 31.02 42.49 -19.86
N GLY B 103 32.14 41.79 -19.69
CA GLY B 103 32.85 41.19 -20.80
C GLY B 103 33.56 42.21 -21.67
N SER B 104 32.81 42.83 -22.60
CA SER B 104 33.33 43.96 -23.36
C SER B 104 32.24 44.96 -23.71
N GLY B 105 31.14 45.00 -22.96
CA GLY B 105 29.95 45.70 -23.38
C GLY B 105 29.80 47.05 -22.68
N SER B 106 28.60 47.62 -22.85
CA SER B 106 28.28 48.91 -22.26
C SER B 106 27.73 48.74 -20.85
N TYR B 107 28.18 49.60 -19.94
CA TYR B 107 27.74 49.53 -18.57
C TYR B 107 26.33 50.07 -18.45
N TYR B 108 25.49 49.37 -17.67
CA TYR B 108 24.08 49.70 -17.53
C TYR B 108 23.75 49.64 -16.04
N ARG B 109 23.89 50.77 -15.36
CA ARG B 109 23.47 50.89 -13.97
C ARG B 109 23.52 52.35 -13.52
N ASP B 111 20.30 49.39 -14.56
CA ASP B 111 19.91 48.75 -13.30
C ASP B 111 20.36 47.29 -13.28
N TYR B 112 21.35 46.97 -14.11
CA TYR B 112 21.79 45.59 -14.24
C TYR B 112 22.48 45.12 -12.96
N TYR B 113 22.30 43.85 -12.65
CA TYR B 113 23.04 43.18 -11.58
C TYR B 113 24.04 42.23 -12.23
N TYR B 114 25.27 42.72 -12.41
CA TYR B 114 26.27 42.03 -13.22
C TYR B 114 26.78 40.79 -12.48
N TYR B 115 26.87 39.67 -13.20
CA TYR B 115 27.41 38.41 -12.68
C TYR B 115 26.61 37.88 -11.50
N ALA B 116 25.36 38.31 -11.36
CA ALA B 116 24.45 37.78 -10.36
C ALA B 116 23.14 37.38 -11.03
N MET B 117 22.58 36.27 -10.59
CA MET B 117 21.40 35.67 -11.21
C MET B 117 20.16 36.11 -10.44
N ASP B 118 19.36 37.00 -11.03
CA ASP B 118 18.21 37.57 -10.34
C ASP B 118 16.93 36.75 -10.52
N VAL B 119 16.76 36.12 -11.68
CA VAL B 119 15.54 35.36 -11.98
C VAL B 119 15.92 33.90 -12.17
N TRP B 120 15.27 33.01 -11.43
CA TRP B 120 15.48 31.58 -11.54
C TRP B 120 14.22 30.88 -12.01
N GLY B 121 14.41 29.71 -12.63
CA GLY B 121 13.30 28.84 -12.95
C GLY B 121 12.85 28.02 -11.76
N GLN B 122 11.73 27.30 -11.94
CA GLN B 122 11.22 26.45 -10.87
C GLN B 122 12.09 25.22 -10.64
N GLY B 123 12.94 24.87 -11.60
CA GLY B 123 13.80 23.71 -11.47
C GLY B 123 13.22 22.49 -12.16
N THR B 124 14.11 21.55 -12.48
CA THR B 124 13.73 20.30 -13.14
C THR B 124 14.43 19.14 -12.43
N THR B 125 13.64 18.22 -11.90
CA THR B 125 14.19 17.06 -11.21
C THR B 125 14.60 15.99 -12.23
N VAL B 126 15.84 15.52 -12.10
CA VAL B 126 16.36 14.46 -12.95
C VAL B 126 16.75 13.30 -12.07
N THR B 127 16.15 12.15 -12.31
CA THR B 127 16.41 10.93 -11.55
C THR B 127 17.07 9.89 -12.45
N VAL B 128 18.20 9.35 -12.00
CA VAL B 128 18.92 8.31 -12.75
C VAL B 128 18.90 7.06 -11.89
N SER B 129 18.27 6.01 -12.42
CA SER B 129 18.12 4.75 -11.71
C SER B 129 17.91 3.64 -12.72
N SER B 130 18.23 2.41 -12.30
CA SER B 130 17.93 1.25 -13.11
C SER B 130 16.48 0.78 -12.99
N ALA B 131 15.75 1.31 -12.00
CA ALA B 131 14.38 0.89 -11.79
C ALA B 131 13.47 1.32 -12.94
N SER B 132 12.52 0.47 -13.28
CA SER B 132 11.52 0.73 -14.31
C SER B 132 10.23 1.21 -13.63
N THR B 133 9.35 1.79 -14.43
CA THR B 133 8.08 2.28 -13.87
C THR B 133 7.31 1.09 -13.31
N LYS B 134 6.79 1.26 -12.11
CA LYS B 134 6.07 0.18 -11.43
C LYS B 134 5.03 0.75 -10.49
N GLY B 135 3.82 0.19 -10.56
CA GLY B 135 2.76 0.56 -9.63
C GLY B 135 3.06 0.02 -8.25
N PRO B 136 2.46 0.65 -7.24
CA PRO B 136 2.77 0.29 -5.86
C PRO B 136 2.00 -0.93 -5.38
N SER B 137 2.58 -1.58 -4.36
CA SER B 137 1.90 -2.61 -3.60
C SER B 137 1.48 -2.00 -2.26
N VAL B 138 0.17 -2.00 -2.01
CA VAL B 138 -0.43 -1.32 -0.87
C VAL B 138 -0.84 -2.35 0.17
N PHE B 139 -0.43 -2.13 1.42
CA PHE B 139 -0.79 -3.03 2.51
C PHE B 139 -1.39 -2.20 3.64
N PRO B 140 -2.39 -2.73 4.33
CA PRO B 140 -3.01 -1.97 5.43
C PRO B 140 -2.25 -2.13 6.73
N LEU B 141 -2.13 -1.02 7.47
CA LEU B 141 -1.51 -1.01 8.78
C LEU B 141 -2.63 -1.00 9.81
N ALA B 142 -2.95 -2.17 10.35
CA ALA B 142 -4.14 -2.29 11.19
C ALA B 142 -3.91 -1.61 12.54
N PRO B 143 -4.94 -0.99 13.11
CA PRO B 143 -4.79 -0.38 14.44
C PRO B 143 -4.69 -1.44 15.53
N CYS B 144 -4.04 -1.07 16.63
CA CYS B 144 -3.90 -2.00 17.75
C CYS B 144 -5.24 -2.21 18.46
N SER B 145 -5.94 -1.12 18.75
CA SER B 145 -7.21 -1.21 19.48
C SER B 145 -8.01 0.07 19.33
N SER B 149 -3.04 5.16 23.76
CA SER B 149 -2.37 6.36 24.25
C SER B 149 -3.33 7.54 24.34
N GLY B 150 -4.35 7.41 25.19
CA GLY B 150 -5.19 8.54 25.52
C GLY B 150 -6.38 8.70 24.59
N GLY B 151 -7.12 7.62 24.39
CA GLY B 151 -8.38 7.68 23.66
C GLY B 151 -8.26 7.79 22.16
N THR B 152 -7.06 7.90 21.62
CA THR B 152 -6.86 7.95 20.18
C THR B 152 -6.28 6.64 19.66
N ALA B 153 -6.34 6.47 18.34
CA ALA B 153 -5.83 5.28 17.68
C ALA B 153 -5.03 5.68 16.45
N ALA B 154 -3.98 4.92 16.17
CA ALA B 154 -3.12 5.17 15.03
C ALA B 154 -3.34 4.07 14.00
N LEU B 155 -3.82 4.48 12.82
CA LEU B 155 -4.04 3.61 11.67
C LEU B 155 -3.50 4.31 10.44
N GLY B 156 -3.01 3.53 9.48
CA GLY B 156 -2.38 4.13 8.33
C GLY B 156 -2.33 3.20 7.14
N CYS B 157 -1.62 3.65 6.10
CA CYS B 157 -1.51 2.91 4.83
C CYS B 157 -0.03 2.70 4.52
N LEU B 158 0.36 1.54 3.99
CA LEU B 158 1.73 1.27 3.55
C LEU B 158 1.81 1.20 2.03
N VAL B 159 2.57 2.11 1.42
CA VAL B 159 2.82 2.07 -0.01
C VAL B 159 4.23 1.57 -0.24
N LYS B 160 4.39 0.36 -0.78
CA LYS B 160 5.69 -0.30 -0.78
C LYS B 160 6.10 -0.64 -2.20
N ASP B 161 7.39 -0.44 -2.50
CA ASP B 161 8.02 -0.91 -3.75
C ASP B 161 7.29 -0.36 -4.97
N TYR B 162 7.38 0.97 -5.11
CA TYR B 162 6.85 1.68 -6.25
C TYR B 162 7.95 2.53 -6.86
N PHE B 163 7.82 2.80 -8.16
CA PHE B 163 8.78 3.66 -8.83
C PHE B 163 8.09 4.26 -10.05
N PRO B 164 8.29 5.55 -10.34
CA PRO B 164 9.06 6.48 -9.51
C PRO B 164 8.19 7.44 -8.67
N GLU B 165 8.85 8.36 -7.98
CA GLU B 165 8.16 9.44 -7.30
C GLU B 165 7.40 10.27 -8.32
N PRO B 166 6.26 10.87 -7.95
CA PRO B 166 5.62 10.94 -6.64
C PRO B 166 4.41 10.04 -6.44
N VAL B 167 3.96 9.99 -5.20
CA VAL B 167 2.71 9.32 -4.82
C VAL B 167 1.99 10.23 -3.84
N THR B 168 0.68 10.41 -4.04
CA THR B 168 -0.14 11.21 -3.15
C THR B 168 -1.11 10.30 -2.41
N VAL B 169 -1.24 10.52 -1.10
CA VAL B 169 -2.10 9.73 -0.24
C VAL B 169 -3.13 10.65 0.39
N SER B 170 -4.40 10.33 0.23
CA SER B 170 -5.49 11.04 0.88
C SER B 170 -6.27 10.05 1.74
N TRP B 171 -6.92 10.58 2.78
CA TRP B 171 -7.73 9.75 3.67
C TRP B 171 -9.18 10.18 3.57
N ASN B 172 -10.05 9.22 3.25
CA ASN B 172 -11.50 9.45 3.13
C ASN B 172 -11.81 10.56 2.12
N SER B 173 -11.21 10.45 0.94
CA SER B 173 -11.45 11.39 -0.17
C SER B 173 -11.06 12.81 0.19
N GLY B 174 -10.15 12.98 1.16
CA GLY B 174 -9.75 14.29 1.62
C GLY B 174 -10.64 14.89 2.68
N ALA B 175 -11.75 14.23 3.02
CA ALA B 175 -12.60 14.71 4.10
C ALA B 175 -11.87 14.64 5.45
N LEU B 176 -11.10 13.59 5.68
CA LEU B 176 -10.33 13.45 6.90
C LEU B 176 -8.95 14.04 6.70
N THR B 177 -8.61 15.04 7.51
CA THR B 177 -7.29 15.67 7.46
C THR B 177 -6.63 15.85 8.81
N SER B 178 -7.37 15.78 9.91
CA SER B 178 -6.77 15.95 11.24
C SER B 178 -6.01 14.69 11.64
N GLY B 179 -4.84 14.88 12.24
CA GLY B 179 -4.08 13.74 12.69
C GLY B 179 -3.42 12.93 11.62
N VAL B 180 -3.38 13.43 10.38
CA VAL B 180 -2.81 12.68 9.25
C VAL B 180 -1.33 13.01 9.16
N HIS B 181 -0.50 11.97 9.07
CA HIS B 181 0.94 12.12 8.92
C HIS B 181 1.42 11.18 7.80
N THR B 182 1.72 11.75 6.65
CA THR B 182 2.27 11.01 5.52
C THR B 182 3.78 11.17 5.51
N PHE B 183 4.50 10.05 5.62
CA PHE B 183 5.94 10.14 5.75
C PHE B 183 6.63 10.20 4.39
N PRO B 184 7.75 10.92 4.30
CA PRO B 184 8.52 10.92 3.04
C PRO B 184 9.03 9.53 2.67
N ALA B 185 9.11 9.28 1.38
CA ALA B 185 9.45 7.95 0.90
C ALA B 185 10.91 7.62 1.14
N VAL B 186 11.20 6.32 1.18
CA VAL B 186 12.54 5.78 1.34
C VAL B 186 13.03 5.26 -0.01
N LEU B 187 14.29 5.53 -0.34
CA LEU B 187 14.88 5.03 -1.57
C LEU B 187 15.59 3.72 -1.24
N GLN B 188 14.94 2.62 -1.58
CA GLN B 188 15.47 1.30 -1.25
C GLN B 188 16.73 0.99 -2.06
N SER B 189 17.50 0.01 -1.57
CA SER B 189 18.72 -0.40 -2.24
C SER B 189 18.45 -0.99 -3.62
N SER B 190 17.24 -1.49 -3.86
CA SER B 190 16.88 -2.02 -5.17
C SER B 190 16.49 -0.94 -6.17
N GLY B 191 16.37 0.32 -5.74
CA GLY B 191 15.99 1.41 -6.60
C GLY B 191 14.51 1.75 -6.59
N LEU B 192 13.72 1.08 -5.76
CA LEU B 192 12.29 1.36 -5.65
C LEU B 192 12.03 2.20 -4.41
N TYR B 193 10.88 2.85 -4.41
CA TYR B 193 10.50 3.77 -3.34
C TYR B 193 9.43 3.12 -2.46
N SER B 194 9.34 3.60 -1.23
CA SER B 194 8.30 3.16 -0.30
C SER B 194 8.03 4.28 0.69
N LEU B 195 6.75 4.52 0.97
CA LEU B 195 6.35 5.53 1.94
C LEU B 195 5.22 4.99 2.78
N SER B 196 4.93 5.69 3.88
CA SER B 196 3.84 5.32 4.77
C SER B 196 3.07 6.57 5.17
N SER B 197 1.75 6.46 5.19
CA SER B 197 0.88 7.53 5.66
C SER B 197 0.02 7.00 6.80
N VAL B 198 0.03 7.72 7.92
CA VAL B 198 -0.63 7.29 9.15
C VAL B 198 -1.48 8.44 9.67
N VAL B 199 -2.70 8.13 10.07
CA VAL B 199 -3.63 9.12 10.63
C VAL B 199 -4.01 8.69 12.05
N THR B 200 -3.96 9.63 12.98
CA THR B 200 -4.38 9.41 14.35
C THR B 200 -5.83 9.87 14.50
N VAL B 201 -6.68 9.00 15.03
CA VAL B 201 -8.11 9.29 15.11
C VAL B 201 -8.65 8.80 16.44
N PRO B 202 -9.68 9.48 16.96
CA PRO B 202 -10.29 9.05 18.22
C PRO B 202 -10.79 7.61 18.16
N SER B 203 -10.57 6.88 19.26
CA SER B 203 -10.89 5.47 19.28
C SER B 203 -12.40 5.24 19.28
N SER B 204 -13.17 6.17 19.85
CA SER B 204 -14.61 6.02 19.85
C SER B 204 -15.19 6.09 18.44
N SER B 205 -14.58 6.91 17.57
CA SER B 205 -15.05 7.03 16.19
C SER B 205 -14.69 5.81 15.34
N LEU B 206 -13.95 4.85 15.89
CA LEU B 206 -13.56 3.68 15.11
C LEU B 206 -14.76 2.91 14.60
N GLY B 207 -15.73 2.64 15.48
CA GLY B 207 -16.87 1.82 15.08
C GLY B 207 -17.75 2.50 14.05
N THR B 208 -18.05 3.79 14.26
CA THR B 208 -19.01 4.47 13.38
C THR B 208 -18.39 4.85 12.04
N GLN B 209 -17.13 5.27 12.05
CA GLN B 209 -16.49 5.83 10.86
C GLN B 209 -15.61 4.81 10.16
N THR B 210 -15.71 4.78 8.83
CA THR B 210 -14.86 3.96 7.98
C THR B 210 -13.70 4.81 7.49
N TYR B 211 -12.54 4.17 7.33
CA TYR B 211 -11.32 4.87 6.95
C TYR B 211 -10.68 4.17 5.77
N ILE B 212 -10.53 4.90 4.67
CA ILE B 212 -9.89 4.41 3.45
C ILE B 212 -8.76 5.35 3.06
N CYS B 213 -7.61 4.80 2.72
CA CYS B 213 -6.49 5.58 2.22
C CYS B 213 -6.54 5.58 0.69
N ASN B 214 -6.41 6.78 0.11
CA ASN B 214 -6.51 6.95 -1.34
C ASN B 214 -5.10 7.18 -1.90
N VAL B 215 -4.53 6.13 -2.47
CA VAL B 215 -3.19 6.20 -3.03
C VAL B 215 -3.29 6.52 -4.51
N ASN B 216 -2.48 7.47 -4.97
CA ASN B 216 -2.47 7.86 -6.37
C ASN B 216 -1.02 7.79 -6.86
N HIS B 217 -0.79 7.04 -7.93
CA HIS B 217 0.52 6.92 -8.56
C HIS B 217 0.33 7.24 -10.04
N LYS B 218 0.45 8.52 -10.38
CA LYS B 218 0.30 8.93 -11.77
C LYS B 218 1.28 8.26 -12.73
N PRO B 219 2.58 8.12 -12.42
CA PRO B 219 3.48 7.53 -13.43
C PRO B 219 3.05 6.15 -13.90
N SER B 220 2.50 5.30 -13.03
CA SER B 220 1.98 4.02 -13.49
C SER B 220 0.48 4.04 -13.76
N ASN B 221 -0.18 5.14 -13.43
CA ASN B 221 -1.64 5.27 -13.65
C ASN B 221 -2.36 4.17 -12.84
N THR B 222 -1.73 3.66 -11.78
CA THR B 222 -2.34 2.61 -10.92
C THR B 222 -2.92 3.22 -9.65
N LYS B 223 -4.14 3.78 -9.73
CA LYS B 223 -4.78 4.41 -8.54
C LYS B 223 -5.27 3.32 -7.60
N VAL B 224 -5.30 3.61 -6.30
CA VAL B 224 -5.70 2.58 -5.28
C VAL B 224 -6.51 3.24 -4.17
N ASP B 225 -7.61 2.62 -3.76
CA ASP B 225 -8.43 3.12 -2.61
C ASP B 225 -8.52 1.95 -1.62
N LYS B 226 -7.55 1.83 -0.71
CA LYS B 226 -7.47 0.71 0.21
C LYS B 226 -8.25 1.02 1.49
N LYS B 227 -9.02 0.03 1.95
CA LYS B 227 -9.83 0.16 3.15
C LYS B 227 -9.04 -0.32 4.37
N VAL B 228 -9.19 0.41 5.47
CA VAL B 228 -8.45 0.17 6.71
C VAL B 228 -9.45 -0.25 7.78
N GLU B 229 -9.19 -1.39 8.41
CA GLU B 229 -10.06 -1.93 9.44
C GLU B 229 -9.20 -2.46 10.58
N PRO B 230 -9.75 -2.54 11.80
CA PRO B 230 -9.03 -3.16 12.90
C PRO B 230 -8.83 -4.66 12.70
N LYS B 231 -7.61 -5.12 12.93
CA LYS B 231 -7.30 -6.55 13.00
C LYS B 231 -5.89 -6.75 13.54
N SER C 2 -42.84 -28.77 -6.77
CA SER C 2 -41.77 -27.80 -6.54
C SER C 2 -40.41 -28.48 -6.58
N ALA C 3 -39.36 -27.72 -6.32
CA ALA C 3 -38.00 -28.21 -6.30
C ALA C 3 -37.45 -28.26 -4.87
N LEU C 4 -36.61 -29.26 -4.61
CA LEU C 4 -36.04 -29.45 -3.29
C LEU C 4 -35.13 -28.27 -2.93
N THR C 5 -35.18 -27.86 -1.67
CA THR C 5 -34.47 -26.67 -1.20
C THR C 5 -33.16 -27.06 -0.51
N GLN C 6 -32.07 -26.47 -0.96
CA GLN C 6 -30.75 -26.62 -0.38
C GLN C 6 -30.14 -25.26 -0.09
N PRO C 7 -29.26 -25.16 0.91
CA PRO C 7 -28.52 -23.91 1.10
C PRO C 7 -27.64 -23.59 -0.10
N ALA C 8 -27.56 -22.29 -0.43
CA ALA C 8 -26.78 -21.86 -1.59
C ALA C 8 -25.29 -22.15 -1.41
N SER C 9 -24.75 -21.88 -0.22
CA SER C 9 -23.33 -22.08 0.02
C SER C 9 -23.11 -22.72 1.37
N VAL C 10 -22.18 -23.67 1.43
CA VAL C 10 -21.75 -24.31 2.67
C VAL C 10 -20.23 -24.38 2.67
N SER C 11 -19.61 -23.88 3.74
CA SER C 11 -18.16 -23.77 3.82
C SER C 11 -17.65 -24.46 5.07
N GLY C 12 -16.49 -25.09 4.96
CA GLY C 12 -15.88 -25.75 6.11
C GLY C 12 -14.37 -25.71 6.04
N SER C 13 -13.75 -25.90 7.20
CA SER C 13 -12.30 -25.89 7.29
C SER C 13 -11.74 -27.22 6.76
N PRO C 14 -10.47 -27.23 6.35
CA PRO C 14 -9.86 -28.49 5.93
C PRO C 14 -9.77 -29.49 7.08
N GLY C 15 -10.29 -30.70 6.84
CA GLY C 15 -10.36 -31.72 7.86
C GLY C 15 -11.59 -31.67 8.73
N GLN C 16 -12.43 -30.64 8.58
CA GLN C 16 -13.63 -30.50 9.38
C GLN C 16 -14.76 -31.33 8.77
N SER C 17 -15.85 -31.46 9.52
CA SER C 17 -17.07 -32.09 9.03
C SER C 17 -18.19 -31.07 8.93
N ILE C 18 -18.93 -31.12 7.83
CA ILE C 18 -20.04 -30.21 7.57
C ILE C 18 -21.15 -30.98 6.88
N THR C 19 -22.37 -30.46 6.99
CA THR C 19 -23.56 -31.13 6.49
C THR C 19 -24.30 -30.24 5.49
N ILE C 20 -24.77 -30.86 4.41
CA ILE C 20 -25.60 -30.20 3.41
C ILE C 20 -27.00 -30.78 3.54
N SER C 21 -28.00 -29.90 3.59
CA SER C 21 -29.38 -30.30 3.81
C SER C 21 -30.15 -30.27 2.50
N CYS C 22 -31.21 -31.08 2.45
CA CYS C 22 -32.09 -31.17 1.28
C CYS C 22 -33.50 -31.39 1.82
N THR C 23 -34.30 -30.34 1.82
CA THR C 23 -35.63 -30.38 2.42
C THR C 23 -36.70 -30.56 1.33
N GLY C 24 -37.48 -31.63 1.46
CA GLY C 24 -38.58 -31.89 0.55
C GLY C 24 -39.90 -31.94 1.29
N THR C 25 -40.82 -32.77 0.82
CA THR C 25 -42.12 -32.93 1.45
C THR C 25 -42.28 -34.38 1.91
N SER C 26 -43.47 -34.70 2.42
CA SER C 26 -43.77 -36.06 2.83
C SER C 26 -44.17 -36.94 1.65
N SER C 27 -44.21 -36.39 0.44
CA SER C 27 -44.55 -37.15 -0.75
C SER C 27 -43.34 -37.53 -1.60
N ASP C 28 -42.21 -36.86 -1.43
CA ASP C 28 -41.01 -37.15 -2.20
C ASP C 28 -39.84 -37.58 -1.34
N VAL C 29 -39.45 -36.79 -0.36
CA VAL C 29 -38.24 -37.07 0.41
C VAL C 29 -38.55 -37.84 1.69
N GLY C 30 -39.57 -37.39 2.43
CA GLY C 30 -40.00 -38.09 3.62
C GLY C 30 -40.91 -39.27 3.37
N GLY C 31 -41.34 -39.47 2.12
CA GLY C 31 -42.24 -40.55 1.79
C GLY C 31 -41.58 -41.80 1.27
N TYR C 32 -40.35 -41.69 0.76
CA TYR C 32 -39.67 -42.82 0.16
C TYR C 32 -38.20 -42.82 0.56
N ASN C 33 -37.60 -44.01 0.53
CA ASN C 33 -36.19 -44.22 0.85
C ASN C 33 -35.28 -44.14 -0.37
N TYR C 34 -35.68 -43.41 -1.41
CA TYR C 34 -34.87 -43.29 -2.63
C TYR C 34 -34.40 -41.84 -2.76
N VAL C 35 -33.29 -41.54 -2.11
CA VAL C 35 -32.66 -40.23 -2.14
C VAL C 35 -31.17 -40.44 -2.44
N SER C 36 -30.63 -39.63 -3.35
CA SER C 36 -29.27 -39.78 -3.81
C SER C 36 -28.55 -38.43 -3.83
N TRP C 37 -27.23 -38.48 -3.74
CA TRP C 37 -26.38 -37.30 -3.74
C TRP C 37 -25.35 -37.42 -4.87
N TYR C 38 -25.08 -36.30 -5.53
CA TYR C 38 -24.15 -36.26 -6.65
C TYR C 38 -23.13 -35.15 -6.47
N GLN C 39 -21.92 -35.39 -6.98
CA GLN C 39 -20.85 -34.40 -6.97
C GLN C 39 -20.52 -34.05 -8.41
N GLN C 40 -20.39 -32.75 -8.68
CA GLN C 40 -20.15 -32.24 -10.03
C GLN C 40 -19.04 -31.18 -9.99
N HIS C 41 -17.87 -31.53 -10.53
CA HIS C 41 -16.87 -30.51 -10.77
C HIS C 41 -17.32 -29.62 -11.94
N PRO C 42 -16.93 -28.35 -11.93
CA PRO C 42 -17.33 -27.46 -13.02
C PRO C 42 -16.83 -27.96 -14.37
N GLY C 43 -17.71 -27.93 -15.37
CA GLY C 43 -17.36 -28.35 -16.70
C GLY C 43 -17.29 -29.85 -16.90
N LYS C 44 -17.76 -30.64 -15.93
CA LYS C 44 -17.69 -32.09 -16.01
C LYS C 44 -19.02 -32.68 -15.57
N ALA C 45 -19.25 -33.92 -16.00
CA ALA C 45 -20.50 -34.59 -15.67
C ALA C 45 -20.54 -34.94 -14.18
N PRO C 46 -21.73 -34.97 -13.59
CA PRO C 46 -21.83 -35.32 -12.16
C PRO C 46 -21.41 -36.75 -11.90
N LYS C 47 -20.91 -36.98 -10.68
CA LYS C 47 -20.47 -38.29 -10.24
C LYS C 47 -21.33 -38.71 -9.06
N LEU C 48 -21.81 -39.95 -9.08
CA LEU C 48 -22.63 -40.46 -7.99
C LEU C 48 -21.78 -40.76 -6.77
N MET C 49 -22.20 -40.25 -5.62
CA MET C 49 -21.48 -40.43 -4.37
C MET C 49 -22.28 -41.20 -3.33
N ILE C 50 -23.60 -41.01 -3.27
CA ILE C 50 -24.49 -41.79 -2.42
C ILE C 50 -25.71 -42.15 -3.26
N TYR C 51 -26.05 -43.44 -3.30
CA TYR C 51 -27.15 -43.89 -4.15
C TYR C 51 -28.42 -44.26 -3.39
N GLU C 52 -28.33 -44.92 -2.24
CA GLU C 52 -29.46 -45.01 -1.35
C GLU C 52 -29.42 -43.85 -0.37
N VAL C 53 -30.21 -43.90 0.70
CA VAL C 53 -30.16 -42.85 1.71
C VAL C 53 -28.79 -42.82 2.36
N THR C 54 -28.21 -43.99 2.61
CA THR C 54 -26.92 -44.09 3.28
C THR C 54 -25.88 -44.89 2.51
N ASN C 55 -26.25 -45.50 1.38
CA ASN C 55 -25.36 -46.41 0.68
C ASN C 55 -24.54 -45.65 -0.36
N ARG C 56 -23.23 -45.84 -0.33
CA ARG C 56 -22.34 -45.23 -1.31
C ARG C 56 -21.84 -46.25 -2.32
N PRO C 57 -21.71 -45.87 -3.59
CA PRO C 57 -21.30 -46.83 -4.61
C PRO C 57 -19.86 -47.27 -4.42
N SER C 58 -19.55 -48.41 -5.04
CA SER C 58 -18.18 -48.92 -5.01
C SER C 58 -17.24 -47.92 -5.67
N GLY C 59 -16.25 -47.48 -4.91
CA GLY C 59 -15.31 -46.48 -5.38
C GLY C 59 -15.53 -45.08 -4.85
N VAL C 60 -16.21 -44.93 -3.71
CA VAL C 60 -16.45 -43.62 -3.10
C VAL C 60 -15.93 -43.66 -1.66
N SER C 61 -15.26 -42.58 -1.26
CA SER C 61 -14.61 -42.53 0.04
C SER C 61 -15.63 -42.64 1.18
N ASN C 62 -15.19 -43.26 2.28
CA ASN C 62 -16.02 -43.35 3.49
C ASN C 62 -16.26 -41.97 4.11
N ARG C 63 -15.51 -40.96 3.70
CA ARG C 63 -15.70 -39.59 4.19
C ARG C 63 -17.07 -39.04 3.82
N PHE C 64 -17.73 -39.64 2.83
CA PHE C 64 -19.07 -39.23 2.43
C PHE C 64 -20.06 -40.15 3.12
N SER C 65 -21.08 -39.56 3.75
CA SER C 65 -22.12 -40.34 4.41
C SER C 65 -23.45 -39.61 4.28
N GLY C 66 -24.52 -40.38 4.35
CA GLY C 66 -25.86 -39.85 4.23
C GLY C 66 -26.71 -40.19 5.45
N SER C 67 -27.69 -39.33 5.73
CA SER C 67 -28.60 -39.53 6.83
C SER C 67 -29.90 -38.80 6.52
N ARG C 68 -30.85 -38.86 7.44
CA ARG C 68 -32.14 -38.21 7.23
C ARG C 68 -32.86 -38.08 8.57
N SER C 69 -33.49 -36.91 8.77
CA SER C 69 -34.43 -36.73 9.87
C SER C 69 -35.70 -36.11 9.30
N GLY C 70 -36.82 -36.79 9.48
CA GLY C 70 -38.08 -36.29 8.93
C GLY C 70 -38.05 -36.27 7.41
N ASN C 71 -38.48 -35.14 6.85
CA ASN C 71 -38.53 -34.94 5.42
C ASN C 71 -37.26 -34.29 4.87
N THR C 72 -36.23 -34.14 5.70
CA THR C 72 -34.99 -33.47 5.31
C THR C 72 -33.86 -34.50 5.32
N ALA C 73 -33.34 -34.80 4.14
CA ALA C 73 -32.15 -35.63 4.04
C ALA C 73 -30.90 -34.75 4.18
N SER C 74 -29.77 -35.41 4.42
CA SER C 74 -28.53 -34.68 4.67
C SER C 74 -27.35 -35.48 4.16
N LEU C 75 -26.36 -34.77 3.62
CA LEU C 75 -25.08 -35.34 3.22
C LEU C 75 -23.98 -34.73 4.08
N THR C 76 -23.05 -35.57 4.53
CA THR C 76 -22.01 -35.14 5.45
C THR C 76 -20.64 -35.53 4.88
N ILE C 77 -19.73 -34.57 4.86
CA ILE C 77 -18.35 -34.80 4.43
C ILE C 77 -17.45 -34.59 5.64
N SER C 78 -16.66 -35.61 5.96
CA SER C 78 -15.66 -35.55 7.02
C SER C 78 -14.26 -35.57 6.42
N GLY C 79 -13.30 -35.04 7.18
CA GLY C 79 -11.94 -34.96 6.69
C GLY C 79 -11.84 -34.18 5.40
N LEU C 80 -12.46 -33.00 5.38
CA LEU C 80 -12.62 -32.24 4.15
C LEU C 80 -11.27 -31.98 3.51
N GLN C 81 -11.12 -32.43 2.27
CA GLN C 81 -9.88 -32.33 1.50
C GLN C 81 -10.07 -31.33 0.36
N ALA C 82 -8.96 -31.04 -0.32
CA ALA C 82 -8.98 -30.03 -1.38
C ALA C 82 -9.86 -30.45 -2.55
N GLU C 83 -9.77 -31.71 -2.98
CA GLU C 83 -10.50 -32.15 -4.17
C GLU C 83 -11.99 -32.34 -3.91
N ASP C 84 -12.53 -31.97 -2.77
CA ASP C 84 -13.97 -32.03 -2.52
C ASP C 84 -14.71 -30.78 -2.95
N GLU C 85 -14.02 -29.75 -3.44
CA GLU C 85 -14.71 -28.55 -3.91
C GLU C 85 -15.45 -28.84 -5.20
N ALA C 86 -16.78 -28.73 -5.16
CA ALA C 86 -17.64 -28.98 -6.30
C ALA C 86 -19.06 -28.56 -5.94
N ASP C 87 -19.97 -28.73 -6.88
CA ASP C 87 -21.40 -28.59 -6.63
C ASP C 87 -21.96 -29.95 -6.22
N TYR C 88 -22.75 -29.98 -5.15
CA TYR C 88 -23.36 -31.20 -4.66
C TYR C 88 -24.88 -31.11 -4.82
N TYR C 89 -25.45 -32.10 -5.50
CA TYR C 89 -26.86 -32.10 -5.84
C TYR C 89 -27.60 -33.24 -5.13
N CYS C 90 -28.89 -33.01 -4.91
CA CYS C 90 -29.74 -33.93 -4.17
C CYS C 90 -30.96 -34.28 -5.02
N SER C 91 -31.26 -35.58 -5.13
CA SER C 91 -32.37 -36.06 -5.92
C SER C 91 -33.19 -37.05 -5.12
N SER C 92 -34.48 -37.16 -5.47
CA SER C 92 -35.39 -38.02 -4.74
C SER C 92 -36.53 -38.46 -5.66
N TYR C 93 -36.97 -39.69 -5.47
CA TYR C 93 -38.19 -40.17 -6.12
C TYR C 93 -39.40 -39.56 -5.42
N THR C 94 -40.49 -39.40 -6.16
CA THR C 94 -41.68 -38.76 -5.64
C THR C 94 -42.91 -39.59 -5.95
N SER C 95 -44.00 -39.27 -5.26
CA SER C 95 -45.22 -40.05 -5.36
C SER C 95 -45.84 -40.00 -6.75
N SER C 96 -45.51 -38.98 -7.55
CA SER C 96 -46.03 -38.85 -8.90
C SER C 96 -45.15 -39.52 -9.94
N SER C 97 -44.24 -40.40 -9.51
CA SER C 97 -43.46 -41.27 -10.39
C SER C 97 -42.54 -40.46 -11.30
N LEU C 98 -41.68 -39.66 -10.69
CA LEU C 98 -40.64 -38.93 -11.40
C LEU C 98 -39.55 -38.55 -10.40
N TYR C 99 -38.60 -37.75 -10.86
CA TYR C 99 -37.46 -37.33 -10.07
C TYR C 99 -37.49 -35.81 -9.90
N VAL C 100 -36.99 -35.34 -8.76
CA VAL C 100 -36.86 -33.92 -8.50
C VAL C 100 -35.49 -33.68 -7.87
N PHE C 101 -34.80 -32.64 -8.33
CA PHE C 101 -33.49 -32.28 -7.82
C PHE C 101 -33.59 -31.09 -6.87
N GLY C 102 -32.47 -30.82 -6.21
CA GLY C 102 -32.37 -29.72 -5.27
C GLY C 102 -31.79 -28.48 -5.93
N THR C 103 -31.91 -27.36 -5.21
CA THR C 103 -31.40 -26.10 -5.75
C THR C 103 -29.90 -26.15 -5.95
N GLY C 104 -29.18 -26.86 -5.10
CA GLY C 104 -27.76 -27.01 -5.27
C GLY C 104 -26.98 -26.31 -4.17
N THR C 105 -25.83 -26.88 -3.82
CA THR C 105 -24.96 -26.32 -2.81
C THR C 105 -23.52 -26.37 -3.30
N LYS C 106 -22.83 -25.24 -3.21
CA LYS C 106 -21.42 -25.16 -3.61
C LYS C 106 -20.54 -25.30 -2.38
N VAL C 107 -19.53 -26.16 -2.48
CA VAL C 107 -18.64 -26.49 -1.37
C VAL C 107 -17.24 -25.99 -1.69
N ALA C 108 -16.66 -25.22 -0.77
CA ALA C 108 -15.31 -24.73 -0.90
C ALA C 108 -14.63 -24.80 0.46
N VAL C 109 -13.33 -25.08 0.44
CA VAL C 109 -12.53 -25.15 1.67
C VAL C 109 -11.94 -23.78 1.97
N LEU C 110 -12.00 -23.39 3.24
CA LEU C 110 -11.47 -22.12 3.69
C LEU C 110 -9.99 -22.24 4.03
N GLY C 111 -9.33 -21.08 4.09
CA GLY C 111 -7.94 -20.99 4.48
C GLY C 111 -6.99 -20.58 3.37
N GLN C 112 -7.41 -20.67 2.12
CA GLN C 112 -6.57 -20.23 1.02
C GLN C 112 -6.39 -18.72 1.08
N PRO C 113 -5.15 -18.21 1.00
CA PRO C 113 -4.92 -16.78 1.21
C PRO C 113 -5.67 -15.93 0.20
N LYS C 114 -6.19 -14.79 0.66
CA LYS C 114 -6.87 -13.85 -0.21
C LYS C 114 -5.89 -13.15 -1.14
N ALA C 115 -6.32 -12.91 -2.37
CA ALA C 115 -5.52 -12.21 -3.37
C ALA C 115 -6.36 -11.08 -3.94
N ASN C 116 -5.76 -9.91 -4.05
CA ASN C 116 -6.38 -8.70 -4.59
C ASN C 116 -6.22 -8.69 -6.10
N PRO C 117 -7.18 -8.09 -6.82
CA PRO C 117 -7.17 -8.19 -8.27
C PRO C 117 -6.01 -7.46 -8.93
N THR C 118 -5.60 -7.99 -10.08
CA THR C 118 -4.63 -7.37 -10.96
C THR C 118 -5.37 -6.83 -12.17
N VAL C 119 -5.32 -5.52 -12.38
CA VAL C 119 -6.13 -4.86 -13.38
C VAL C 119 -5.22 -4.37 -14.50
N THR C 120 -5.60 -4.69 -15.74
CA THR C 120 -4.91 -4.17 -16.91
C THR C 120 -5.95 -3.52 -17.81
N LEU C 121 -5.72 -2.28 -18.20
CA LEU C 121 -6.66 -1.52 -19.02
C LEU C 121 -6.01 -1.21 -20.36
N PHE C 122 -6.65 -1.64 -21.44
CA PHE C 122 -6.11 -1.42 -22.77
C PHE C 122 -6.92 -0.37 -23.49
N PRO C 123 -6.29 0.64 -24.07
CA PRO C 123 -7.01 1.61 -24.89
C PRO C 123 -7.36 0.99 -26.23
N PRO C 124 -8.26 1.62 -27.00
CA PRO C 124 -8.54 1.10 -28.34
C PRO C 124 -7.28 1.12 -29.20
N SER C 125 -7.14 0.08 -30.01
CA SER C 125 -5.99 0.03 -30.91
C SER C 125 -6.14 1.03 -32.04
N SER C 126 -5.01 1.37 -32.66
CA SER C 126 -5.06 2.25 -33.82
C SER C 126 -5.85 1.60 -34.95
N GLU C 127 -5.64 0.29 -35.15
CA GLU C 127 -6.36 -0.42 -36.20
C GLU C 127 -7.86 -0.39 -35.97
N GLU C 128 -8.29 -0.60 -34.72
CA GLU C 128 -9.71 -0.58 -34.40
C GLU C 128 -10.31 0.81 -34.61
N LEU C 129 -9.57 1.85 -34.22
CA LEU C 129 -10.04 3.22 -34.41
C LEU C 129 -10.22 3.53 -35.88
N GLN C 130 -9.29 3.08 -36.73
CA GLN C 130 -9.43 3.27 -38.17
C GLN C 130 -10.66 2.56 -38.71
N ALA C 131 -11.10 1.48 -38.06
CA ALA C 131 -12.32 0.79 -38.45
C ALA C 131 -13.57 1.42 -37.83
N ASN C 132 -13.46 2.67 -37.36
CA ASN C 132 -14.59 3.45 -36.84
C ASN C 132 -15.22 2.81 -35.61
N LYS C 133 -14.40 2.15 -34.78
CA LYS C 133 -14.89 1.54 -33.55
C LYS C 133 -13.85 1.72 -32.45
N ALA C 134 -14.31 1.63 -31.22
CA ALA C 134 -13.43 1.79 -30.06
C ALA C 134 -13.97 0.97 -28.90
N THR C 135 -13.17 0.01 -28.43
CA THR C 135 -13.55 -0.84 -27.31
C THR C 135 -12.45 -0.78 -26.26
N LEU C 136 -12.84 -0.55 -25.01
CA LEU C 136 -11.92 -0.55 -23.89
C LEU C 136 -11.96 -1.89 -23.18
N VAL C 137 -10.79 -2.49 -22.98
CA VAL C 137 -10.66 -3.82 -22.42
C VAL C 137 -10.06 -3.68 -21.03
N CYS C 138 -10.84 -4.05 -20.01
CA CYS C 138 -10.37 -4.08 -18.63
C CYS C 138 -10.30 -5.54 -18.19
N LEU C 139 -9.10 -5.98 -17.84
CA LEU C 139 -8.83 -7.39 -17.56
C LEU C 139 -8.42 -7.56 -16.10
N ILE C 140 -9.06 -8.51 -15.42
CA ILE C 140 -8.90 -8.71 -13.99
C ILE C 140 -8.46 -10.16 -13.77
N SER C 141 -7.45 -10.36 -12.93
CA SER C 141 -6.91 -11.69 -12.74
C SER C 141 -6.26 -11.78 -11.35
N ASP C 142 -6.01 -13.01 -10.92
CA ASP C 142 -5.24 -13.29 -9.71
C ASP C 142 -5.90 -12.64 -8.49
N PHE C 143 -7.20 -12.83 -8.34
CA PHE C 143 -7.93 -12.32 -7.18
C PHE C 143 -8.71 -13.43 -6.51
N TYR C 144 -8.83 -13.31 -5.19
CA TYR C 144 -9.54 -14.27 -4.35
C TYR C 144 -9.98 -13.58 -3.05
N PRO C 145 -11.27 -13.62 -2.67
CA PRO C 145 -12.43 -14.32 -3.25
C PRO C 145 -12.86 -13.78 -4.60
N GLY C 146 -13.67 -14.54 -5.33
CA GLY C 146 -14.02 -14.22 -6.69
C GLY C 146 -15.29 -13.38 -6.80
N ALA C 147 -15.29 -12.19 -6.21
CA ALA C 147 -16.42 -11.27 -6.33
C ALA C 147 -15.88 -9.85 -6.42
N VAL C 148 -16.08 -9.21 -7.56
CA VAL C 148 -15.66 -7.83 -7.81
C VAL C 148 -16.80 -7.08 -8.47
N THR C 149 -16.99 -5.83 -8.08
CA THR C 149 -17.93 -4.94 -8.76
C THR C 149 -17.15 -3.87 -9.50
N VAL C 150 -17.57 -3.58 -10.73
CA VAL C 150 -16.83 -2.72 -11.64
C VAL C 150 -17.66 -1.48 -11.98
N ALA C 151 -17.04 -0.32 -11.85
CA ALA C 151 -17.64 0.95 -12.22
C ALA C 151 -16.71 1.65 -13.21
N TRP C 152 -17.29 2.22 -14.26
CA TRP C 152 -16.54 2.93 -15.28
C TRP C 152 -16.73 4.43 -15.13
N LYS C 153 -15.65 5.19 -15.35
CA LYS C 153 -15.67 6.64 -15.24
C LYS C 153 -14.81 7.25 -16.33
N ALA C 154 -15.32 8.30 -16.96
CA ALA C 154 -14.63 9.00 -18.03
C ALA C 154 -14.35 10.43 -17.58
N ASP C 155 -13.07 10.81 -17.58
CA ASP C 155 -12.65 12.12 -17.08
C ASP C 155 -13.19 12.38 -15.68
N SER C 156 -13.15 11.34 -14.84
CA SER C 156 -13.69 11.39 -13.47
C SER C 156 -15.18 11.71 -13.46
N SER C 157 -15.93 11.18 -14.44
CA SER C 157 -17.38 11.31 -14.45
C SER C 157 -18.00 9.93 -14.58
N PRO C 158 -18.84 9.52 -13.62
CA PRO C 158 -19.45 8.19 -13.66
C PRO C 158 -20.34 7.97 -14.87
N VAL C 159 -20.26 6.77 -15.44
CA VAL C 159 -21.08 6.36 -16.59
C VAL C 159 -21.67 5.00 -16.27
N LYS C 160 -22.99 4.86 -16.42
CA LYS C 160 -23.69 3.58 -16.31
C LYS C 160 -24.52 3.39 -17.58
N ALA C 161 -23.88 2.86 -18.62
CA ALA C 161 -24.55 2.64 -19.90
C ALA C 161 -23.72 1.76 -20.82
N GLY C 162 -24.28 0.67 -21.30
CA GLY C 162 -23.49 -0.21 -22.15
C GLY C 162 -22.32 -0.89 -21.47
N VAL C 163 -22.46 -1.29 -20.21
CA VAL C 163 -21.40 -1.96 -19.46
C VAL C 163 -21.87 -3.37 -19.15
N GLU C 164 -21.02 -4.34 -19.46
CA GLU C 164 -21.29 -5.76 -19.25
C GLU C 164 -20.01 -6.45 -18.78
N THR C 165 -20.09 -7.14 -17.65
CA THR C 165 -18.95 -7.79 -17.03
C THR C 165 -19.24 -9.28 -16.89
N THR C 166 -18.23 -10.10 -17.15
CA THR C 166 -18.38 -11.55 -17.07
C THR C 166 -18.33 -12.02 -15.61
N LYS C 167 -18.37 -13.34 -15.43
CA LYS C 167 -18.20 -14.02 -14.16
C LYS C 167 -16.75 -14.45 -13.94
N PRO C 168 -16.35 -14.57 -12.67
CA PRO C 168 -15.01 -15.10 -12.35
C PRO C 168 -14.86 -16.55 -12.82
N SER C 169 -13.63 -16.88 -13.21
CA SER C 169 -13.32 -18.19 -13.76
C SER C 169 -12.00 -18.67 -13.19
N LYS C 170 -11.94 -19.96 -12.87
CA LYS C 170 -10.71 -20.57 -12.39
C LYS C 170 -9.64 -20.60 -13.48
N GLN C 171 -8.41 -20.30 -13.09
CA GLN C 171 -7.25 -20.43 -13.97
C GLN C 171 -6.31 -21.50 -13.40
N SER C 172 -5.14 -21.63 -14.02
CA SER C 172 -4.27 -22.77 -13.74
C SER C 172 -3.80 -22.77 -12.29
N ASN C 173 -3.40 -21.60 -11.78
CA ASN C 173 -2.88 -21.50 -10.43
C ASN C 173 -3.96 -21.46 -9.36
N ASN C 174 -5.19 -21.86 -9.70
CA ASN C 174 -6.33 -21.96 -8.80
C ASN C 174 -6.86 -20.60 -8.35
N LYS C 175 -6.37 -19.50 -8.93
CA LYS C 175 -6.94 -18.19 -8.70
C LYS C 175 -8.08 -17.94 -9.69
N TYR C 176 -8.62 -16.72 -9.70
CA TYR C 176 -9.75 -16.38 -10.54
C TYR C 176 -9.41 -15.20 -11.45
N ALA C 177 -10.17 -15.09 -12.55
CA ALA C 177 -9.98 -14.04 -13.52
C ALA C 177 -11.33 -13.64 -14.12
N ALA C 178 -11.44 -12.37 -14.50
CA ALA C 178 -12.66 -11.83 -15.08
C ALA C 178 -12.29 -10.74 -16.08
N SER C 179 -13.30 -10.24 -16.79
CA SER C 179 -13.05 -9.20 -17.79
C SER C 179 -14.29 -8.33 -17.97
N SER C 180 -14.06 -7.05 -18.26
CA SER C 180 -15.11 -6.08 -18.53
C SER C 180 -14.76 -5.29 -19.77
N TYR C 181 -15.77 -4.92 -20.55
CA TYR C 181 -15.58 -4.19 -21.79
C TYR C 181 -16.46 -2.96 -21.84
N LEU C 182 -15.94 -1.89 -22.45
CA LEU C 182 -16.66 -0.64 -22.65
C LEU C 182 -16.71 -0.31 -24.14
N SER C 183 -17.90 0.01 -24.63
CA SER C 183 -18.14 0.26 -26.05
C SER C 183 -18.24 1.76 -26.28
N LEU C 184 -17.43 2.27 -27.21
CA LEU C 184 -17.42 3.68 -27.56
C LEU C 184 -17.26 3.84 -29.07
N THR C 185 -17.78 4.95 -29.59
CA THR C 185 -17.39 5.38 -30.92
C THR C 185 -16.07 6.16 -30.84
N PRO C 186 -15.35 6.27 -31.97
CA PRO C 186 -14.02 6.90 -31.92
C PRO C 186 -14.00 8.33 -31.40
N GLU C 187 -15.11 9.06 -31.47
CA GLU C 187 -15.05 10.47 -31.09
C GLU C 187 -15.11 10.68 -29.58
N GLN C 188 -15.81 9.82 -28.84
CA GLN C 188 -15.79 9.96 -27.39
C GLN C 188 -14.43 9.58 -26.81
N TRP C 189 -13.75 8.60 -27.42
CA TRP C 189 -12.40 8.25 -27.00
C TRP C 189 -11.42 9.41 -27.20
N LYS C 190 -11.54 10.12 -28.33
CA LYS C 190 -10.65 11.24 -28.58
C LYS C 190 -11.01 12.48 -27.76
N SER C 191 -12.31 12.76 -27.62
CA SER C 191 -12.72 14.01 -26.96
C SER C 191 -12.31 14.04 -25.50
N HIS C 192 -12.47 12.92 -24.80
CA HIS C 192 -12.17 12.86 -23.37
C HIS C 192 -10.68 12.64 -23.15
N ARG C 193 -10.20 13.11 -22.00
CA ARG C 193 -8.78 13.02 -21.68
C ARG C 193 -8.39 11.65 -21.14
N SER C 194 -9.31 10.94 -20.50
CA SER C 194 -9.00 9.63 -19.95
C SER C 194 -10.27 8.87 -19.64
N TYR C 195 -10.18 7.55 -19.75
CA TYR C 195 -11.21 6.61 -19.34
C TYR C 195 -10.60 5.69 -18.28
N SER C 196 -11.40 5.36 -17.28
CA SER C 196 -10.92 4.61 -16.12
C SER C 196 -11.82 3.42 -15.84
N CYS C 197 -11.19 2.33 -15.38
CA CYS C 197 -11.87 1.12 -14.94
C CYS C 197 -11.66 0.98 -13.45
N GLN C 198 -12.75 0.87 -12.70
CA GLN C 198 -12.70 0.75 -11.25
C GLN C 198 -13.11 -0.66 -10.86
N VAL C 199 -12.24 -1.35 -10.13
CA VAL C 199 -12.48 -2.70 -9.64
C VAL C 199 -12.50 -2.63 -8.12
N THR C 200 -13.67 -2.89 -7.53
CA THR C 200 -13.81 -2.89 -6.08
C THR C 200 -13.82 -4.34 -5.60
N HIS C 201 -12.97 -4.64 -4.61
CA HIS C 201 -12.82 -6.00 -4.12
C HIS C 201 -12.59 -5.96 -2.62
N GLU C 202 -13.52 -6.53 -1.86
CA GLU C 202 -13.45 -6.55 -0.38
C GLU C 202 -13.34 -5.14 0.19
N GLY C 203 -14.10 -4.21 -0.37
CA GLY C 203 -14.08 -2.84 0.11
C GLY C 203 -12.88 -2.03 -0.28
N SER C 204 -12.04 -2.56 -1.18
CA SER C 204 -10.84 -1.88 -1.64
C SER C 204 -10.94 -1.73 -3.15
N THR C 205 -10.88 -0.49 -3.63
CA THR C 205 -11.04 -0.20 -5.04
C THR C 205 -9.67 0.00 -5.69
N VAL C 206 -9.46 -0.66 -6.82
CA VAL C 206 -8.19 -0.49 -7.59
C VAL C 206 -8.59 0.08 -8.95
N GLU C 207 -8.12 1.28 -9.28
CA GLU C 207 -8.52 1.93 -10.56
C GLU C 207 -7.34 1.92 -11.52
N LYS C 208 -7.63 1.95 -12.81
CA LYS C 208 -6.55 2.07 -13.82
C LYS C 208 -7.00 3.14 -14.81
N THR C 209 -6.06 3.86 -15.41
CA THR C 209 -6.41 4.97 -16.28
C THR C 209 -5.53 4.91 -17.52
N VAL C 210 -6.14 5.09 -18.68
CA VAL C 210 -5.44 5.17 -19.96
C VAL C 210 -5.80 6.47 -20.67
N ALA C 211 -4.88 6.94 -21.50
CA ALA C 211 -5.04 8.20 -22.22
C ALA C 211 -4.60 7.99 -23.66
N PRO C 212 -5.09 8.81 -24.59
CA PRO C 212 -4.66 8.70 -26.00
C PRO C 212 -3.16 8.92 -26.14
N THR C 213 -2.46 7.87 -26.59
CA THR C 213 -1.02 7.91 -26.82
C THR C 213 -0.25 8.43 -25.60
N GLN D 1 -16.51 -51.67 -18.70
CA GLN D 1 -17.14 -50.40 -18.37
C GLN D 1 -18.20 -50.06 -19.42
N VAL D 2 -19.12 -49.17 -19.06
CA VAL D 2 -20.19 -48.72 -19.96
C VAL D 2 -20.01 -47.22 -20.18
N HIS D 3 -19.92 -46.82 -21.44
CA HIS D 3 -19.74 -45.42 -21.80
C HIS D 3 -20.97 -44.90 -22.53
N LEU D 4 -21.28 -43.63 -22.28
CA LEU D 4 -22.37 -42.92 -22.93
C LEU D 4 -21.79 -41.86 -23.86
N VAL D 5 -22.07 -41.97 -25.15
CA VAL D 5 -21.58 -41.01 -26.14
C VAL D 5 -22.78 -40.26 -26.69
N GLN D 6 -22.69 -38.93 -26.68
CA GLN D 6 -23.75 -38.03 -27.09
C GLN D 6 -23.37 -37.34 -28.39
N SER D 7 -24.38 -36.76 -29.04
CA SER D 7 -24.16 -36.06 -30.30
C SER D 7 -23.42 -34.75 -30.05
N GLY D 8 -22.95 -34.14 -31.14
CA GLY D 8 -22.16 -32.94 -31.03
C GLY D 8 -22.98 -31.75 -30.58
N ALA D 9 -22.28 -30.65 -30.29
CA ALA D 9 -22.93 -29.45 -29.79
C ALA D 9 -23.82 -28.85 -30.89
N GLU D 10 -24.97 -28.32 -30.47
CA GLU D 10 -25.93 -27.75 -31.40
C GLU D 10 -26.07 -26.25 -31.18
N VAL D 11 -26.30 -25.53 -32.27
CA VAL D 11 -26.66 -24.12 -32.25
C VAL D 11 -27.99 -24.00 -32.98
N LYS D 12 -29.00 -23.50 -32.28
CA LYS D 12 -30.35 -23.47 -32.82
C LYS D 12 -30.95 -22.08 -32.69
N LYS D 13 -31.85 -21.74 -33.63
CA LYS D 13 -32.59 -20.50 -33.54
C LYS D 13 -33.88 -20.71 -32.75
N PRO D 14 -34.41 -19.66 -32.13
CA PRO D 14 -35.63 -19.81 -31.33
C PRO D 14 -36.80 -20.31 -32.17
N GLY D 15 -37.62 -21.17 -31.57
CA GLY D 15 -38.76 -21.73 -32.25
C GLY D 15 -38.49 -22.99 -33.03
N SER D 16 -37.23 -23.41 -33.13
CA SER D 16 -36.87 -24.62 -33.85
C SER D 16 -36.87 -25.81 -32.88
N SER D 17 -36.34 -26.94 -33.34
CA SER D 17 -36.27 -28.14 -32.52
C SER D 17 -34.87 -28.73 -32.61
N VAL D 18 -34.48 -29.43 -31.54
CA VAL D 18 -33.17 -30.06 -31.45
C VAL D 18 -33.36 -31.51 -31.03
N LYS D 19 -32.57 -32.41 -31.61
CA LYS D 19 -32.63 -33.83 -31.29
C LYS D 19 -31.23 -34.28 -30.88
N VAL D 20 -31.06 -34.55 -29.58
CA VAL D 20 -29.79 -34.98 -29.02
C VAL D 20 -29.81 -36.49 -28.91
N SER D 21 -28.66 -37.11 -29.10
CA SER D 21 -28.55 -38.56 -29.03
C SER D 21 -27.70 -38.96 -27.84
N CYS D 22 -27.82 -40.24 -27.47
CA CYS D 22 -27.10 -40.78 -26.31
C CYS D 22 -26.94 -42.27 -26.56
N LYS D 23 -25.71 -42.72 -26.81
CA LYS D 23 -25.45 -44.10 -27.18
C LYS D 23 -24.76 -44.82 -26.04
N ALA D 24 -25.29 -45.99 -25.68
CA ALA D 24 -24.65 -46.83 -24.68
C ALA D 24 -23.58 -47.69 -25.33
N SER D 25 -22.36 -47.66 -24.78
CA SER D 25 -21.24 -48.42 -25.33
C SER D 25 -20.98 -49.72 -24.59
N GLY D 26 -21.62 -49.94 -23.43
CA GLY D 26 -21.49 -51.22 -22.76
C GLY D 26 -22.44 -52.29 -23.23
N GLY D 27 -23.55 -51.92 -23.87
CA GLY D 27 -24.49 -52.87 -24.40
C GLY D 27 -25.55 -53.34 -23.44
N THR D 28 -25.44 -52.99 -22.15
CA THR D 28 -26.35 -53.46 -21.11
C THR D 28 -27.59 -52.57 -21.12
N PHE D 29 -28.57 -52.95 -21.95
CA PHE D 29 -29.90 -52.35 -21.92
C PHE D 29 -30.88 -53.15 -21.06
N SER D 30 -30.39 -53.92 -20.10
CA SER D 30 -31.22 -54.80 -19.30
C SER D 30 -31.73 -54.03 -18.09
N SER D 31 -33.05 -53.79 -18.04
CA SER D 31 -33.71 -53.15 -16.91
C SER D 31 -33.20 -51.73 -16.65
N CYS D 32 -32.49 -51.12 -17.59
CA CYS D 32 -31.97 -49.79 -17.34
C CYS D 32 -33.08 -48.74 -17.43
N ALA D 33 -32.79 -47.58 -16.86
CA ALA D 33 -33.63 -46.39 -16.96
C ALA D 33 -32.77 -45.24 -17.45
N ILE D 34 -33.17 -44.62 -18.55
CA ILE D 34 -32.39 -43.53 -19.15
C ILE D 34 -33.11 -42.23 -18.84
N SER D 35 -32.41 -41.34 -18.13
CA SER D 35 -32.94 -40.05 -17.71
C SER D 35 -32.20 -38.92 -18.42
N TRP D 36 -32.95 -37.88 -18.80
CA TRP D 36 -32.38 -36.71 -19.45
C TRP D 36 -32.43 -35.54 -18.46
N VAL D 37 -31.25 -34.99 -18.16
CA VAL D 37 -31.09 -33.90 -17.20
C VAL D 37 -30.32 -32.77 -17.87
N ARG D 38 -30.80 -31.54 -17.72
CA ARG D 38 -30.14 -30.39 -18.31
C ARG D 38 -29.59 -29.47 -17.23
N GLN D 39 -28.64 -28.62 -17.63
CA GLN D 39 -27.98 -27.73 -16.68
C GLN D 39 -27.58 -26.45 -17.43
N ALA D 40 -28.22 -25.34 -17.08
CA ALA D 40 -27.83 -24.07 -17.67
C ALA D 40 -26.45 -23.66 -17.16
N PRO D 41 -25.71 -22.85 -17.94
CA PRO D 41 -24.37 -22.45 -17.49
C PRO D 41 -24.40 -21.75 -16.15
N GLY D 42 -23.70 -22.33 -15.18
CA GLY D 42 -23.68 -21.79 -13.83
C GLY D 42 -24.96 -21.98 -13.06
N GLN D 43 -25.80 -22.93 -13.46
CA GLN D 43 -27.09 -23.18 -12.84
C GLN D 43 -27.12 -24.63 -12.34
N GLY D 44 -28.18 -24.97 -11.61
CA GLY D 44 -28.32 -26.30 -11.07
C GLY D 44 -28.96 -27.28 -12.04
N LEU D 45 -28.80 -28.57 -11.71
CA LEU D 45 -29.37 -29.63 -12.50
C LEU D 45 -30.90 -29.61 -12.44
N GLU D 46 -31.52 -30.01 -13.55
CA GLU D 46 -32.98 -30.09 -13.63
C GLU D 46 -33.33 -31.34 -14.42
N TRP D 47 -34.09 -32.24 -13.79
CA TRP D 47 -34.49 -33.49 -14.40
C TRP D 47 -35.62 -33.23 -15.39
N MET D 48 -35.47 -33.76 -16.61
CA MET D 48 -36.46 -33.54 -17.66
C MET D 48 -37.40 -34.72 -17.87
N GLY D 49 -36.85 -35.92 -18.02
CA GLY D 49 -37.69 -37.09 -18.27
C GLY D 49 -36.88 -38.37 -18.14
N ARG D 50 -37.60 -39.48 -18.22
CA ARG D 50 -36.99 -40.80 -18.11
C ARG D 50 -37.65 -41.72 -19.12
N ILE D 51 -36.90 -42.70 -19.59
CA ILE D 51 -37.42 -43.74 -20.48
C ILE D 51 -36.83 -45.08 -20.07
N ILE D 52 -37.65 -46.12 -20.14
CA ILE D 52 -37.18 -47.49 -19.95
C ILE D 52 -37.24 -48.20 -21.30
N PRO D 53 -36.11 -48.31 -22.01
CA PRO D 53 -36.15 -48.82 -23.39
C PRO D 53 -36.72 -50.23 -23.52
N ILE D 54 -36.46 -51.10 -22.55
CA ILE D 54 -36.96 -52.48 -22.64
C ILE D 54 -38.49 -52.49 -22.59
N LEU D 55 -39.09 -51.61 -21.79
CA LEU D 55 -40.53 -51.50 -21.71
C LEU D 55 -41.11 -50.45 -22.66
N GLY D 56 -40.28 -49.61 -23.24
CA GLY D 56 -40.74 -48.60 -24.19
C GLY D 56 -41.73 -47.61 -23.61
N ILE D 57 -41.47 -47.15 -22.38
CA ILE D 57 -42.36 -46.24 -21.67
C ILE D 57 -41.54 -45.04 -21.23
N ALA D 58 -42.15 -43.86 -21.25
CA ALA D 58 -41.41 -42.64 -20.94
C ALA D 58 -42.28 -41.69 -20.12
N ASN D 59 -41.73 -41.25 -18.99
CA ASN D 59 -42.29 -40.21 -18.15
C ASN D 59 -41.55 -38.89 -18.37
N TYR D 60 -42.25 -37.79 -18.11
CA TYR D 60 -41.67 -36.46 -18.26
C TYR D 60 -42.03 -35.62 -17.04
N ALA D 61 -41.11 -34.73 -16.68
CA ALA D 61 -41.37 -33.76 -15.63
C ALA D 61 -42.48 -32.80 -16.06
N GLN D 62 -43.26 -32.36 -15.07
CA GLN D 62 -44.47 -31.60 -15.38
C GLN D 62 -44.15 -30.28 -16.06
N LYS D 63 -42.99 -29.69 -15.76
CA LYS D 63 -42.61 -28.45 -16.41
C LYS D 63 -42.38 -28.66 -17.90
N PHE D 64 -41.77 -29.78 -18.26
CA PHE D 64 -41.48 -30.12 -19.65
C PHE D 64 -42.54 -31.02 -20.27
N GLN D 65 -43.60 -31.33 -19.53
CA GLN D 65 -44.66 -32.20 -20.03
C GLN D 65 -45.42 -31.54 -21.17
N GLY D 66 -45.33 -32.12 -22.37
CA GLY D 66 -45.99 -31.60 -23.54
C GLY D 66 -45.07 -30.95 -24.56
N ARG D 67 -43.81 -30.72 -24.23
CA ARG D 67 -42.88 -30.11 -25.17
C ARG D 67 -41.63 -30.94 -25.43
N VAL D 68 -41.32 -31.90 -24.56
CA VAL D 68 -40.16 -32.77 -24.73
C VAL D 68 -40.65 -34.17 -25.04
N THR D 69 -39.97 -34.83 -25.97
CA THR D 69 -40.28 -36.21 -26.33
C THR D 69 -38.99 -37.02 -26.21
N ILE D 70 -39.03 -38.08 -25.41
CA ILE D 70 -37.88 -38.95 -25.20
C ILE D 70 -38.22 -40.32 -25.76
N THR D 71 -37.39 -40.79 -26.68
CA THR D 71 -37.59 -42.09 -27.31
C THR D 71 -36.29 -42.88 -27.22
N ALA D 72 -36.40 -44.18 -27.47
CA ALA D 72 -35.26 -45.07 -27.48
C ALA D 72 -35.36 -45.98 -28.69
N ASP D 73 -34.20 -46.41 -29.18
CA ASP D 73 -34.12 -47.31 -30.33
C ASP D 73 -33.29 -48.51 -29.90
N LYS D 74 -33.98 -49.60 -29.53
CA LYS D 74 -33.30 -50.79 -29.08
C LYS D 74 -32.46 -51.43 -30.18
N SER D 75 -32.80 -51.17 -31.45
CA SER D 75 -32.05 -51.77 -32.55
C SER D 75 -30.61 -51.25 -32.61
N THR D 76 -30.38 -50.01 -32.18
CA THR D 76 -29.04 -49.46 -32.11
C THR D 76 -28.63 -49.09 -30.70
N SER D 77 -29.47 -49.37 -29.70
CA SER D 77 -29.21 -49.04 -28.30
C SER D 77 -28.88 -47.56 -28.16
N THR D 78 -29.75 -46.71 -28.69
CA THR D 78 -29.57 -45.27 -28.68
C THR D 78 -30.82 -44.59 -28.12
N ALA D 79 -30.62 -43.69 -27.18
CA ALA D 79 -31.72 -42.89 -26.63
C ALA D 79 -31.72 -41.52 -27.28
N TYR D 80 -32.92 -40.96 -27.46
CA TYR D 80 -33.08 -39.69 -28.13
C TYR D 80 -33.94 -38.76 -27.28
N MET D 81 -33.50 -37.51 -27.16
CA MET D 81 -34.29 -36.46 -26.53
C MET D 81 -34.55 -35.38 -27.57
N GLU D 82 -35.82 -35.03 -27.76
CA GLU D 82 -36.24 -34.04 -28.75
C GLU D 82 -37.02 -32.95 -28.05
N LEU D 83 -36.48 -31.74 -28.06
CA LEU D 83 -37.13 -30.57 -27.47
C LEU D 83 -37.54 -29.61 -28.57
N SER D 84 -38.82 -29.25 -28.57
CA SER D 84 -39.39 -28.39 -29.60
C SER D 84 -39.66 -27.01 -29.03
N SER D 85 -39.99 -26.08 -29.93
CA SER D 85 -40.35 -24.71 -29.58
C SER D 85 -39.30 -24.08 -28.65
N LEU D 86 -38.06 -24.10 -29.11
CA LEU D 86 -36.93 -23.67 -28.30
C LEU D 86 -37.01 -22.19 -27.97
N ARG D 87 -36.76 -21.85 -26.72
CA ARG D 87 -36.56 -20.45 -26.33
C ARG D 87 -35.08 -20.22 -26.04
N SER D 88 -34.72 -18.96 -25.80
CA SER D 88 -33.34 -18.67 -25.42
C SER D 88 -33.01 -19.19 -24.03
N GLU D 89 -34.02 -19.30 -23.17
CA GLU D 89 -33.81 -19.84 -21.82
C GLU D 89 -33.42 -21.31 -21.86
N ASP D 90 -33.83 -22.02 -22.92
CA ASP D 90 -33.54 -23.45 -23.05
C ASP D 90 -32.08 -23.72 -23.39
N THR D 91 -31.28 -22.67 -23.59
CA THR D 91 -29.85 -22.81 -23.80
C THR D 91 -29.19 -23.35 -22.54
N ALA D 92 -28.70 -24.58 -22.61
CA ALA D 92 -28.13 -25.25 -21.45
C ALA D 92 -27.29 -26.43 -21.93
N VAL D 93 -26.70 -27.14 -20.98
CA VAL D 93 -25.99 -28.39 -21.23
C VAL D 93 -26.87 -29.55 -20.82
N TYR D 94 -27.09 -30.48 -21.75
CA TYR D 94 -28.04 -31.58 -21.58
C TYR D 94 -27.29 -32.88 -21.35
N TYR D 95 -27.63 -33.57 -20.26
CA TYR D 95 -26.99 -34.82 -19.88
C TYR D 95 -27.97 -35.98 -20.00
N CYS D 96 -27.44 -37.14 -20.37
CA CYS D 96 -28.16 -38.41 -20.27
C CYS D 96 -27.47 -39.28 -19.23
N ALA D 97 -28.27 -39.99 -18.44
CA ALA D 97 -27.74 -40.78 -17.33
C ALA D 97 -28.45 -42.12 -17.28
N ARG D 98 -27.74 -43.14 -16.84
CA ARG D 98 -28.26 -44.49 -16.73
C ARG D 98 -28.59 -44.79 -15.27
N GLY D 99 -29.76 -45.39 -15.04
CA GLY D 99 -30.19 -45.72 -13.71
C GLY D 99 -31.03 -46.99 -13.72
N TRP D 100 -31.38 -47.46 -12.53
CA TRP D 100 -32.18 -48.65 -12.36
C TRP D 100 -33.39 -48.34 -11.49
N GLU D 101 -34.50 -49.02 -11.78
CA GLU D 101 -35.72 -48.89 -11.02
C GLU D 101 -36.25 -50.27 -10.67
N PHE D 102 -37.15 -50.32 -9.69
CA PHE D 102 -37.70 -51.60 -9.24
C PHE D 102 -38.98 -51.90 -10.02
N GLY D 103 -40.04 -51.12 -9.76
CA GLY D 103 -41.22 -51.13 -10.58
C GLY D 103 -42.03 -52.39 -10.42
N SER D 104 -41.64 -53.44 -11.16
CA SER D 104 -42.20 -54.77 -10.96
C SER D 104 -41.17 -55.87 -11.22
N GLY D 105 -39.88 -55.56 -11.15
CA GLY D 105 -38.84 -56.44 -11.64
C GLY D 105 -38.16 -57.24 -10.55
N SER D 106 -37.06 -57.88 -10.94
CA SER D 106 -36.28 -58.70 -10.03
C SER D 106 -35.24 -57.88 -9.28
N TYR D 107 -35.11 -58.13 -7.99
CA TYR D 107 -34.17 -57.40 -7.15
C TYR D 107 -32.74 -57.89 -7.42
N TYR D 108 -31.81 -56.94 -7.50
CA TYR D 108 -30.42 -57.23 -7.85
C TYR D 108 -29.50 -56.47 -6.89
N ARG D 109 -29.16 -57.10 -5.77
CA ARG D 109 -28.16 -56.58 -4.85
C ARG D 109 -27.81 -57.62 -3.79
N ASP D 111 -25.99 -55.99 -8.38
CA ASP D 111 -25.59 -54.94 -7.47
C ASP D 111 -26.11 -53.59 -7.94
N TYR D 112 -27.42 -53.53 -8.19
CA TYR D 112 -28.05 -52.34 -8.75
C TYR D 112 -28.05 -51.20 -7.74
N TYR D 113 -27.91 -49.98 -8.25
CA TYR D 113 -28.08 -48.77 -7.47
C TYR D 113 -29.43 -48.17 -7.90
N TYR D 114 -30.47 -48.52 -7.16
CA TYR D 114 -31.84 -48.23 -7.58
C TYR D 114 -32.16 -46.74 -7.46
N TYR D 115 -32.77 -46.19 -8.50
CA TYR D 115 -33.24 -44.80 -8.54
C TYR D 115 -32.12 -43.79 -8.38
N ALA D 116 -30.88 -44.20 -8.64
CA ALA D 116 -29.74 -43.31 -8.65
C ALA D 116 -28.98 -43.51 -9.95
N MET D 117 -28.48 -42.41 -10.51
CA MET D 117 -27.83 -42.42 -11.82
C MET D 117 -26.32 -42.50 -11.60
N ASP D 118 -25.74 -43.66 -11.88
CA ASP D 118 -24.32 -43.89 -11.62
C ASP D 118 -23.43 -43.49 -12.78
N VAL D 119 -23.91 -43.65 -14.01
CA VAL D 119 -23.12 -43.37 -15.21
C VAL D 119 -23.80 -42.24 -15.98
N TRP D 120 -23.04 -41.18 -16.26
CA TRP D 120 -23.52 -40.04 -17.02
C TRP D 120 -22.72 -39.92 -18.31
N GLY D 121 -23.32 -39.29 -19.30
CA GLY D 121 -22.59 -38.94 -20.50
C GLY D 121 -21.76 -37.68 -20.32
N GLN D 122 -20.94 -37.38 -21.32
CA GLN D 122 -20.12 -36.18 -21.25
C GLN D 122 -20.92 -34.90 -21.41
N GLY D 123 -22.14 -34.98 -21.92
CA GLY D 123 -22.99 -33.82 -22.09
C GLY D 123 -22.91 -33.26 -23.51
N THR D 124 -23.95 -32.50 -23.87
CA THR D 124 -24.05 -31.87 -25.17
C THR D 124 -24.51 -30.44 -24.97
N THR D 125 -23.70 -29.48 -25.40
CA THR D 125 -24.06 -28.08 -25.26
C THR D 125 -25.03 -27.68 -26.36
N VAL D 126 -26.16 -27.10 -25.97
CA VAL D 126 -27.17 -26.62 -26.89
C VAL D 126 -27.35 -25.12 -26.66
N THR D 127 -27.12 -24.33 -27.69
CA THR D 127 -27.28 -22.89 -27.62
C THR D 127 -28.44 -22.45 -28.49
N VAL D 128 -29.37 -21.70 -27.93
CA VAL D 128 -30.53 -21.19 -28.63
C VAL D 128 -30.45 -19.66 -28.61
N SER D 129 -30.35 -19.06 -29.79
CA SER D 129 -30.22 -17.61 -29.89
C SER D 129 -30.70 -17.16 -31.25
N SER D 130 -31.10 -15.88 -31.32
CA SER D 130 -31.46 -15.26 -32.58
C SER D 130 -30.25 -14.77 -33.38
N ALA D 131 -29.07 -14.74 -32.76
CA ALA D 131 -27.89 -14.26 -33.46
C ALA D 131 -27.50 -15.20 -34.58
N SER D 132 -27.03 -14.64 -35.68
CA SER D 132 -26.56 -15.42 -36.82
C SER D 132 -25.04 -15.57 -36.76
N THR D 133 -24.55 -16.54 -37.54
CA THR D 133 -23.11 -16.80 -37.57
C THR D 133 -22.38 -15.59 -38.13
N LYS D 134 -21.29 -15.21 -37.47
CA LYS D 134 -20.51 -14.04 -37.85
C LYS D 134 -19.06 -14.24 -37.43
N GLY D 135 -18.14 -13.98 -38.35
CA GLY D 135 -16.73 -14.03 -38.04
C GLY D 135 -16.27 -12.91 -37.15
N PRO D 136 -15.17 -13.14 -36.44
CA PRO D 136 -14.69 -12.17 -35.45
C PRO D 136 -13.88 -11.04 -36.09
N SER D 137 -13.85 -9.91 -35.39
CA SER D 137 -12.94 -8.82 -35.68
C SER D 137 -11.81 -8.85 -34.66
N VAL D 138 -10.58 -9.00 -35.15
CA VAL D 138 -9.40 -9.19 -34.29
C VAL D 138 -8.60 -7.91 -34.29
N PHE D 139 -8.26 -7.43 -33.10
CA PHE D 139 -7.48 -6.21 -32.95
C PHE D 139 -6.28 -6.44 -32.02
N PRO D 140 -5.15 -5.82 -32.31
CA PRO D 140 -3.97 -6.01 -31.43
C PRO D 140 -4.05 -5.07 -30.24
N LEU D 141 -3.66 -5.58 -29.08
CA LEU D 141 -3.61 -4.80 -27.85
C LEU D 141 -2.19 -4.35 -27.55
N ALA D 142 -1.88 -3.10 -27.91
CA ALA D 142 -0.52 -2.59 -27.84
C ALA D 142 -0.11 -2.42 -26.39
N PRO D 143 1.16 -2.66 -26.04
CA PRO D 143 1.58 -2.45 -24.66
C PRO D 143 1.67 -0.97 -24.30
N CYS D 144 1.50 -0.70 -23.00
CA CYS D 144 1.59 0.67 -22.50
C CYS D 144 3.01 1.20 -22.54
N SER D 145 3.96 0.41 -22.05
CA SER D 145 5.35 0.85 -21.98
C SER D 145 6.30 -0.33 -21.81
N SER D 149 5.68 -1.58 -16.98
CA SER D 149 5.30 -1.93 -15.61
C SER D 149 6.29 -2.91 -15.01
N GLY D 150 7.55 -2.49 -14.88
CA GLY D 150 8.55 -3.23 -14.14
C GLY D 150 9.26 -4.22 -15.04
N GLY D 151 9.73 -3.72 -16.18
CA GLY D 151 10.56 -4.46 -17.10
C GLY D 151 9.82 -5.47 -17.94
N THR D 152 8.52 -5.66 -17.70
CA THR D 152 7.68 -6.56 -18.48
C THR D 152 6.74 -5.74 -19.35
N ALA D 153 6.13 -6.42 -20.32
CA ALA D 153 5.19 -5.75 -21.20
C ALA D 153 3.95 -6.62 -21.37
N ALA D 154 2.80 -5.98 -21.48
CA ALA D 154 1.52 -6.67 -21.64
C ALA D 154 1.02 -6.42 -23.06
N LEU D 155 0.90 -7.48 -23.85
CA LEU D 155 0.34 -7.38 -25.18
C LEU D 155 -0.64 -8.51 -25.40
N GLY D 156 -1.68 -8.23 -26.17
CA GLY D 156 -2.72 -9.20 -26.38
C GLY D 156 -3.54 -8.88 -27.61
N CYS D 157 -4.63 -9.62 -27.76
CA CYS D 157 -5.52 -9.46 -28.90
C CYS D 157 -6.95 -9.33 -28.41
N LEU D 158 -7.73 -8.53 -29.13
CA LEU D 158 -9.15 -8.37 -28.85
C LEU D 158 -9.94 -9.06 -29.94
N VAL D 159 -10.73 -10.05 -29.56
CA VAL D 159 -11.61 -10.77 -30.48
C VAL D 159 -13.01 -10.24 -30.23
N LYS D 160 -13.55 -9.50 -31.19
CA LYS D 160 -14.75 -8.70 -30.98
C LYS D 160 -15.84 -9.11 -31.97
N ASP D 161 -17.07 -9.17 -31.46
CA ASP D 161 -18.28 -9.32 -32.27
C ASP D 161 -18.21 -10.58 -33.14
N TYR D 162 -18.19 -11.72 -32.46
CA TYR D 162 -18.22 -13.02 -33.12
C TYR D 162 -19.36 -13.84 -32.55
N PHE D 163 -19.89 -14.76 -33.36
CA PHE D 163 -20.93 -15.66 -32.90
C PHE D 163 -20.91 -16.89 -33.77
N PRO D 164 -21.07 -18.09 -33.20
CA PRO D 164 -21.16 -18.38 -31.76
C PRO D 164 -19.88 -18.95 -31.17
N GLU D 165 -19.94 -19.31 -29.90
CA GLU D 165 -18.85 -20.04 -29.26
C GLU D 165 -18.66 -21.37 -29.99
N PRO D 166 -17.42 -21.90 -30.03
CA PRO D 166 -16.17 -21.48 -29.40
C PRO D 166 -15.15 -20.80 -30.32
N VAL D 167 -14.10 -20.28 -29.69
CA VAL D 167 -12.94 -19.73 -30.36
C VAL D 167 -11.69 -20.21 -29.64
N THR D 168 -10.69 -20.64 -30.41
CA THR D 168 -9.41 -21.07 -29.86
C THR D 168 -8.35 -20.06 -30.26
N VAL D 169 -7.51 -19.69 -29.30
CA VAL D 169 -6.46 -18.68 -29.50
C VAL D 169 -5.11 -19.33 -29.22
N SER D 170 -4.21 -19.22 -30.20
CA SER D 170 -2.83 -19.64 -30.04
C SER D 170 -1.91 -18.45 -30.26
N TRP D 171 -0.73 -18.50 -29.66
CA TRP D 171 0.27 -17.45 -29.78
C TRP D 171 1.51 -17.97 -30.47
N ASN D 172 1.92 -17.31 -31.56
CA ASN D 172 3.11 -17.69 -32.34
C ASN D 172 3.04 -19.14 -32.80
N SER D 173 1.93 -19.50 -33.43
CA SER D 173 1.72 -20.82 -34.02
C SER D 173 1.78 -21.94 -32.98
N GLY D 174 1.50 -21.62 -31.72
CA GLY D 174 1.57 -22.58 -30.64
C GLY D 174 2.94 -22.77 -30.03
N ALA D 175 3.98 -22.13 -30.57
CA ALA D 175 5.29 -22.21 -29.95
C ALA D 175 5.30 -21.54 -28.58
N LEU D 176 4.61 -20.42 -28.45
CA LEU D 176 4.51 -19.72 -27.17
C LEU D 176 3.28 -20.21 -26.42
N THR D 177 3.49 -20.76 -25.22
CA THR D 177 2.40 -21.22 -24.38
C THR D 177 2.52 -20.77 -22.93
N SER D 178 3.68 -20.34 -22.49
CA SER D 178 3.87 -19.89 -21.12
C SER D 178 3.29 -18.50 -20.94
N GLY D 179 2.62 -18.27 -19.82
CA GLY D 179 2.09 -16.96 -19.56
C GLY D 179 0.86 -16.59 -20.37
N VAL D 180 0.25 -17.55 -21.07
CA VAL D 180 -0.89 -17.26 -21.92
C VAL D 180 -2.15 -17.41 -21.07
N HIS D 181 -3.03 -16.41 -21.13
CA HIS D 181 -4.29 -16.42 -20.41
C HIS D 181 -5.42 -15.98 -21.33
N THR D 182 -6.24 -16.95 -21.76
CA THR D 182 -7.41 -16.68 -22.58
C THR D 182 -8.64 -16.61 -21.67
N PHE D 183 -9.32 -15.44 -21.67
CA PHE D 183 -10.43 -15.12 -20.79
C PHE D 183 -11.76 -15.60 -21.37
N PRO D 184 -12.70 -15.99 -20.50
CA PRO D 184 -14.04 -16.36 -20.98
C PRO D 184 -14.73 -15.20 -21.67
N ALA D 185 -15.55 -15.52 -22.68
CA ALA D 185 -16.17 -14.51 -23.50
C ALA D 185 -17.27 -13.77 -22.75
N VAL D 186 -17.58 -12.57 -23.23
CA VAL D 186 -18.65 -11.74 -22.70
C VAL D 186 -19.84 -11.79 -23.65
N LEU D 187 -21.05 -11.90 -23.11
CA LEU D 187 -22.26 -11.91 -23.92
C LEU D 187 -22.78 -10.48 -24.03
N GLN D 188 -22.51 -9.84 -25.17
CA GLN D 188 -22.88 -8.46 -25.39
C GLN D 188 -24.40 -8.32 -25.51
N SER D 189 -24.86 -7.08 -25.34
CA SER D 189 -26.29 -6.80 -25.43
C SER D 189 -26.84 -7.10 -26.82
N SER D 190 -25.99 -7.09 -27.85
CA SER D 190 -26.43 -7.42 -29.19
C SER D 190 -26.50 -8.92 -29.43
N GLY D 191 -26.04 -9.74 -28.49
CA GLY D 191 -26.07 -11.17 -28.64
C GLY D 191 -24.78 -11.80 -29.15
N LEU D 192 -23.74 -10.99 -29.36
CA LEU D 192 -22.45 -11.47 -29.82
C LEU D 192 -21.46 -11.59 -28.67
N TYR D 193 -20.43 -12.39 -28.89
CA TYR D 193 -19.43 -12.70 -27.89
C TYR D 193 -18.13 -11.94 -28.19
N SER D 194 -17.33 -11.75 -27.15
CA SER D 194 -16.02 -11.14 -27.29
C SER D 194 -15.10 -11.65 -26.17
N LEU D 195 -13.85 -11.97 -26.53
CA LEU D 195 -12.88 -12.43 -25.56
C LEU D 195 -11.54 -11.76 -25.84
N SER D 196 -10.63 -11.88 -24.86
CA SER D 196 -9.29 -11.34 -24.99
C SER D 196 -8.26 -12.34 -24.46
N SER D 197 -7.15 -12.47 -25.16
CA SER D 197 -6.03 -13.29 -24.73
C SER D 197 -4.79 -12.41 -24.62
N VAL D 198 -4.12 -12.45 -23.48
CA VAL D 198 -3.00 -11.57 -23.19
C VAL D 198 -1.83 -12.39 -22.68
N VAL D 199 -0.64 -12.09 -23.19
CA VAL D 199 0.60 -12.73 -22.80
C VAL D 199 1.56 -11.66 -22.27
N THR D 200 2.19 -11.93 -21.13
CA THR D 200 3.18 -11.03 -20.55
C THR D 200 4.57 -11.44 -21.00
N VAL D 201 5.32 -10.49 -21.54
CA VAL D 201 6.64 -10.76 -22.12
C VAL D 201 7.58 -9.62 -21.75
N PRO D 202 8.88 -9.94 -21.63
CA PRO D 202 9.85 -8.89 -21.31
C PRO D 202 9.84 -7.76 -22.34
N SER D 203 9.96 -6.53 -21.82
CA SER D 203 9.83 -5.34 -22.65
C SER D 203 11.02 -5.18 -23.61
N SER D 204 12.20 -5.65 -23.21
CA SER D 204 13.36 -5.54 -24.10
C SER D 204 13.18 -6.40 -25.34
N SER D 205 12.52 -7.54 -25.23
CA SER D 205 12.30 -8.42 -26.37
C SER D 205 11.24 -7.89 -27.33
N LEU D 206 10.58 -6.76 -27.01
CA LEU D 206 9.53 -6.24 -27.88
C LEU D 206 10.07 -5.91 -29.26
N GLY D 207 11.19 -5.21 -29.33
CA GLY D 207 11.71 -4.79 -30.61
C GLY D 207 12.18 -5.96 -31.47
N THR D 208 12.91 -6.89 -30.86
CA THR D 208 13.50 -7.98 -31.63
C THR D 208 12.48 -9.05 -32.01
N GLN D 209 11.55 -9.35 -31.11
CA GLN D 209 10.63 -10.47 -31.28
C GLN D 209 9.28 -9.98 -31.79
N THR D 210 8.73 -10.72 -32.75
CA THR D 210 7.40 -10.46 -33.27
C THR D 210 6.39 -11.37 -32.59
N TYR D 211 5.18 -10.85 -32.38
CA TYR D 211 4.14 -11.55 -31.64
C TYR D 211 2.87 -11.54 -32.47
N ILE D 212 2.36 -12.74 -32.81
CA ILE D 212 1.12 -12.89 -33.56
C ILE D 212 0.20 -13.81 -32.78
N CYS D 213 -1.06 -13.40 -32.63
CA CYS D 213 -2.09 -14.23 -32.02
C CYS D 213 -2.88 -14.96 -33.11
N ASN D 214 -3.08 -16.26 -32.91
CA ASN D 214 -3.75 -17.08 -33.91
C ASN D 214 -5.16 -17.36 -33.43
N VAL D 215 -6.12 -16.64 -33.99
CA VAL D 215 -7.53 -16.78 -33.62
C VAL D 215 -8.18 -17.76 -34.58
N ASN D 216 -8.94 -18.70 -34.03
CA ASN D 216 -9.65 -19.71 -34.82
C ASN D 216 -11.12 -19.69 -34.43
N HIS D 217 -11.99 -19.50 -35.42
CA HIS D 217 -13.44 -19.55 -35.23
C HIS D 217 -14.01 -20.55 -36.23
N LYS D 218 -14.09 -21.81 -35.80
CA LYS D 218 -14.61 -22.86 -36.68
C LYS D 218 -16.03 -22.60 -37.18
N PRO D 219 -16.99 -22.13 -36.37
CA PRO D 219 -18.36 -21.98 -36.90
C PRO D 219 -18.44 -21.09 -38.12
N SER D 220 -17.63 -20.03 -38.20
CA SER D 220 -17.59 -19.20 -39.39
C SER D 220 -16.48 -19.60 -40.35
N ASN D 221 -15.69 -20.62 -40.01
CA ASN D 221 -14.52 -21.02 -40.81
C ASN D 221 -13.59 -19.84 -41.04
N THR D 222 -13.45 -18.99 -40.01
CA THR D 222 -12.62 -17.80 -40.08
C THR D 222 -11.43 -17.94 -39.14
N LYS D 223 -10.23 -17.75 -39.68
CA LYS D 223 -8.99 -17.80 -38.93
C LYS D 223 -8.20 -16.54 -39.18
N VAL D 224 -7.77 -15.88 -38.12
CA VAL D 224 -7.10 -14.58 -38.19
C VAL D 224 -5.79 -14.67 -37.44
N ASP D 225 -4.72 -14.18 -38.05
CA ASP D 225 -3.39 -14.09 -37.44
C ASP D 225 -2.98 -12.62 -37.45
N LYS D 226 -3.21 -11.92 -36.35
CA LYS D 226 -2.97 -10.49 -36.27
C LYS D 226 -1.62 -10.25 -35.60
N LYS D 227 -0.85 -9.33 -36.19
CA LYS D 227 0.47 -8.99 -35.68
C LYS D 227 0.39 -7.84 -34.69
N VAL D 228 1.17 -7.96 -33.62
CA VAL D 228 1.19 -7.00 -32.52
C VAL D 228 2.56 -6.33 -32.49
N GLU D 229 2.57 -5.01 -32.53
CA GLU D 229 3.79 -4.22 -32.53
C GLU D 229 3.62 -3.04 -31.59
N PRO D 230 4.72 -2.49 -31.08
CA PRO D 230 4.62 -1.25 -30.29
C PRO D 230 4.19 -0.09 -31.17
N LYS D 231 3.17 0.63 -30.73
CA LYS D 231 2.60 1.73 -31.50
C LYS D 231 2.64 3.04 -30.71
N ASN E 4 56.39 59.67 -12.34
CA ASN E 4 57.40 59.47 -13.38
C ASN E 4 57.06 60.24 -14.64
N ASN E 5 57.19 59.58 -15.79
CA ASN E 5 56.83 60.14 -17.08
C ASN E 5 55.33 60.04 -17.36
N THR E 6 54.61 59.30 -16.53
CA THR E 6 53.19 59.02 -16.71
C THR E 6 52.42 59.53 -15.50
N ALA E 7 51.28 60.15 -15.75
CA ALA E 7 50.46 60.69 -14.66
C ALA E 7 49.02 60.78 -15.13
N SER E 8 48.15 61.11 -14.17
CA SER E 8 46.73 61.27 -14.42
C SER E 8 46.38 62.62 -15.03
N TRP E 9 45.39 62.60 -15.93
CA TRP E 9 44.88 63.83 -16.53
C TRP E 9 44.18 64.72 -15.51
N PHE E 10 43.80 64.17 -14.37
CA PHE E 10 43.02 64.88 -13.38
C PHE E 10 43.82 65.02 -12.09
N THR E 11 43.37 65.93 -11.23
CA THR E 11 44.08 66.21 -10.00
C THR E 11 43.85 65.11 -8.97
N ALA E 12 44.58 65.21 -7.86
CA ALA E 12 44.51 64.24 -6.77
C ALA E 12 43.24 64.44 -5.96
N LEU E 13 42.80 63.34 -5.32
CA LEU E 13 41.73 63.39 -4.33
C LEU E 13 42.36 63.00 -3.00
N THR E 14 42.87 63.98 -2.27
CA THR E 14 43.54 63.67 -1.01
C THR E 14 42.54 63.09 -0.02
N GLN E 15 42.96 62.05 0.69
CA GLN E 15 42.13 61.36 1.67
C GLN E 15 42.63 61.73 3.06
N HIS E 16 42.01 62.73 3.68
CA HIS E 16 42.35 63.09 5.05
C HIS E 16 41.78 62.13 6.07
N GLY E 17 40.70 61.41 5.74
CA GLY E 17 40.09 60.50 6.68
C GLY E 17 40.66 59.10 6.62
N LYS E 18 40.32 58.30 7.63
CA LYS E 18 40.77 56.91 7.66
C LYS E 18 39.94 56.02 6.73
N GLU E 19 38.68 56.37 6.49
CA GLU E 19 37.84 55.58 5.61
C GLU E 19 38.33 55.63 4.17
N ASP E 20 38.30 54.48 3.51
CA ASP E 20 38.69 54.38 2.11
C ASP E 20 37.64 55.02 1.21
N LEU E 21 38.12 55.54 0.08
CA LEU E 21 37.26 56.25 -0.88
C LEU E 21 36.26 55.29 -1.51
N LYS E 22 35.03 55.76 -1.69
CA LYS E 22 33.98 54.97 -2.32
C LYS E 22 33.02 55.90 -3.05
N PHE E 23 32.32 55.32 -4.03
CA PHE E 23 31.35 56.05 -4.85
C PHE E 23 30.17 55.16 -5.21
N PRO E 24 28.95 55.60 -4.95
CA PRO E 24 27.77 54.89 -5.47
C PRO E 24 27.75 54.89 -6.99
N ARG E 25 26.85 54.09 -7.54
CA ARG E 25 26.80 53.86 -8.97
C ARG E 25 26.58 55.16 -9.73
N GLY E 26 27.29 55.29 -10.84
CA GLY E 26 27.19 56.46 -11.71
C GLY E 26 28.13 57.58 -11.31
N GLN E 27 28.05 57.99 -10.04
CA GLN E 27 28.88 59.06 -9.52
C GLN E 27 30.33 58.62 -9.31
N GLY E 28 31.22 59.60 -9.33
CA GLY E 28 32.64 59.40 -9.11
C GLY E 28 33.50 59.45 -10.35
N VAL E 29 32.94 59.81 -11.50
CA VAL E 29 33.68 59.90 -12.75
C VAL E 29 33.87 61.38 -13.06
N PRO E 30 35.09 61.90 -13.03
CA PRO E 30 35.30 63.28 -13.46
C PRO E 30 34.96 63.44 -14.93
N ILE E 31 34.41 64.59 -15.29
CA ILE E 31 33.88 64.82 -16.63
C ILE E 31 34.94 65.49 -17.48
N ASN E 32 35.00 65.12 -18.75
CA ASN E 32 35.96 65.66 -19.71
C ASN E 32 35.22 65.91 -21.01
N THR E 33 35.32 67.14 -21.52
CA THR E 33 34.67 67.47 -22.78
C THR E 33 35.35 66.76 -23.95
N ASN E 34 36.66 66.52 -23.85
CA ASN E 34 37.35 65.73 -24.86
C ASN E 34 36.90 64.27 -24.84
N SER E 35 36.43 63.79 -23.69
CA SER E 35 36.04 62.39 -23.54
C SER E 35 34.64 62.16 -24.10
N SER E 36 34.50 61.13 -24.93
CA SER E 36 33.19 60.71 -25.39
C SER E 36 32.43 60.02 -24.27
N PRO E 37 31.10 59.91 -24.38
CA PRO E 37 30.33 59.23 -23.33
C PRO E 37 30.75 57.79 -23.12
N ASP E 38 31.34 57.15 -24.13
CA ASP E 38 31.81 55.78 -23.98
C ASP E 38 33.06 55.73 -23.09
N ASP E 39 33.92 56.74 -23.20
CA ASP E 39 35.21 56.71 -22.54
C ASP E 39 35.13 56.91 -21.04
N GLN E 40 34.03 57.45 -20.52
CA GLN E 40 33.95 57.84 -19.10
C GLN E 40 33.81 56.59 -18.26
N ILE E 41 34.93 55.90 -18.07
CA ILE E 41 35.00 54.67 -17.28
C ILE E 41 36.46 54.46 -16.86
N GLY E 42 36.68 54.12 -15.59
CA GLY E 42 38.03 54.00 -15.10
C GLY E 42 38.07 53.56 -13.66
N TYR E 43 39.22 53.84 -13.02
CA TYR E 43 39.48 53.42 -11.65
C TYR E 43 40.18 54.53 -10.88
N TYR E 44 40.36 54.30 -9.59
CA TYR E 44 41.11 55.19 -8.71
C TYR E 44 42.29 54.43 -8.12
N ARG E 45 43.43 55.10 -8.05
CA ARG E 45 44.67 54.52 -7.54
C ARG E 45 45.17 55.35 -6.36
N ARG E 46 45.53 54.66 -5.29
CA ARG E 46 46.07 55.28 -4.09
C ARG E 46 47.52 55.69 -4.29
N ALA E 47 47.85 56.90 -3.84
CA ALA E 47 49.20 57.41 -3.95
C ALA E 47 50.15 56.64 -3.03
N THR E 48 51.45 56.85 -3.24
CA THR E 48 52.47 56.15 -2.47
C THR E 48 53.50 57.14 -1.92
N ASP E 60 53.52 59.10 7.14
CA ASP E 60 53.09 60.07 8.15
C ASP E 60 52.33 61.22 7.49
N LEU E 61 51.70 60.93 6.36
CA LEU E 61 50.93 61.91 5.60
C LEU E 61 49.65 61.24 5.11
N SER E 62 48.72 62.06 4.62
CA SER E 62 47.44 61.47 4.25
C SER E 62 47.51 60.82 2.87
N PRO E 63 46.69 59.78 2.64
CA PRO E 63 46.62 59.17 1.31
C PRO E 63 45.97 60.07 0.28
N ARG E 64 46.31 59.81 -0.98
CA ARG E 64 45.79 60.56 -2.11
C ARG E 64 45.33 59.57 -3.18
N TRP E 65 44.38 60.00 -4.00
CA TRP E 65 43.80 59.17 -5.04
C TRP E 65 43.87 59.86 -6.39
N TYR E 66 44.31 59.12 -7.41
CA TYR E 66 44.43 59.63 -8.77
C TYR E 66 43.48 58.83 -9.66
N PHE E 67 42.83 59.51 -10.59
CA PHE E 67 41.91 58.86 -11.51
C PHE E 67 42.62 58.56 -12.82
N TYR E 68 42.49 57.30 -13.28
CA TYR E 68 42.99 56.89 -14.59
C TYR E 68 41.86 56.22 -15.35
N TYR E 69 41.81 56.46 -16.67
CA TYR E 69 40.79 55.83 -17.48
C TYR E 69 41.03 54.32 -17.55
N LEU E 70 39.98 53.58 -17.91
CA LEU E 70 40.06 52.13 -17.95
C LEU E 70 41.11 51.67 -18.95
N GLY E 71 41.95 50.73 -18.52
CA GLY E 71 42.98 50.21 -19.40
C GLY E 71 44.19 51.10 -19.56
N THR E 72 44.32 52.15 -18.76
CA THR E 72 45.47 53.05 -18.82
C THR E 72 46.02 53.27 -17.41
N GLY E 73 47.21 53.88 -17.37
CA GLY E 73 47.86 54.23 -16.13
C GLY E 73 48.66 53.10 -15.53
N PRO E 74 49.00 53.24 -14.25
CA PRO E 74 49.85 52.22 -13.59
C PRO E 74 49.19 50.85 -13.50
N GLU E 75 47.86 50.75 -13.61
CA GLU E 75 47.19 49.48 -13.53
C GLU E 75 46.41 49.23 -14.82
N ALA E 76 47.06 49.47 -15.95
CA ALA E 76 46.42 49.30 -17.26
C ALA E 76 46.04 47.85 -17.55
N GLY E 77 46.72 46.88 -16.92
CA GLY E 77 46.40 45.49 -17.18
C GLY E 77 45.27 44.89 -16.39
N LEU E 78 44.64 45.66 -15.52
CA LEU E 78 43.54 45.13 -14.70
C LEU E 78 42.22 45.30 -15.44
N PRO E 79 41.40 44.26 -15.53
CA PRO E 79 40.05 44.43 -16.08
C PRO E 79 39.13 45.11 -15.08
N TYR E 80 38.11 45.77 -15.61
CA TYR E 80 37.16 46.49 -14.77
C TYR E 80 36.47 45.54 -13.81
N GLY E 81 36.55 45.85 -12.51
CA GLY E 81 35.94 45.06 -11.47
C GLY E 81 36.89 44.23 -10.63
N ALA E 82 38.21 44.39 -10.83
CA ALA E 82 39.17 43.59 -10.09
C ALA E 82 39.32 44.09 -8.66
N ASN E 83 39.67 43.17 -7.76
CA ASN E 83 39.86 43.49 -6.35
C ASN E 83 41.36 43.61 -6.10
N LYS E 84 41.81 44.81 -5.78
CA LYS E 84 43.19 45.04 -5.37
C LYS E 84 43.20 46.26 -4.47
N ASP E 85 43.91 46.15 -3.34
CA ASP E 85 43.91 47.25 -2.38
C ASP E 85 44.53 48.49 -3.01
N GLY E 86 43.81 49.59 -2.91
CA GLY E 86 44.19 50.83 -3.56
C GLY E 86 43.49 51.09 -4.87
N ILE E 87 42.77 50.10 -5.42
CA ILE E 87 42.07 50.25 -6.69
C ILE E 87 40.58 50.14 -6.41
N ILE E 88 39.84 51.19 -6.76
CA ILE E 88 38.39 51.18 -6.70
C ILE E 88 37.84 51.64 -8.05
N TRP E 89 36.74 51.04 -8.49
CA TRP E 89 36.27 51.16 -9.86
C TRP E 89 35.00 52.00 -9.88
N VAL E 90 34.89 52.88 -10.89
CA VAL E 90 33.72 53.71 -11.08
C VAL E 90 33.37 53.70 -12.57
N ALA E 91 32.10 53.96 -12.86
CA ALA E 91 31.64 54.01 -14.24
C ALA E 91 30.33 54.77 -14.33
N THR E 92 30.09 55.36 -15.48
CA THR E 92 28.85 56.07 -15.80
C THR E 92 27.90 55.14 -16.55
N GLU E 93 26.68 55.63 -16.76
CA GLU E 93 25.69 54.83 -17.47
C GLU E 93 26.02 54.81 -18.96
N GLY E 94 25.88 53.64 -19.57
CA GLY E 94 26.18 53.51 -20.98
C GLY E 94 27.66 53.54 -21.31
N ALA E 95 28.53 53.24 -20.35
CA ALA E 95 29.97 53.28 -20.57
C ALA E 95 30.43 51.94 -21.13
N LEU E 96 31.01 51.98 -22.33
CA LEU E 96 31.50 50.78 -22.99
C LEU E 96 32.77 50.28 -22.29
N ASN E 97 32.86 48.95 -22.13
CA ASN E 97 34.02 48.32 -21.51
C ASN E 97 35.08 48.11 -22.57
N THR E 98 36.02 49.05 -22.68
CA THR E 98 37.12 48.99 -23.62
C THR E 98 38.36 49.58 -22.96
N PRO E 99 39.56 49.16 -23.38
CA PRO E 99 40.75 49.94 -23.04
C PRO E 99 40.66 51.36 -23.61
N LYS E 100 40.85 52.35 -22.75
CA LYS E 100 40.79 53.75 -23.14
C LYS E 100 42.13 54.24 -23.67
N ASP E 101 42.70 53.51 -24.63
CA ASP E 101 44.02 53.81 -25.13
C ASP E 101 44.05 55.09 -25.95
N HIS E 102 42.93 55.46 -26.58
CA HIS E 102 42.91 56.68 -27.37
C HIS E 102 42.97 57.93 -26.50
N ILE E 103 42.73 57.80 -25.20
CA ILE E 103 43.03 58.89 -24.26
C ILE E 103 44.40 58.71 -23.65
N GLY E 104 44.71 57.49 -23.21
CA GLY E 104 46.02 57.26 -22.62
C GLY E 104 46.13 57.95 -21.27
N THR E 105 47.29 58.55 -21.02
CA THR E 105 47.55 59.24 -19.78
C THR E 105 48.05 60.65 -20.09
N ARG E 106 48.39 61.38 -19.04
CA ARG E 106 48.82 62.77 -19.18
C ARG E 106 50.33 62.88 -19.05
N ASN E 107 50.94 63.64 -19.96
CA ASN E 107 52.35 63.96 -19.85
C ASN E 107 52.45 65.31 -19.17
N PRO E 108 52.98 65.40 -17.94
CA PRO E 108 53.04 66.70 -17.26
C PRO E 108 53.89 67.72 -17.99
N ALA E 109 54.86 67.28 -18.79
CA ALA E 109 55.68 68.22 -19.54
C ALA E 109 54.87 68.95 -20.59
N ASN E 110 53.93 68.27 -21.24
CA ASN E 110 53.20 68.89 -22.34
C ASN E 110 51.79 69.35 -21.97
N ASN E 111 51.24 68.90 -20.84
CA ASN E 111 49.89 69.30 -20.46
C ASN E 111 49.74 69.20 -18.96
N ALA E 112 48.87 70.05 -18.40
CA ALA E 112 48.68 70.13 -16.96
C ALA E 112 47.44 69.34 -16.54
N ALA E 113 47.43 68.97 -15.26
CA ALA E 113 46.31 68.21 -14.70
C ALA E 113 45.05 69.07 -14.64
N ILE E 114 43.90 68.44 -14.83
CA ILE E 114 42.62 69.13 -14.82
C ILE E 114 41.95 68.89 -13.47
N VAL E 115 41.45 69.97 -12.86
CA VAL E 115 40.77 69.88 -11.58
C VAL E 115 39.60 68.91 -11.66
N LEU E 116 39.38 68.16 -10.59
CA LEU E 116 38.27 67.20 -10.54
C LEU E 116 36.95 67.94 -10.71
N GLN E 117 36.21 67.61 -11.77
CA GLN E 117 34.94 68.26 -12.05
C GLN E 117 33.79 67.31 -11.69
N LEU E 118 33.44 67.32 -10.41
CA LEU E 118 32.34 66.49 -9.93
C LEU E 118 30.99 67.05 -10.40
N PRO E 119 30.02 66.19 -10.65
CA PRO E 119 28.68 66.67 -11.01
C PRO E 119 27.98 67.32 -9.84
N GLN E 120 26.84 67.95 -10.14
CA GLN E 120 26.13 68.73 -9.14
C GLN E 120 25.54 67.81 -8.08
N GLY E 121 25.81 68.14 -6.83
CA GLY E 121 25.21 67.47 -5.69
C GLY E 121 25.49 65.98 -5.68
N THR E 122 26.75 65.64 -5.95
CA THR E 122 27.20 64.25 -5.99
C THR E 122 27.63 63.81 -4.60
N THR E 123 28.05 62.55 -4.47
CA THR E 123 28.49 62.04 -3.19
C THR E 123 29.83 62.66 -2.78
N LEU E 124 29.93 62.99 -1.49
CA LEU E 124 31.14 63.56 -0.89
C LEU E 124 31.46 62.68 0.31
N PRO E 125 32.20 61.60 0.12
CA PRO E 125 32.62 60.77 1.25
C PRO E 125 33.52 61.53 2.23
N LYS E 126 33.73 60.89 3.38
CA LYS E 126 34.48 61.51 4.46
C LYS E 126 35.93 61.76 4.04
N GLY E 127 36.43 62.96 4.37
CA GLY E 127 37.80 63.32 4.10
C GLY E 127 38.00 64.09 2.81
N PHE E 128 37.02 64.06 1.92
CA PHE E 128 37.09 64.73 0.63
C PHE E 128 36.22 65.98 0.57
N TYR E 129 35.68 66.40 1.71
CA TYR E 129 34.80 67.57 1.78
C TYR E 129 35.41 68.65 2.66
N ASN F 4 -56.48 -61.65 18.08
CA ASN F 4 -57.00 -61.44 16.73
C ASN F 4 -56.83 -62.69 15.89
N ASN F 5 -57.20 -62.61 14.61
CA ASN F 5 -57.07 -63.72 13.69
C ASN F 5 -55.96 -63.52 12.67
N THR F 6 -55.17 -62.46 12.80
CA THR F 6 -54.07 -62.17 11.89
C THR F 6 -52.78 -62.01 12.70
N ALA F 7 -51.70 -62.55 12.16
CA ALA F 7 -50.41 -62.46 12.84
C ALA F 7 -49.30 -62.74 11.83
N SER F 8 -48.08 -62.43 12.24
CA SER F 8 -46.92 -62.71 11.41
C SER F 8 -46.70 -64.22 11.28
N TRP F 9 -46.29 -64.65 10.09
CA TRP F 9 -45.96 -66.05 9.91
C TRP F 9 -44.76 -66.45 10.77
N PHE F 10 -43.82 -65.54 10.95
CA PHE F 10 -42.59 -65.80 11.68
C PHE F 10 -42.70 -65.29 13.11
N THR F 11 -41.74 -65.72 13.93
CA THR F 11 -41.64 -65.25 15.30
C THR F 11 -40.97 -63.89 15.35
N ALA F 12 -41.08 -63.23 16.50
CA ALA F 12 -40.61 -61.87 16.63
C ALA F 12 -39.10 -61.82 16.77
N LEU F 13 -38.52 -60.73 16.27
CA LEU F 13 -37.16 -60.33 16.59
C LEU F 13 -37.16 -59.36 17.75
N THR F 14 -36.36 -59.66 18.76
CA THR F 14 -36.36 -58.92 20.02
C THR F 14 -35.21 -57.91 20.01
N GLN F 15 -35.52 -56.65 20.26
CA GLN F 15 -34.51 -55.60 20.30
C GLN F 15 -33.95 -55.52 21.72
N HIS F 16 -32.86 -56.25 21.93
CA HIS F 16 -32.22 -56.24 23.24
C HIS F 16 -31.50 -54.92 23.50
N GLY F 17 -30.97 -54.29 22.46
CA GLY F 17 -30.25 -53.04 22.60
C GLY F 17 -31.12 -51.82 22.41
N LYS F 18 -30.47 -50.70 22.11
CA LYS F 18 -31.14 -49.42 21.92
C LYS F 18 -31.08 -48.92 20.49
N GLU F 19 -30.49 -49.68 19.58
CA GLU F 19 -30.34 -49.30 18.18
C GLU F 19 -31.38 -50.03 17.32
N ASP F 20 -31.97 -49.29 16.39
CA ASP F 20 -33.06 -49.83 15.59
C ASP F 20 -32.56 -50.94 14.67
N LEU F 21 -33.47 -51.83 14.30
CA LEU F 21 -33.13 -52.96 13.44
C LEU F 21 -32.74 -52.51 12.04
N LYS F 22 -31.57 -52.95 11.59
CA LYS F 22 -31.06 -52.64 10.26
C LYS F 22 -30.42 -53.88 9.66
N PHE F 23 -30.54 -54.03 8.35
CA PHE F 23 -29.93 -55.16 7.66
C PHE F 23 -29.14 -54.68 6.44
N PRO F 24 -28.08 -55.39 6.08
CA PRO F 24 -27.32 -55.03 4.87
C PRO F 24 -28.08 -55.32 3.60
N ARG F 25 -27.44 -55.07 2.45
CA ARG F 25 -28.08 -55.32 1.18
C ARG F 25 -28.29 -56.82 0.95
N GLY F 26 -29.47 -57.17 0.45
CA GLY F 26 -29.77 -58.57 0.17
C GLY F 26 -29.77 -59.47 1.39
N GLN F 27 -30.17 -58.95 2.54
CA GLN F 27 -30.21 -59.73 3.77
C GLN F 27 -31.42 -59.32 4.59
N GLY F 28 -31.81 -60.19 5.52
CA GLY F 28 -32.88 -59.94 6.46
C GLY F 28 -34.12 -60.79 6.29
N VAL F 29 -34.26 -61.47 5.16
CA VAL F 29 -35.45 -62.31 4.94
C VAL F 29 -35.26 -63.64 5.65
N PRO F 30 -36.14 -63.99 6.60
CA PRO F 30 -36.01 -65.28 7.30
C PRO F 30 -36.27 -66.45 6.37
N ILE F 31 -35.62 -67.57 6.66
CA ILE F 31 -35.75 -68.75 5.82
C ILE F 31 -37.15 -69.32 5.96
N ASN F 32 -37.73 -69.73 4.83
CA ASN F 32 -39.05 -70.34 4.80
C ASN F 32 -39.07 -71.30 3.61
N THR F 33 -38.94 -72.60 3.89
CA THR F 33 -38.86 -73.60 2.83
C THR F 33 -40.17 -73.74 2.05
N ASN F 34 -41.27 -73.19 2.56
CA ASN F 34 -42.56 -73.24 1.87
C ASN F 34 -42.81 -72.04 0.97
N SER F 35 -41.82 -71.18 0.76
CA SER F 35 -41.97 -69.97 -0.05
C SER F 35 -40.98 -69.98 -1.20
N SER F 36 -41.44 -69.56 -2.37
CA SER F 36 -40.60 -69.52 -3.55
C SER F 36 -39.60 -68.36 -3.43
N PRO F 37 -38.50 -68.40 -4.20
CA PRO F 37 -37.54 -67.28 -4.18
C PRO F 37 -38.12 -65.95 -4.63
N ASP F 38 -39.23 -65.97 -5.40
CA ASP F 38 -39.84 -64.70 -5.80
C ASP F 38 -40.42 -63.95 -4.61
N ASP F 39 -40.85 -64.65 -3.58
CA ASP F 39 -41.60 -64.06 -2.48
C ASP F 39 -40.72 -63.53 -1.36
N GLN F 40 -39.39 -63.62 -1.51
CA GLN F 40 -38.45 -63.26 -0.45
C GLN F 40 -38.26 -61.74 -0.39
N ILE F 41 -39.34 -61.06 -0.03
CA ILE F 41 -39.32 -59.61 0.11
C ILE F 41 -40.42 -59.20 1.08
N GLY F 42 -40.12 -58.21 1.92
CA GLY F 42 -41.09 -57.78 2.92
C GLY F 42 -40.54 -56.72 3.84
N TYR F 43 -41.21 -56.57 4.99
CA TYR F 43 -40.86 -55.54 5.97
C TYR F 43 -41.09 -56.08 7.38
N TYR F 44 -40.32 -55.57 8.33
CA TYR F 44 -40.55 -55.85 9.74
C TYR F 44 -41.34 -54.68 10.34
N ARG F 45 -42.45 -54.98 11.01
CA ARG F 45 -43.31 -53.96 11.61
C ARG F 45 -43.35 -54.06 13.12
N ARG F 46 -42.96 -52.98 13.81
CA ARG F 46 -43.03 -52.94 15.26
C ARG F 46 -44.46 -52.66 15.68
N ALA F 47 -44.96 -53.40 16.68
CA ALA F 47 -46.32 -53.22 17.17
C ALA F 47 -46.31 -52.65 18.58
N THR F 48 -47.47 -52.12 18.98
CA THR F 48 -47.68 -51.65 20.35
C THR F 48 -49.07 -52.04 20.85
N ASP F 60 -43.05 -52.61 29.69
CA ASP F 60 -42.13 -53.02 30.75
C ASP F 60 -41.15 -54.07 30.24
N LEU F 61 -40.99 -54.16 28.93
CA LEU F 61 -40.18 -55.23 28.35
C LEU F 61 -39.60 -54.78 27.02
N SER F 62 -38.66 -55.57 26.52
CA SER F 62 -38.03 -55.32 25.23
C SER F 62 -39.06 -55.32 24.11
N PRO F 63 -38.96 -54.39 23.16
CA PRO F 63 -39.90 -54.36 22.04
C PRO F 63 -39.60 -55.50 21.06
N ARG F 64 -40.64 -55.87 20.30
CA ARG F 64 -40.54 -56.94 19.31
C ARG F 64 -40.98 -56.47 17.94
N TRP F 65 -40.25 -56.93 16.92
CA TRP F 65 -40.46 -56.59 15.52
C TRP F 65 -41.06 -57.79 14.81
N TYR F 66 -42.21 -57.59 14.17
CA TYR F 66 -42.91 -58.65 13.45
C TYR F 66 -42.70 -58.48 11.95
N PHE F 67 -42.20 -59.54 11.31
CA PHE F 67 -41.97 -59.53 9.87
C PHE F 67 -43.27 -59.78 9.12
N TYR F 68 -43.39 -59.14 7.96
CA TYR F 68 -44.53 -59.35 7.07
C TYR F 68 -44.03 -59.36 5.64
N TYR F 69 -44.59 -60.27 4.84
CA TYR F 69 -44.25 -60.32 3.42
C TYR F 69 -44.79 -59.08 2.70
N LEU F 70 -44.12 -58.71 1.62
CA LEU F 70 -44.50 -57.51 0.87
C LEU F 70 -45.93 -57.64 0.35
N GLY F 71 -46.72 -56.60 0.55
CA GLY F 71 -48.10 -56.62 0.15
C GLY F 71 -49.05 -57.23 1.15
N THR F 72 -48.58 -57.62 2.32
CA THR F 72 -49.41 -58.22 3.36
C THR F 72 -49.25 -57.42 4.65
N GLY F 73 -50.00 -57.82 5.68
CA GLY F 73 -49.86 -57.25 7.00
C GLY F 73 -50.55 -55.90 7.13
N PRO F 74 -50.32 -55.23 8.27
CA PRO F 74 -50.99 -53.94 8.50
C PRO F 74 -50.58 -52.86 7.51
N GLU F 75 -49.43 -53.01 6.86
CA GLU F 75 -48.94 -52.04 5.88
C GLU F 75 -48.89 -52.67 4.49
N ALA F 76 -49.95 -53.40 4.15
CA ALA F 76 -49.98 -54.10 2.87
C ALA F 76 -50.01 -53.15 1.68
N GLY F 77 -50.49 -51.91 1.89
CA GLY F 77 -50.55 -50.95 0.81
C GLY F 77 -49.28 -50.18 0.55
N LEU F 78 -48.33 -50.20 1.47
CA LEU F 78 -47.11 -49.43 1.30
C LEU F 78 -46.20 -50.09 0.26
N PRO F 79 -45.78 -49.37 -0.77
CA PRO F 79 -44.80 -49.93 -1.71
C PRO F 79 -43.45 -50.10 -1.05
N TYR F 80 -42.64 -50.99 -1.62
CA TYR F 80 -41.30 -51.22 -1.12
C TYR F 80 -40.49 -49.93 -1.20
N GLY F 81 -39.92 -49.53 -0.07
CA GLY F 81 -39.17 -48.29 0.00
C GLY F 81 -39.91 -47.14 0.68
N ALA F 82 -41.19 -47.32 1.00
CA ALA F 82 -41.94 -46.27 1.67
C ALA F 82 -41.34 -46.00 3.05
N ASN F 83 -41.32 -44.74 3.44
CA ASN F 83 -40.65 -44.32 4.68
C ASN F 83 -41.69 -44.02 5.75
N LYS F 84 -41.95 -45.03 6.60
CA LYS F 84 -42.74 -44.86 7.80
C LYS F 84 -41.89 -45.29 8.98
N ASP F 85 -41.99 -44.55 10.08
CA ASP F 85 -41.20 -44.86 11.27
C ASP F 85 -41.60 -46.24 11.82
N GLY F 86 -40.60 -47.02 12.20
CA GLY F 86 -40.84 -48.39 12.61
C GLY F 86 -40.92 -49.41 11.51
N ILE F 87 -40.64 -49.03 10.27
CA ILE F 87 -40.69 -49.93 9.12
C ILE F 87 -39.35 -49.92 8.42
N ILE F 88 -38.75 -51.12 8.26
CA ILE F 88 -37.55 -51.30 7.46
C ILE F 88 -37.84 -52.38 6.42
N TRP F 89 -37.09 -52.32 5.32
CA TRP F 89 -37.33 -53.17 4.16
C TRP F 89 -36.13 -54.10 3.95
N VAL F 90 -36.42 -55.38 3.75
CA VAL F 90 -35.41 -56.40 3.48
C VAL F 90 -35.82 -57.13 2.21
N ALA F 91 -34.81 -57.53 1.42
CA ALA F 91 -35.08 -58.24 0.18
C ALA F 91 -33.91 -59.17 -0.11
N THR F 92 -34.16 -60.14 -0.99
CA THR F 92 -33.18 -61.14 -1.39
C THR F 92 -33.04 -61.11 -2.92
N GLU F 93 -31.85 -61.48 -3.39
CA GLU F 93 -31.59 -61.55 -4.82
C GLU F 93 -32.64 -62.41 -5.53
N GLY F 94 -33.24 -61.83 -6.57
CA GLY F 94 -34.28 -62.49 -7.33
C GLY F 94 -35.70 -62.25 -6.84
N ALA F 95 -35.89 -61.47 -5.79
CA ALA F 95 -37.22 -61.20 -5.28
C ALA F 95 -38.03 -60.41 -6.30
N LEU F 96 -39.35 -60.60 -6.26
CA LEU F 96 -40.25 -60.01 -7.24
C LEU F 96 -41.13 -58.98 -6.54
N ASN F 97 -41.31 -57.82 -7.18
CA ASN F 97 -41.95 -56.68 -6.52
C ASN F 97 -43.44 -56.63 -6.88
N THR F 98 -44.17 -57.60 -6.35
CA THR F 98 -45.62 -57.63 -6.36
C THR F 98 -46.10 -58.10 -4.99
N PRO F 99 -47.31 -57.71 -4.57
CA PRO F 99 -47.81 -58.19 -3.28
C PRO F 99 -47.93 -59.70 -3.28
N LYS F 100 -47.62 -60.30 -2.13
CA LYS F 100 -47.67 -61.75 -1.97
C LYS F 100 -49.05 -62.17 -1.45
N ASP F 101 -50.05 -61.95 -2.30
CA ASP F 101 -51.42 -62.33 -1.96
C ASP F 101 -51.57 -63.82 -1.80
N HIS F 102 -50.77 -64.61 -2.52
CA HIS F 102 -50.87 -66.07 -2.41
C HIS F 102 -50.31 -66.60 -1.10
N ILE F 103 -49.61 -65.77 -0.33
CA ILE F 103 -49.11 -66.15 0.98
C ILE F 103 -49.93 -65.53 2.10
N GLY F 104 -50.16 -64.21 2.03
CA GLY F 104 -50.98 -63.54 3.01
C GLY F 104 -50.37 -63.54 4.40
N THR F 105 -51.23 -63.54 5.41
CA THR F 105 -50.82 -63.52 6.81
C THR F 105 -51.26 -64.80 7.50
N ARG F 106 -50.61 -65.08 8.64
CA ARG F 106 -50.91 -66.27 9.41
C ARG F 106 -52.13 -66.07 10.30
N ASN F 107 -52.97 -67.10 10.38
CA ASN F 107 -54.06 -67.11 11.35
C ASN F 107 -53.56 -67.86 12.58
N PRO F 108 -53.39 -67.19 13.73
CA PRO F 108 -52.85 -67.88 14.91
C PRO F 108 -53.71 -69.05 15.37
N ALA F 109 -55.02 -68.99 15.13
CA ALA F 109 -55.87 -70.11 15.49
C ALA F 109 -55.58 -71.33 14.62
N ASN F 110 -55.35 -71.12 13.33
CA ASN F 110 -55.17 -72.22 12.38
C ASN F 110 -53.73 -72.67 12.25
N ASN F 111 -52.76 -71.84 12.66
CA ASN F 111 -51.35 -72.19 12.50
C ASN F 111 -50.52 -71.55 13.61
N ALA F 112 -49.54 -72.30 14.10
CA ALA F 112 -48.53 -71.75 14.99
C ALA F 112 -47.48 -70.99 14.20
N ALA F 113 -46.75 -70.13 14.90
CA ALA F 113 -45.74 -69.29 14.24
C ALA F 113 -44.53 -70.12 13.82
N ILE F 114 -43.82 -69.61 12.83
CA ILE F 114 -42.55 -70.17 12.38
C ILE F 114 -41.41 -69.44 13.08
N VAL F 115 -40.54 -70.20 13.75
CA VAL F 115 -39.40 -69.58 14.42
C VAL F 115 -38.52 -68.91 13.39
N LEU F 116 -38.26 -67.61 13.59
CA LEU F 116 -37.51 -66.83 12.61
C LEU F 116 -36.06 -67.27 12.60
N GLN F 117 -35.53 -67.60 11.42
CA GLN F 117 -34.14 -68.01 11.28
C GLN F 117 -33.52 -67.37 10.04
N LEU F 118 -32.42 -66.65 10.24
CA LEU F 118 -31.72 -66.15 9.06
C LEU F 118 -30.78 -67.23 8.52
N PRO F 119 -30.50 -67.22 7.22
CA PRO F 119 -29.48 -68.13 6.68
C PRO F 119 -28.10 -67.88 7.28
N GLN F 120 -27.33 -68.96 7.43
CA GLN F 120 -26.02 -68.87 8.07
C GLN F 120 -25.10 -67.94 7.27
N GLY F 121 -24.30 -67.17 8.00
CA GLY F 121 -23.47 -66.14 7.40
C GLY F 121 -24.11 -64.78 7.42
N THR F 122 -25.36 -64.67 7.88
CA THR F 122 -26.06 -63.41 7.99
C THR F 122 -25.56 -62.61 9.19
N THR F 123 -25.25 -61.35 8.96
CA THR F 123 -24.72 -60.46 10.00
C THR F 123 -25.91 -59.79 10.67
N LEU F 124 -26.26 -60.27 11.87
CA LEU F 124 -27.34 -59.64 12.62
C LEU F 124 -26.77 -58.44 13.38
N PRO F 125 -27.54 -57.37 13.53
CA PRO F 125 -27.03 -56.20 14.24
C PRO F 125 -26.96 -56.40 15.74
N LYS F 126 -26.23 -55.49 16.37
CA LYS F 126 -26.07 -55.46 17.81
C LYS F 126 -27.40 -55.17 18.51
N GLY F 127 -27.57 -55.77 19.69
CA GLY F 127 -28.83 -55.68 20.39
C GLY F 127 -29.94 -56.52 19.81
N PHE F 128 -29.61 -57.46 18.94
CA PHE F 128 -30.59 -58.35 18.33
C PHE F 128 -30.00 -59.76 18.34
N TYR F 129 -28.79 -59.88 17.78
CA TYR F 129 -28.02 -61.11 17.64
C TYR F 129 -28.86 -62.39 17.62
N SER G 2 9.66 -53.83 24.47
CA SER G 2 10.82 -54.72 24.51
C SER G 2 12.00 -54.10 23.78
N ALA G 3 12.88 -54.96 23.25
CA ALA G 3 14.05 -54.51 22.50
C ALA G 3 14.60 -55.68 21.70
N LEU G 4 15.07 -55.40 20.49
CA LEU G 4 15.68 -56.41 19.62
C LEU G 4 17.11 -56.01 19.31
N THR G 5 18.06 -56.82 19.80
CA THR G 5 19.47 -56.54 19.62
C THR G 5 19.96 -57.18 18.33
N GLN G 6 20.62 -56.39 17.50
CA GLN G 6 21.18 -56.84 16.24
C GLN G 6 22.63 -56.38 16.11
N PRO G 7 23.45 -57.10 15.37
CA PRO G 7 24.81 -56.61 15.12
C PRO G 7 24.76 -55.40 14.19
N ALA G 8 25.59 -54.40 14.48
CA ALA G 8 25.52 -53.14 13.74
C ALA G 8 25.95 -53.35 12.30
N SER G 9 27.08 -54.01 12.08
CA SER G 9 27.65 -54.19 10.76
C SER G 9 28.08 -55.64 10.59
N VAL G 10 28.09 -56.08 9.33
CA VAL G 10 28.48 -57.44 8.99
C VAL G 10 29.20 -57.39 7.66
N SER G 11 30.21 -58.25 7.52
CA SER G 11 30.97 -58.32 6.29
C SER G 11 31.79 -59.59 6.29
N GLY G 12 32.13 -60.05 5.10
CA GLY G 12 33.00 -61.19 4.93
C GLY G 12 33.44 -61.25 3.49
N SER G 13 34.41 -62.12 3.23
CA SER G 13 34.83 -62.34 1.87
C SER G 13 33.62 -62.81 1.05
N PRO G 14 33.32 -62.18 -0.07
CA PRO G 14 32.17 -62.61 -0.89
C PRO G 14 32.27 -64.08 -1.27
N GLY G 15 31.16 -64.63 -1.76
CA GLY G 15 31.16 -66.02 -2.15
C GLY G 15 31.01 -66.99 -0.99
N GLN G 16 31.31 -66.55 0.23
CA GLN G 16 31.23 -67.38 1.43
C GLN G 16 29.90 -67.14 2.15
N SER G 17 29.77 -67.70 3.35
CA SER G 17 28.58 -67.56 4.16
C SER G 17 28.91 -67.05 5.55
N ILE G 18 27.93 -66.39 6.17
CA ILE G 18 28.07 -65.83 7.51
C ILE G 18 26.69 -65.83 8.17
N THR G 19 26.69 -65.97 9.49
CA THR G 19 25.48 -66.02 10.29
C THR G 19 25.30 -64.72 11.04
N ILE G 20 24.11 -64.11 10.92
CA ILE G 20 23.81 -62.82 11.49
C ILE G 20 22.72 -63.02 12.54
N SER G 21 22.94 -62.48 13.74
CA SER G 21 22.09 -62.77 14.87
C SER G 21 20.97 -61.73 14.99
N CYS G 22 19.96 -62.09 15.78
CA CYS G 22 18.85 -61.18 16.06
C CYS G 22 18.23 -61.66 17.37
N THR G 23 18.44 -60.89 18.44
CA THR G 23 18.09 -61.35 19.79
C THR G 23 17.01 -60.46 20.39
N GLY G 24 16.16 -61.08 21.19
CA GLY G 24 15.08 -60.38 21.87
C GLY G 24 14.79 -61.04 23.20
N THR G 25 13.53 -60.98 23.61
CA THR G 25 13.12 -61.53 24.90
C THR G 25 12.23 -62.75 24.69
N SER G 26 11.69 -63.28 25.79
CA SER G 26 10.92 -64.52 25.76
C SER G 26 9.60 -64.36 25.01
N SER G 27 9.06 -63.14 24.97
CA SER G 27 7.70 -62.91 24.48
C SER G 27 7.67 -62.24 23.12
N ASP G 28 8.80 -62.11 22.45
CA ASP G 28 8.81 -61.53 21.11
C ASP G 28 9.46 -62.42 20.07
N VAL G 29 10.50 -63.16 20.42
CA VAL G 29 11.20 -64.03 19.48
C VAL G 29 11.17 -65.48 19.92
N GLY G 30 11.37 -65.74 21.20
CA GLY G 30 11.37 -67.11 21.69
C GLY G 30 10.02 -67.60 22.16
N GLY G 31 8.96 -66.81 21.98
CA GLY G 31 7.65 -67.25 22.39
C GLY G 31 6.75 -67.60 21.22
N TYR G 32 6.95 -66.91 20.10
CA TYR G 32 6.17 -67.12 18.89
C TYR G 32 7.10 -67.46 17.73
N ASN G 33 6.51 -68.08 16.71
CA ASN G 33 7.23 -68.58 15.55
C ASN G 33 7.14 -67.63 14.36
N TYR G 34 6.94 -66.35 14.62
CA TYR G 34 6.68 -65.36 13.57
C TYR G 34 7.83 -64.40 13.38
N VAL G 35 9.06 -64.90 13.44
CA VAL G 35 10.23 -64.08 13.13
C VAL G 35 10.31 -63.86 11.63
N SER G 36 10.59 -62.62 11.22
CA SER G 36 10.73 -62.28 9.82
C SER G 36 12.10 -61.66 9.56
N TRP G 37 12.45 -61.59 8.27
CA TRP G 37 13.68 -60.93 7.84
C TRP G 37 13.40 -60.13 6.58
N TYR G 38 14.07 -58.97 6.46
CA TYR G 38 13.84 -58.07 5.35
C TYR G 38 15.17 -57.54 4.83
N GLN G 39 15.21 -57.22 3.53
CA GLN G 39 16.34 -56.54 2.92
C GLN G 39 15.90 -55.17 2.45
N GLN G 40 16.77 -54.18 2.61
CA GLN G 40 16.48 -52.81 2.18
C GLN G 40 17.73 -52.24 1.54
N HIS G 41 17.72 -52.11 0.23
CA HIS G 41 18.82 -51.45 -0.46
C HIS G 41 18.86 -49.97 -0.08
N PRO G 42 20.05 -49.38 -0.01
CA PRO G 42 20.16 -47.93 0.21
C PRO G 42 19.45 -47.13 -0.87
N GLY G 43 18.37 -46.46 -0.51
CA GLY G 43 17.57 -45.72 -1.45
C GLY G 43 16.36 -46.47 -1.98
N LYS G 44 16.25 -47.76 -1.68
CA LYS G 44 15.13 -48.58 -2.12
C LYS G 44 14.34 -49.07 -0.91
N ALA G 45 13.08 -49.41 -1.16
CA ALA G 45 12.19 -49.87 -0.11
C ALA G 45 12.57 -51.27 0.35
N PRO G 46 12.14 -51.67 1.55
CA PRO G 46 12.44 -53.01 2.03
C PRO G 46 11.85 -54.10 1.14
N LYS G 47 12.54 -55.24 1.08
CA LYS G 47 12.10 -56.40 0.32
C LYS G 47 12.18 -57.63 1.21
N LEU G 48 11.30 -58.60 0.95
CA LEU G 48 11.17 -59.78 1.79
C LEU G 48 12.06 -60.90 1.27
N MET G 49 12.65 -61.66 2.19
CA MET G 49 13.27 -62.95 1.88
C MET G 49 12.83 -64.10 2.78
N ILE G 50 12.33 -63.81 3.97
CA ILE G 50 11.99 -64.83 4.98
C ILE G 50 10.81 -64.31 5.80
N TYR G 51 9.71 -65.06 5.82
CA TYR G 51 8.50 -64.65 6.53
C TYR G 51 8.22 -65.47 7.78
N GLU G 52 8.14 -66.79 7.70
CA GLU G 52 8.24 -67.57 8.93
C GLU G 52 9.70 -67.82 9.27
N VAL G 53 9.92 -68.43 10.43
CA VAL G 53 11.28 -68.58 10.97
C VAL G 53 12.21 -69.19 9.93
N THR G 54 11.72 -70.17 9.17
CA THR G 54 12.49 -70.81 8.12
C THR G 54 11.93 -70.59 6.73
N ASN G 55 10.62 -70.40 6.61
CA ASN G 55 9.95 -70.37 5.31
C ASN G 55 10.48 -69.25 4.42
N ARG G 56 10.63 -69.56 3.14
CA ARG G 56 11.14 -68.66 2.12
C ARG G 56 10.10 -68.42 1.04
N PRO G 57 9.74 -67.18 0.74
CA PRO G 57 8.74 -66.92 -0.30
C PRO G 57 9.24 -67.30 -1.68
N SER G 58 8.28 -67.59 -2.55
CA SER G 58 8.58 -67.98 -3.93
C SER G 58 9.30 -66.86 -4.67
N GLY G 59 10.21 -67.26 -5.56
CA GLY G 59 11.05 -66.32 -6.28
C GLY G 59 12.31 -65.91 -5.57
N VAL G 60 12.60 -66.51 -4.41
CA VAL G 60 13.81 -66.23 -3.64
C VAL G 60 14.68 -67.47 -3.65
N SER G 61 15.96 -67.28 -4.01
CA SER G 61 16.88 -68.39 -4.13
C SER G 61 17.10 -69.07 -2.78
N ASN G 62 17.40 -70.37 -2.82
CA ASN G 62 17.67 -71.15 -1.62
C ASN G 62 18.95 -70.72 -0.92
N ARG G 63 19.68 -69.74 -1.45
CA ARG G 63 20.83 -69.17 -0.74
C ARG G 63 20.43 -68.44 0.53
N PHE G 64 19.14 -68.17 0.72
CA PHE G 64 18.62 -67.60 1.96
C PHE G 64 17.82 -68.66 2.71
N SER G 65 18.11 -68.82 4.00
CA SER G 65 17.40 -69.76 4.85
C SER G 65 17.47 -69.28 6.29
N GLY G 66 16.36 -69.45 7.02
CA GLY G 66 16.27 -68.93 8.37
C GLY G 66 16.27 -69.99 9.44
N SER G 67 16.67 -69.63 10.65
CA SER G 67 16.71 -70.55 11.77
C SER G 67 16.60 -69.75 13.07
N ARG G 68 16.26 -70.46 14.14
CA ARG G 68 16.07 -69.83 15.45
C ARG G 68 16.56 -70.77 16.54
N SER G 69 17.24 -70.19 17.53
CA SER G 69 17.69 -70.92 18.71
C SER G 69 17.41 -70.06 19.94
N GLY G 70 16.66 -70.60 20.89
CA GLY G 70 16.33 -69.85 22.08
C GLY G 70 15.59 -68.58 21.72
N ASN G 71 16.13 -67.44 22.15
CA ASN G 71 15.61 -66.12 21.77
C ASN G 71 16.51 -65.43 20.77
N THR G 72 17.36 -66.17 20.06
CA THR G 72 18.32 -65.58 19.12
C THR G 72 18.18 -66.27 17.76
N ALA G 73 17.42 -65.66 16.87
CA ALA G 73 17.34 -66.17 15.50
C ALA G 73 18.63 -65.83 14.74
N SER G 74 18.89 -66.59 13.68
CA SER G 74 20.11 -66.41 12.89
C SER G 74 19.78 -66.50 11.41
N LEU G 75 20.22 -65.50 10.64
CA LEU G 75 20.10 -65.50 9.19
C LEU G 75 21.40 -66.01 8.59
N THR G 76 21.29 -66.94 7.64
CA THR G 76 22.44 -67.60 7.03
C THR G 76 22.39 -67.40 5.52
N ILE G 77 23.07 -66.36 5.03
CA ILE G 77 23.22 -66.15 3.60
C ILE G 77 24.38 -66.99 3.10
N SER G 78 24.14 -67.80 2.07
CA SER G 78 25.14 -68.69 1.51
C SER G 78 25.51 -68.25 0.10
N GLY G 79 26.80 -68.32 -0.22
CA GLY G 79 27.28 -67.89 -1.52
C GLY G 79 27.05 -66.42 -1.77
N LEU G 80 27.43 -65.59 -0.81
CA LEU G 80 27.15 -64.16 -0.87
C LEU G 80 27.75 -63.55 -2.14
N GLN G 81 26.95 -62.74 -2.81
CA GLN G 81 27.35 -62.05 -4.03
C GLN G 81 27.30 -60.54 -3.80
N ALA G 82 27.81 -59.79 -4.78
CA ALA G 82 27.73 -58.34 -4.70
C ALA G 82 26.31 -57.83 -4.96
N GLU G 83 25.45 -58.65 -5.57
CA GLU G 83 24.08 -58.25 -5.84
C GLU G 83 23.23 -58.18 -4.58
N ASP G 84 23.75 -58.66 -3.44
CA ASP G 84 23.03 -58.66 -2.18
C ASP G 84 23.36 -57.44 -1.31
N GLU G 85 24.15 -56.49 -1.80
CA GLU G 85 24.55 -55.34 -1.00
C GLU G 85 23.34 -54.50 -0.62
N ALA G 86 22.97 -54.53 0.66
CA ALA G 86 21.77 -53.84 1.15
C ALA G 86 21.75 -53.94 2.67
N ASP G 87 20.74 -53.31 3.27
CA ASP G 87 20.47 -53.46 4.68
C ASP G 87 19.70 -54.75 4.95
N TYR G 88 19.86 -55.30 6.14
CA TYR G 88 19.17 -56.51 6.56
C TYR G 88 18.59 -56.32 7.95
N TYR G 89 17.27 -56.40 8.08
CA TYR G 89 16.58 -56.20 9.34
C TYR G 89 15.75 -57.43 9.69
N CYS G 90 15.64 -57.70 10.99
CA CYS G 90 14.77 -58.76 11.51
C CYS G 90 13.56 -58.14 12.20
N SER G 91 12.43 -58.85 12.14
CA SER G 91 11.20 -58.43 12.78
C SER G 91 10.51 -59.64 13.35
N SER G 92 9.67 -59.41 14.36
CA SER G 92 8.97 -60.52 15.01
C SER G 92 7.70 -60.00 15.68
N TYR G 93 6.75 -60.91 15.83
CA TYR G 93 5.51 -60.64 16.54
C TYR G 93 5.74 -60.62 18.05
N THR G 94 4.89 -59.90 18.77
CA THR G 94 5.02 -59.73 20.21
C THR G 94 3.76 -60.19 20.91
N SER G 95 3.92 -60.54 22.19
CA SER G 95 2.76 -60.88 23.01
C SER G 95 1.83 -59.68 23.16
N SER G 96 2.37 -58.47 23.04
CA SER G 96 1.56 -57.26 22.99
C SER G 96 0.85 -57.08 21.65
N SER G 97 0.85 -58.11 20.79
CA SER G 97 0.14 -58.09 19.51
C SER G 97 0.67 -56.99 18.60
N LEU G 98 1.98 -56.79 18.60
CA LEU G 98 2.61 -55.77 17.77
C LEU G 98 3.79 -56.38 17.01
N TYR G 99 4.50 -55.53 16.28
CA TYR G 99 5.72 -55.88 15.57
C TYR G 99 6.88 -55.08 16.14
N VAL G 100 8.06 -55.70 16.21
CA VAL G 100 9.27 -55.03 16.66
C VAL G 100 10.39 -55.36 15.68
N PHE G 101 11.17 -54.35 15.33
CA PHE G 101 12.29 -54.49 14.41
C PHE G 101 13.62 -54.48 15.16
N GLY G 102 14.67 -54.95 14.46
CA GLY G 102 16.00 -54.92 15.02
C GLY G 102 16.68 -53.58 14.82
N THR G 103 17.85 -53.44 15.45
CA THR G 103 18.60 -52.19 15.36
C THR G 103 19.22 -51.97 13.99
N GLY G 104 19.46 -53.03 13.22
CA GLY G 104 19.95 -52.89 11.87
C GLY G 104 21.33 -53.52 11.68
N THR G 105 21.52 -54.24 10.58
CA THR G 105 22.80 -54.87 10.26
C THR G 105 23.19 -54.52 8.82
N LYS G 106 24.07 -53.53 8.67
CA LYS G 106 24.53 -53.12 7.35
C LYS G 106 25.63 -54.07 6.86
N VAL G 107 25.66 -54.30 5.55
CA VAL G 107 26.54 -55.28 4.95
C VAL G 107 27.60 -54.57 4.10
N ALA G 108 28.66 -55.30 3.78
CA ALA G 108 29.72 -54.82 2.92
C ALA G 108 30.50 -56.02 2.40
N VAL G 109 30.76 -56.04 1.09
CA VAL G 109 31.47 -57.14 0.44
C VAL G 109 32.85 -56.64 0.02
N LEU G 110 33.88 -57.35 0.45
CA LEU G 110 35.26 -56.97 0.16
C LEU G 110 35.64 -57.34 -1.28
N GLN H 1 0.73 -59.56 -9.75
CA GLN H 1 1.46 -59.00 -8.63
C GLN H 1 0.80 -57.72 -8.12
N VAL H 2 0.78 -57.58 -6.79
CA VAL H 2 0.19 -56.42 -6.13
C VAL H 2 1.32 -55.49 -5.69
N HIS H 3 1.23 -54.22 -6.09
CA HIS H 3 2.20 -53.19 -5.74
C HIS H 3 1.47 -52.06 -5.01
N LEU H 4 2.25 -51.19 -4.36
CA LEU H 4 1.70 -50.11 -3.56
C LEU H 4 2.22 -48.77 -4.02
N VAL H 5 1.30 -47.81 -4.18
CA VAL H 5 1.59 -46.42 -4.51
C VAL H 5 1.25 -45.59 -3.28
N GLN H 6 1.90 -44.43 -3.13
CA GLN H 6 1.63 -43.59 -1.98
C GLN H 6 1.39 -42.15 -2.41
N SER H 7 1.08 -41.30 -1.42
CA SER H 7 1.09 -39.87 -1.60
C SER H 7 2.52 -39.35 -1.77
N GLY H 8 2.66 -38.31 -2.58
CA GLY H 8 3.96 -37.79 -2.95
C GLY H 8 4.72 -37.22 -1.76
N ALA H 9 5.89 -36.67 -2.06
CA ALA H 9 6.73 -36.11 -1.01
C ALA H 9 6.04 -34.93 -0.33
N GLU H 10 6.40 -34.68 0.93
CA GLU H 10 5.80 -33.61 1.71
C GLU H 10 6.88 -32.86 2.47
N VAL H 11 6.63 -31.57 2.67
CA VAL H 11 7.52 -30.69 3.43
C VAL H 11 6.68 -29.85 4.37
N LYS H 12 6.58 -30.26 5.63
CA LYS H 12 5.72 -29.60 6.61
C LYS H 12 6.57 -28.94 7.68
N LYS H 13 5.90 -28.11 8.48
CA LYS H 13 6.51 -27.40 9.60
C LYS H 13 6.07 -27.99 10.93
N PRO H 14 6.88 -27.82 11.98
CA PRO H 14 6.52 -28.39 13.29
C PRO H 14 5.19 -27.87 13.82
N GLY H 15 4.45 -28.78 14.47
CA GLY H 15 3.14 -28.47 15.00
C GLY H 15 1.98 -28.79 14.08
N SER H 16 2.23 -28.99 12.80
CA SER H 16 1.19 -29.30 11.83
C SER H 16 1.05 -30.81 11.71
N SER H 17 0.33 -31.27 10.70
CA SER H 17 0.12 -32.71 10.54
C SER H 17 0.51 -33.16 9.14
N VAL H 18 0.27 -34.43 8.84
CA VAL H 18 0.54 -34.97 7.50
C VAL H 18 -0.34 -36.20 7.31
N LYS H 19 -0.90 -36.34 6.10
CA LYS H 19 -1.79 -37.45 5.80
C LYS H 19 -1.31 -38.09 4.50
N VAL H 20 -0.65 -39.24 4.62
CA VAL H 20 -0.13 -40.01 3.48
C VAL H 20 -1.13 -41.10 3.13
N SER H 21 -1.18 -41.46 1.85
CA SER H 21 -2.03 -42.54 1.38
C SER H 21 -1.17 -43.73 0.96
N CYS H 22 -1.82 -44.89 0.82
CA CYS H 22 -1.15 -46.13 0.45
C CYS H 22 -2.15 -46.96 -0.36
N LYS H 23 -2.07 -46.86 -1.69
CA LYS H 23 -3.03 -47.54 -2.57
C LYS H 23 -2.43 -48.84 -3.10
N ALA H 24 -3.25 -49.88 -3.15
CA ALA H 24 -2.83 -51.21 -3.59
C ALA H 24 -3.44 -51.51 -4.96
N SER H 25 -2.59 -51.93 -5.90
CA SER H 25 -3.04 -52.30 -7.24
C SER H 25 -3.82 -53.60 -7.23
N THR H 28 -6.67 -57.10 -3.23
CA THR H 28 -7.10 -57.64 -1.93
C THR H 28 -6.96 -56.63 -0.81
N PHE H 29 -8.09 -56.04 -0.39
CA PHE H 29 -8.11 -55.16 0.76
C PHE H 29 -9.05 -55.75 1.81
N SER H 30 -8.99 -57.07 1.94
CA SER H 30 -9.78 -57.85 2.89
C SER H 30 -8.87 -58.54 3.89
N SER H 31 -9.02 -58.23 5.19
CA SER H 31 -8.20 -58.86 6.23
C SER H 31 -6.71 -58.71 5.95
N CYS H 32 -6.31 -57.50 5.60
CA CYS H 32 -4.93 -57.20 5.21
C CYS H 32 -4.30 -56.35 6.30
N ALA H 33 -3.17 -56.82 6.81
CA ALA H 33 -2.42 -56.08 7.81
C ALA H 33 -1.56 -55.04 7.11
N ILE H 34 -1.99 -53.78 7.22
CA ILE H 34 -1.33 -52.65 6.60
C ILE H 34 -0.51 -51.96 7.68
N SER H 35 0.80 -51.88 7.46
CA SER H 35 1.69 -51.33 8.46
C SER H 35 2.48 -50.16 7.88
N TRP H 36 2.86 -49.26 8.77
CA TRP H 36 3.70 -48.10 8.44
C TRP H 36 4.98 -48.22 9.23
N VAL H 37 6.11 -48.06 8.55
CA VAL H 37 7.42 -48.19 9.19
C VAL H 37 8.23 -46.94 8.93
N ARG H 38 9.18 -46.68 9.83
CA ARG H 38 9.98 -45.47 9.81
C ARG H 38 11.45 -45.85 9.86
N GLN H 39 12.29 -44.94 9.36
CA GLN H 39 13.73 -45.15 9.37
C GLN H 39 14.41 -43.77 9.39
N ALA H 40 14.96 -43.40 10.53
CA ALA H 40 15.73 -42.17 10.60
C ALA H 40 17.00 -42.32 9.74
N PRO H 41 17.46 -41.25 9.12
CA PRO H 41 18.66 -41.35 8.29
C PRO H 41 19.84 -41.88 9.08
N GLY H 42 20.49 -42.90 8.54
CA GLY H 42 21.60 -43.54 9.21
C GLY H 42 21.22 -44.36 10.42
N GLN H 43 19.94 -44.59 10.65
CA GLN H 43 19.45 -45.34 11.81
C GLN H 43 18.67 -46.57 11.34
N GLY H 44 18.17 -47.33 12.31
CA GLY H 44 17.46 -48.56 12.04
C GLY H 44 15.98 -48.36 11.77
N LEU H 45 15.33 -49.48 11.43
CA LEU H 45 13.90 -49.52 11.17
C LEU H 45 13.11 -49.49 12.49
N GLU H 46 11.90 -48.96 12.42
CA GLU H 46 11.07 -48.80 13.61
C GLU H 46 9.60 -48.96 13.23
N TRP H 47 9.00 -50.08 13.64
CA TRP H 47 7.60 -50.36 13.32
C TRP H 47 6.68 -49.42 14.10
N MET H 48 5.58 -49.01 13.47
CA MET H 48 4.71 -48.00 14.05
C MET H 48 3.29 -48.49 14.27
N GLY H 49 2.65 -49.08 13.26
CA GLY H 49 1.24 -49.40 13.42
C GLY H 49 0.75 -50.48 12.47
N ARG H 50 -0.50 -50.88 12.70
CA ARG H 50 -1.17 -51.94 11.96
C ARG H 50 -2.63 -51.53 11.77
N ILE H 51 -3.27 -52.06 10.74
CA ILE H 51 -4.71 -51.88 10.57
C ILE H 51 -5.28 -53.03 9.74
N ILE H 52 -6.40 -53.58 10.20
CA ILE H 52 -7.23 -54.47 9.39
C ILE H 52 -8.42 -53.66 8.88
N PRO H 53 -8.57 -53.48 7.57
CA PRO H 53 -9.59 -52.55 7.06
C PRO H 53 -11.03 -52.96 7.34
N ILE H 54 -11.39 -54.21 7.04
CA ILE H 54 -12.78 -54.63 7.22
C ILE H 54 -13.17 -54.70 8.69
N LEU H 55 -12.21 -54.79 9.60
CA LEU H 55 -12.50 -54.73 11.03
C LEU H 55 -12.36 -53.33 11.59
N GLY H 56 -11.37 -52.57 11.14
CA GLY H 56 -11.14 -51.23 11.64
C GLY H 56 -10.28 -51.14 12.88
N ILE H 57 -9.88 -52.26 13.46
CA ILE H 57 -9.05 -52.24 14.66
C ILE H 57 -7.60 -51.97 14.27
N ALA H 58 -7.01 -50.95 14.88
CA ALA H 58 -5.63 -50.54 14.59
C ALA H 58 -4.80 -50.63 15.86
N ASN H 59 -3.69 -51.36 15.78
CA ASN H 59 -2.76 -51.48 16.89
C ASN H 59 -1.53 -50.61 16.63
N TYR H 60 -1.03 -49.97 17.68
CA TYR H 60 0.10 -49.05 17.58
C TYR H 60 1.22 -49.48 18.51
N ALA H 61 2.46 -49.21 18.09
CA ALA H 61 3.59 -49.36 18.99
C ALA H 61 3.50 -48.31 20.10
N GLN H 62 3.86 -48.72 21.32
CA GLN H 62 3.66 -47.85 22.47
C GLN H 62 4.52 -46.58 22.38
N LYS H 63 5.67 -46.66 21.72
CA LYS H 63 6.50 -45.46 21.54
C LYS H 63 5.81 -44.42 20.68
N PHE H 64 4.92 -44.83 19.78
CA PHE H 64 4.21 -43.93 18.89
C PHE H 64 2.74 -43.78 19.28
N GLN H 65 2.29 -44.47 20.33
CA GLN H 65 0.90 -44.47 20.75
C GLN H 65 0.51 -43.10 21.28
N GLY H 66 -0.24 -42.34 20.49
CA GLY H 66 -0.72 -41.05 20.97
C GLY H 66 -0.73 -39.93 19.95
N ARG H 67 0.13 -39.98 18.95
CA ARG H 67 0.18 -38.96 17.92
C ARG H 67 0.03 -39.48 16.50
N VAL H 68 0.19 -40.78 16.27
CA VAL H 68 -0.06 -41.39 14.97
C VAL H 68 -1.45 -42.02 14.99
N THR H 69 -2.10 -42.02 13.83
CA THR H 69 -3.43 -42.62 13.67
C THR H 69 -3.53 -43.26 12.31
N ILE H 70 -3.87 -44.55 12.28
CA ILE H 70 -4.03 -45.32 11.05
C ILE H 70 -5.52 -45.49 10.77
N THR H 71 -5.92 -45.27 9.53
CA THR H 71 -7.31 -45.44 9.11
C THR H 71 -7.36 -46.08 7.74
N ALA H 72 -8.49 -46.71 7.45
CA ALA H 72 -8.68 -47.48 6.22
C ALA H 72 -9.96 -47.05 5.51
N ASP H 73 -9.92 -47.09 4.18
CA ASP H 73 -11.08 -46.83 3.32
C ASP H 73 -11.30 -48.08 2.48
N LYS H 74 -12.10 -49.02 2.99
CA LYS H 74 -12.26 -50.30 2.32
C LYS H 74 -12.95 -50.16 0.96
N SER H 75 -13.85 -49.17 0.82
CA SER H 75 -14.54 -48.99 -0.45
C SER H 75 -13.58 -48.59 -1.57
N THR H 76 -12.67 -47.66 -1.30
CA THR H 76 -11.73 -47.19 -2.29
C THR H 76 -10.44 -48.00 -2.35
N SER H 77 -10.28 -48.99 -1.47
CA SER H 77 -9.05 -49.78 -1.37
C SER H 77 -7.83 -48.89 -1.12
N THR H 78 -8.02 -47.84 -0.32
CA THR H 78 -6.95 -46.94 0.07
C THR H 78 -6.91 -46.80 1.59
N ALA H 79 -5.71 -46.59 2.12
CA ALA H 79 -5.52 -46.40 3.55
C ALA H 79 -4.71 -45.14 3.81
N TYR H 80 -5.15 -44.36 4.81
CA TYR H 80 -4.52 -43.11 5.20
C TYR H 80 -3.79 -43.26 6.52
N MET H 81 -2.83 -42.38 6.75
CA MET H 81 -2.15 -42.29 8.04
C MET H 81 -2.02 -40.82 8.43
N GLU H 82 -2.38 -40.50 9.67
CA GLU H 82 -2.44 -39.11 10.15
C GLU H 82 -1.48 -38.93 11.30
N LEU H 83 -0.35 -38.27 11.04
CA LEU H 83 0.66 -37.98 12.06
C LEU H 83 0.63 -36.50 12.39
N SER H 84 0.42 -36.18 13.66
CA SER H 84 0.35 -34.80 14.14
C SER H 84 1.49 -34.52 15.11
N SER H 85 1.57 -33.26 15.55
CA SER H 85 2.61 -32.78 16.47
C SER H 85 4.02 -33.06 15.93
N LEU H 86 4.25 -32.67 14.69
CA LEU H 86 5.51 -32.95 14.02
C LEU H 86 6.67 -32.20 14.68
N ARG H 87 7.82 -32.87 14.80
CA ARG H 87 9.00 -32.28 15.42
C ARG H 87 10.24 -32.72 14.67
N SER H 88 11.37 -32.13 15.05
CA SER H 88 12.62 -32.26 14.30
C SER H 88 13.07 -33.71 14.20
N GLU H 89 12.96 -34.46 15.30
CA GLU H 89 13.39 -35.86 15.33
C GLU H 89 12.56 -36.77 14.44
N ASP H 90 11.43 -36.28 13.92
CA ASP H 90 10.57 -37.08 13.05
C ASP H 90 10.95 -36.98 11.59
N THR H 91 12.10 -36.38 11.27
CA THR H 91 12.63 -36.43 9.91
C THR H 91 13.13 -37.83 9.60
N ALA H 92 12.47 -38.50 8.66
CA ALA H 92 12.76 -39.90 8.33
C ALA H 92 12.02 -40.25 7.06
N VAL H 93 12.36 -41.42 6.50
CA VAL H 93 11.65 -41.98 5.37
C VAL H 93 10.56 -42.93 5.87
N TYR H 94 9.34 -42.73 5.39
CA TYR H 94 8.17 -43.46 5.85
C TYR H 94 7.74 -44.47 4.80
N TYR H 95 7.53 -45.72 5.21
CA TYR H 95 7.10 -46.78 4.31
C TYR H 95 5.72 -47.27 4.72
N CYS H 96 4.99 -47.83 3.74
CA CYS H 96 3.79 -48.61 4.02
C CYS H 96 3.93 -49.99 3.39
N ALA H 97 3.21 -50.96 3.96
CA ALA H 97 3.35 -52.34 3.50
C ALA H 97 2.05 -53.10 3.81
N ARG H 98 1.72 -54.05 2.94
CA ARG H 98 0.54 -54.89 3.10
C ARG H 98 0.92 -56.29 3.58
N GLY H 99 0.24 -56.76 4.62
CA GLY H 99 0.53 -58.09 5.11
C GLY H 99 -0.74 -58.84 5.45
N TRP H 100 -0.60 -60.02 6.04
CA TRP H 100 -1.73 -60.85 6.46
C TRP H 100 -1.48 -61.39 7.86
N GLU H 101 -2.57 -61.51 8.62
CA GLU H 101 -2.51 -62.09 9.96
C GLU H 101 -3.67 -63.03 10.17
N PHE H 102 -3.41 -64.16 10.81
CA PHE H 102 -4.40 -65.21 10.97
C PHE H 102 -5.43 -64.82 12.03
N GLY H 103 -4.96 -64.64 13.27
CA GLY H 103 -5.82 -64.17 14.33
C GLY H 103 -7.02 -65.04 14.61
N SER H 104 -8.23 -64.60 14.25
CA SER H 104 -9.42 -65.40 14.50
C SER H 104 -10.24 -65.60 13.23
N GLY H 105 -9.59 -65.87 12.11
CA GLY H 105 -10.27 -66.09 10.86
C GLY H 105 -9.99 -67.49 10.32
N SER H 106 -10.62 -67.79 9.19
CA SER H 106 -10.47 -69.07 8.51
C SER H 106 -9.17 -69.18 7.70
N TYR H 107 -8.71 -70.42 7.53
CA TYR H 107 -7.45 -70.71 6.85
C TYR H 107 -7.67 -70.84 5.35
N TYR H 108 -6.60 -70.56 4.60
CA TYR H 108 -6.58 -70.67 3.15
C TYR H 108 -5.23 -71.15 2.66
N ARG H 109 -5.22 -72.18 1.81
CA ARG H 109 -3.93 -72.68 1.33
C ARG H 109 -3.23 -71.66 0.40
N THR H 110 -3.78 -70.44 0.34
CA THR H 110 -3.14 -69.33 -0.36
C THR H 110 -1.69 -69.11 0.04
N ASP H 111 -1.22 -69.77 1.09
CA ASP H 111 0.15 -69.61 1.59
C ASP H 111 0.45 -68.15 1.87
N TYR H 112 -0.58 -67.39 2.25
CA TYR H 112 -0.42 -66.08 2.85
C TYR H 112 0.77 -66.09 3.79
N TYR H 113 1.57 -65.03 3.77
CA TYR H 113 2.69 -64.90 4.69
C TYR H 113 2.27 -64.11 5.92
N TYR H 114 1.89 -64.84 6.95
CA TYR H 114 1.25 -64.30 8.14
C TYR H 114 2.26 -63.57 9.02
N TYR H 115 1.89 -62.37 9.44
CA TYR H 115 2.68 -61.52 10.33
C TYR H 115 4.05 -61.18 9.72
N ALA H 116 4.13 -61.21 8.39
CA ALA H 116 5.28 -60.69 7.67
C ALA H 116 4.76 -59.92 6.47
N MET H 117 5.27 -58.72 6.24
CA MET H 117 4.76 -57.87 5.18
C MET H 117 5.49 -58.21 3.88
N ASP H 118 4.76 -58.76 2.92
CA ASP H 118 5.39 -59.33 1.73
C ASP H 118 5.57 -58.30 0.62
N VAL H 119 4.72 -57.26 0.60
CA VAL H 119 4.78 -56.20 -0.40
C VAL H 119 5.06 -54.88 0.31
N TRP H 120 5.78 -54.01 -0.39
CA TRP H 120 6.18 -52.72 0.13
C TRP H 120 5.89 -51.65 -0.92
N GLY H 121 5.64 -50.44 -0.45
CA GLY H 121 5.47 -49.31 -1.33
C GLY H 121 6.81 -48.78 -1.78
N GLN H 122 6.76 -47.70 -2.57
CA GLN H 122 8.01 -47.15 -3.09
C GLN H 122 8.76 -46.38 -2.02
N GLY H 123 8.06 -45.75 -1.09
CA GLY H 123 8.72 -44.98 -0.05
C GLY H 123 8.44 -43.50 -0.13
N THR H 124 7.88 -42.93 0.94
CA THR H 124 7.57 -41.52 0.99
C THR H 124 8.53 -40.84 1.95
N THR H 125 9.14 -39.75 1.49
CA THR H 125 10.11 -39.00 2.29
C THR H 125 9.43 -37.78 2.87
N VAL H 126 9.36 -37.72 4.19
CA VAL H 126 8.77 -36.57 4.87
C VAL H 126 9.89 -35.86 5.61
N THR H 127 10.08 -34.59 5.30
CA THR H 127 11.06 -33.74 5.95
C THR H 127 10.37 -32.58 6.62
N VAL H 128 10.82 -32.25 7.83
CA VAL H 128 10.34 -31.07 8.55
C VAL H 128 11.53 -30.17 8.80
N SER H 129 11.36 -28.88 8.53
CA SER H 129 12.47 -27.94 8.63
C SER H 129 12.13 -26.73 9.50
N SER H 130 13.03 -25.76 9.50
CA SER H 130 12.78 -24.42 10.01
C SER H 130 13.06 -23.33 8.99
N ALA H 131 14.04 -23.54 8.11
CA ALA H 131 14.36 -22.58 7.07
C ALA H 131 14.03 -23.15 5.68
N SER I 2 5.96 67.75 28.03
CA SER I 2 5.10 68.81 28.53
C SER I 2 3.71 68.27 28.86
N ALA I 3 2.70 69.13 28.77
CA ALA I 3 1.32 68.75 29.03
C ALA I 3 0.38 69.79 28.47
N LEU I 4 -0.75 69.33 27.93
CA LEU I 4 -1.78 70.21 27.38
C LEU I 4 -3.05 69.95 28.18
N THR I 5 -3.49 70.94 28.94
CA THR I 5 -4.66 70.81 29.78
C THR I 5 -5.92 71.21 29.02
N GLN I 6 -6.93 70.34 29.07
CA GLN I 6 -8.22 70.53 28.46
C GLN I 6 -9.27 70.19 29.51
N PRO I 7 -10.47 70.76 29.41
CA PRO I 7 -11.52 70.34 30.35
C PRO I 7 -11.99 68.92 30.09
N ALA I 8 -12.17 68.18 31.17
CA ALA I 8 -12.50 66.77 31.08
C ALA I 8 -13.89 66.56 30.48
N SER I 9 -14.88 67.27 31.03
CA SER I 9 -16.27 67.14 30.66
C SER I 9 -16.89 68.51 30.44
N VAL I 10 -17.92 68.55 29.61
CA VAL I 10 -18.62 69.78 29.29
C VAL I 10 -20.10 69.46 29.12
N SER I 11 -20.94 70.40 29.53
CA SER I 11 -22.39 70.25 29.43
C SER I 11 -22.98 71.47 28.75
N GLY I 12 -23.61 71.26 27.60
CA GLY I 12 -24.26 72.34 26.90
C GLY I 12 -25.56 71.86 26.29
N SER I 13 -26.50 72.78 26.12
CA SER I 13 -27.79 72.46 25.55
C SER I 13 -27.69 72.36 24.02
N PRO I 14 -28.52 71.54 23.40
CA PRO I 14 -28.52 71.46 21.93
C PRO I 14 -29.04 72.76 21.33
N GLY I 15 -28.80 72.92 20.03
CA GLY I 15 -29.25 74.10 19.32
C GLY I 15 -28.37 75.32 19.53
N GLN I 16 -27.60 75.36 20.61
CA GLN I 16 -26.73 76.48 20.94
C GLN I 16 -25.29 76.18 20.51
N SER I 17 -24.37 77.04 20.91
CA SER I 17 -22.95 76.92 20.61
C SER I 17 -22.15 77.02 21.91
N ILE I 18 -20.97 76.40 21.90
CA ILE I 18 -20.09 76.42 23.06
C ILE I 18 -18.65 76.34 22.59
N THR I 19 -17.76 76.95 23.37
CA THR I 19 -16.33 77.03 23.07
C THR I 19 -15.54 76.11 23.99
N ILE I 20 -14.68 75.28 23.40
CA ILE I 20 -13.91 74.27 24.12
C ILE I 20 -12.44 74.64 23.98
N SER I 21 -11.74 74.67 25.11
CA SER I 21 -10.39 75.21 25.18
C SER I 21 -9.31 74.15 25.02
N CYS I 22 -8.10 74.63 24.74
CA CYS I 22 -6.91 73.79 24.61
C CYS I 22 -5.71 74.68 24.88
N THR I 23 -5.10 74.51 26.05
CA THR I 23 -4.07 75.43 26.52
C THR I 23 -2.72 74.76 26.68
N GLY I 24 -1.67 75.52 26.44
CA GLY I 24 -0.30 75.07 26.58
C GLY I 24 0.56 76.24 27.01
N THR I 25 1.82 76.22 26.59
CA THR I 25 2.77 77.26 26.97
C THR I 25 3.13 78.12 25.76
N SER I 26 4.08 79.02 25.96
CA SER I 26 4.44 79.99 24.92
C SER I 26 5.11 79.31 23.74
N SER I 27 5.76 78.18 23.98
CA SER I 27 6.63 77.53 23.01
C SER I 27 6.03 76.26 22.40
N ASP I 28 4.77 75.97 22.65
CA ASP I 28 4.16 74.79 22.05
C ASP I 28 2.89 75.11 21.27
N VAL I 29 2.09 76.06 21.74
CA VAL I 29 0.85 76.43 21.07
C VAL I 29 0.85 77.89 20.63
N GLY I 30 1.35 78.79 21.47
CA GLY I 30 1.38 80.19 21.15
C GLY I 30 2.65 80.62 20.45
N GLY I 31 3.54 79.68 20.10
CA GLY I 31 4.77 80.01 19.41
C GLY I 31 4.74 79.57 17.96
N TYR I 32 4.03 78.49 17.68
CA TYR I 32 3.90 77.95 16.33
C TYR I 32 2.42 77.85 15.94
N ASN I 33 2.18 77.79 14.63
CA ASN I 33 0.85 77.81 14.06
C ASN I 33 0.36 76.41 13.72
N TYR I 34 0.86 75.39 14.41
CA TYR I 34 0.62 74.01 14.05
C TYR I 34 -0.26 73.31 15.10
N VAL I 35 -1.28 74.00 15.60
CA VAL I 35 -2.25 73.38 16.48
C VAL I 35 -3.18 72.49 15.68
N SER I 36 -3.45 71.29 16.20
CA SER I 36 -4.34 70.35 15.54
C SER I 36 -5.50 69.97 16.46
N TRP I 37 -6.53 69.37 15.88
CA TRP I 37 -7.67 68.84 16.62
C TRP I 37 -8.08 67.50 16.03
N TYR I 38 -8.51 66.59 16.90
CA TYR I 38 -8.87 65.25 16.48
C TYR I 38 -10.16 64.82 17.16
N GLN I 39 -10.92 63.95 16.49
CA GLN I 39 -12.09 63.32 17.07
C GLN I 39 -11.84 61.82 17.17
N GLN I 40 -12.28 61.21 18.27
CA GLN I 40 -12.11 59.77 18.47
C GLN I 40 -13.39 59.21 19.08
N HIS I 41 -14.17 58.50 18.28
CA HIS I 41 -15.34 57.82 18.82
C HIS I 41 -14.90 56.69 19.76
N PRO I 42 -15.69 56.41 20.80
CA PRO I 42 -15.42 55.25 21.66
C PRO I 42 -15.44 53.93 20.89
N GLY I 43 -14.29 53.28 20.78
CA GLY I 43 -14.17 52.07 20.01
C GLY I 43 -13.66 52.25 18.59
N LYS I 44 -13.56 53.49 18.12
CA LYS I 44 -13.08 53.77 16.77
C LYS I 44 -11.78 54.55 16.85
N ALA I 45 -11.01 54.48 15.77
CA ALA I 45 -9.72 55.15 15.72
C ALA I 45 -9.93 56.66 15.61
N PRO I 46 -8.90 57.45 15.95
CA PRO I 46 -9.03 58.90 15.84
C PRO I 46 -9.27 59.33 14.40
N LYS I 47 -9.99 60.44 14.26
CA LYS I 47 -10.28 61.03 12.97
C LYS I 47 -9.96 62.52 13.02
N LEU I 48 -9.56 63.08 11.88
CA LEU I 48 -9.11 64.46 11.81
C LEU I 48 -10.29 65.36 11.49
N MET I 49 -10.30 66.55 12.09
CA MET I 49 -11.18 67.64 11.69
C MET I 49 -10.45 68.96 11.47
N ILE I 50 -9.28 69.15 12.07
CA ILE I 50 -8.56 70.42 12.03
C ILE I 50 -7.07 70.13 12.10
N TYR I 51 -6.30 70.56 11.10
CA TYR I 51 -4.87 70.27 11.06
C TYR I 51 -3.99 71.50 11.31
N GLU I 52 -4.15 72.58 10.56
CA GLU I 52 -3.63 73.87 11.02
C GLU I 52 -4.65 74.52 11.95
N VAL I 53 -4.22 75.65 12.55
CA VAL I 53 -5.01 76.29 13.61
C VAL I 53 -6.45 76.52 13.19
N THR I 54 -6.65 76.93 11.94
CA THR I 54 -7.99 77.14 11.42
C THR I 54 -8.34 76.19 10.29
N ASN I 55 -7.34 75.75 9.52
CA ASN I 55 -7.58 74.99 8.30
C ASN I 55 -8.33 73.70 8.59
N ARG I 56 -9.27 73.37 7.71
CA ARG I 56 -10.10 72.19 7.87
C ARG I 56 -9.89 71.23 6.71
N PRO I 57 -9.56 69.96 6.99
CA PRO I 57 -9.34 68.99 5.91
C PRO I 57 -10.61 68.69 5.14
N SER I 58 -10.41 68.24 3.90
CA SER I 58 -11.51 67.92 3.01
C SER I 58 -12.34 66.76 3.58
N GLY I 59 -13.65 66.83 3.33
CA GLY I 59 -14.61 65.89 3.85
C GLY I 59 -15.14 66.22 5.23
N VAL I 60 -14.78 67.37 5.79
CA VAL I 60 -15.27 67.80 7.10
C VAL I 60 -16.12 69.04 6.91
N SER I 61 -17.33 69.01 7.47
CA SER I 61 -18.28 70.10 7.30
C SER I 61 -17.76 71.38 7.94
N ASN I 62 -18.15 72.52 7.36
CA ASN I 62 -17.76 73.82 7.91
C ASN I 62 -18.35 74.11 9.29
N ARG I 63 -19.15 73.20 9.85
CA ARG I 63 -19.61 73.35 11.22
C ARG I 63 -18.48 73.22 12.23
N PHE I 64 -17.30 72.75 11.81
CA PHE I 64 -16.11 72.71 12.64
C PHE I 64 -15.13 73.75 12.14
N SER I 65 -14.60 74.55 13.06
CA SER I 65 -13.62 75.57 12.73
C SER I 65 -12.77 75.84 13.96
N GLY I 66 -11.47 76.07 13.74
CA GLY I 66 -10.53 76.22 14.84
C GLY I 66 -10.05 77.64 14.97
N SER I 67 -9.60 78.01 16.16
CA SER I 67 -9.09 79.35 16.43
C SER I 67 -8.13 79.28 17.59
N ARG I 68 -7.33 80.34 17.73
CA ARG I 68 -6.31 80.41 18.77
C ARG I 68 -6.19 81.82 19.30
N SER I 69 -6.05 81.94 20.61
CA SER I 69 -5.80 83.22 21.28
C SER I 69 -4.72 83.01 22.32
N GLY I 70 -3.65 83.77 22.22
CA GLY I 70 -2.54 83.62 23.15
C GLY I 70 -1.97 82.21 23.08
N ASN I 71 -1.97 81.52 24.21
CA ASN I 71 -1.58 80.11 24.28
C ASN I 71 -2.78 79.20 24.48
N THR I 72 -3.98 79.66 24.15
CA THR I 72 -5.22 78.91 24.38
C THR I 72 -6.02 78.84 23.08
N ALA I 73 -5.87 77.74 22.35
CA ALA I 73 -6.71 77.51 21.18
C ALA I 73 -8.12 77.14 21.62
N SER I 74 -9.08 77.34 20.73
CA SER I 74 -10.48 77.07 21.05
C SER I 74 -11.16 76.39 19.88
N LEU I 75 -11.83 75.28 20.16
CA LEU I 75 -12.64 74.56 19.17
C LEU I 75 -14.08 75.02 19.31
N THR I 76 -14.72 75.34 18.18
CA THR I 76 -16.08 75.88 18.16
C THR I 76 -16.95 74.98 17.29
N ILE I 77 -17.64 74.03 17.92
CA ILE I 77 -18.61 73.21 17.21
C ILE I 77 -19.94 73.96 17.16
N SER I 78 -20.49 74.08 15.95
CA SER I 78 -21.74 74.79 15.73
C SER I 78 -22.82 73.81 15.30
N GLY I 79 -24.03 74.02 15.81
CA GLY I 79 -25.13 73.13 15.51
C GLY I 79 -24.86 71.72 15.99
N LEU I 80 -24.44 71.60 17.24
CA LEU I 80 -24.02 70.31 17.79
C LEU I 80 -25.14 69.29 17.68
N GLN I 81 -24.79 68.10 17.21
CA GLN I 81 -25.70 66.98 17.04
C GLN I 81 -25.27 65.82 17.92
N ALA I 82 -26.13 64.81 17.99
CA ALA I 82 -25.78 63.59 18.72
C ALA I 82 -24.75 62.76 17.97
N GLU I 83 -24.60 63.00 16.67
CA GLU I 83 -23.64 62.27 15.85
C GLU I 83 -22.19 62.65 16.15
N ASP I 84 -21.97 63.69 16.95
CA ASP I 84 -20.62 64.14 17.29
C ASP I 84 -20.12 63.57 18.61
N GLU I 85 -20.90 62.69 19.25
CA GLU I 85 -20.53 62.14 20.55
C GLU I 85 -19.23 61.33 20.46
N ALA I 86 -18.15 61.86 21.01
CA ALA I 86 -16.83 61.23 20.89
C ALA I 86 -15.86 62.00 21.79
N ASP I 87 -14.63 61.51 21.84
CA ASP I 87 -13.55 62.23 22.49
C ASP I 87 -12.98 63.29 21.54
N TYR I 88 -12.44 64.35 22.13
CA TYR I 88 -11.83 65.44 21.36
C TYR I 88 -10.49 65.81 21.97
N TYR I 89 -9.41 65.65 21.19
CA TYR I 89 -8.08 65.96 21.67
C TYR I 89 -7.44 66.99 20.74
N CYS I 90 -6.61 67.85 21.31
CA CYS I 90 -5.80 68.80 20.56
C CYS I 90 -4.33 68.39 20.60
N SER I 91 -3.62 68.72 19.53
CA SER I 91 -2.19 68.43 19.47
C SER I 91 -1.48 69.58 18.78
N SER I 92 -0.18 69.72 19.09
CA SER I 92 0.62 70.78 18.53
C SER I 92 2.09 70.39 18.58
N TYR I 93 2.87 70.98 17.68
CA TYR I 93 4.31 70.78 17.67
C TYR I 93 4.92 71.61 18.81
N THR I 94 6.09 71.18 19.28
CA THR I 94 6.74 71.83 20.40
C THR I 94 8.13 72.29 20.02
N SER I 95 8.62 73.30 20.76
CA SER I 95 10.00 73.74 20.57
C SER I 95 10.99 72.64 20.94
N SER I 96 10.59 71.72 21.82
CA SER I 96 11.37 70.53 22.11
C SER I 96 11.32 69.50 20.99
N SER I 97 10.76 69.87 19.84
CA SER I 97 10.70 69.01 18.64
C SER I 97 9.92 67.73 18.91
N LEU I 98 8.83 67.84 19.68
CA LEU I 98 8.00 66.69 19.97
C LEU I 98 6.53 67.04 19.72
N TYR I 99 5.65 66.10 20.04
CA TYR I 99 4.20 66.30 19.99
C TYR I 99 3.62 66.15 21.39
N VAL I 100 2.60 66.96 21.69
CA VAL I 100 1.89 66.88 22.96
C VAL I 100 0.39 66.90 22.69
N PHE I 101 -0.35 66.03 23.37
CA PHE I 101 -1.79 65.95 23.23
C PHE I 101 -2.49 66.59 24.42
N GLY I 102 -3.79 66.88 24.26
CA GLY I 102 -4.56 67.40 25.35
C GLY I 102 -5.09 66.30 26.25
N THR I 103 -5.67 66.70 27.39
CA THR I 103 -6.20 65.72 28.32
C THR I 103 -7.48 65.04 27.83
N GLY I 104 -8.24 65.69 26.96
CA GLY I 104 -9.42 65.08 26.36
C GLY I 104 -10.69 65.80 26.75
N THR I 105 -11.60 66.03 25.79
CA THR I 105 -12.88 66.68 26.08
C THR I 105 -14.03 65.87 25.49
N LYS I 106 -14.69 65.07 26.34
CA LYS I 106 -15.83 64.28 25.88
C LYS I 106 -17.08 65.14 25.84
N VAL I 107 -17.93 64.89 24.83
CA VAL I 107 -19.16 65.66 24.65
C VAL I 107 -20.35 64.72 24.59
N ALA I 108 -21.51 65.25 24.91
CA ALA I 108 -22.77 64.51 24.88
C ALA I 108 -23.86 65.42 24.37
N VAL I 109 -25.12 64.98 24.50
CA VAL I 109 -26.28 65.71 24.01
C VAL I 109 -27.42 65.55 25.00
N LEU I 110 -27.97 66.67 25.47
CA LEU I 110 -29.05 66.65 26.45
C LEU I 110 -30.38 66.28 25.79
N GLN J 1 -7.07 56.47 -1.94
CA GLN J 1 -7.02 56.74 -0.52
C GLN J 1 -6.00 55.85 0.16
N VAL J 2 -5.25 56.40 1.11
CA VAL J 2 -4.24 55.67 1.86
C VAL J 2 -4.78 55.32 3.23
N HIS J 3 -4.75 54.03 3.57
CA HIS J 3 -5.19 53.52 4.86
C HIS J 3 -4.03 52.79 5.53
N LEU J 4 -4.17 52.53 6.83
CA LEU J 4 -3.10 51.90 7.60
C LEU J 4 -3.60 50.63 8.28
N VAL J 5 -2.81 49.57 8.15
CA VAL J 5 -3.03 48.29 8.83
C VAL J 5 -1.92 48.12 9.86
N GLN J 6 -2.18 47.35 10.91
CA GLN J 6 -1.17 47.16 11.94
C GLN J 6 -1.02 45.67 12.26
N SER J 7 -0.07 45.39 13.15
CA SER J 7 0.05 44.08 13.79
C SER J 7 -1.08 43.83 14.78
N GLY J 8 -1.49 42.57 14.87
CA GLY J 8 -2.65 42.20 15.65
C GLY J 8 -2.42 42.44 17.13
N ALA J 9 -3.46 42.18 17.91
CA ALA J 9 -3.39 42.41 19.36
C ALA J 9 -2.29 41.56 19.99
N GLU J 10 -1.78 42.04 21.12
CA GLU J 10 -0.70 41.35 21.83
C GLU J 10 -0.99 41.34 23.32
N VAL J 11 -0.53 40.28 23.97
CA VAL J 11 -0.66 40.12 25.43
C VAL J 11 0.67 39.63 26.01
N LYS J 12 1.47 40.54 26.55
CA LYS J 12 2.80 40.20 27.02
C LYS J 12 2.87 40.33 28.54
N LYS J 13 3.95 39.80 29.11
CA LYS J 13 4.22 39.86 30.54
C LYS J 13 5.34 40.85 30.87
N PRO J 14 5.37 41.37 32.09
CA PRO J 14 6.40 42.35 32.45
C PRO J 14 7.80 41.79 32.32
N GLY J 15 8.73 42.64 31.87
CA GLY J 15 10.09 42.26 31.64
C GLY J 15 10.40 41.82 30.23
N SER J 16 9.38 41.49 29.45
CA SER J 16 9.53 41.06 28.08
C SER J 16 9.43 42.27 27.15
N SER J 17 9.30 42.02 25.86
CA SER J 17 9.23 43.11 24.89
C SER J 17 7.98 42.95 24.03
N VAL J 18 7.84 43.79 23.02
CA VAL J 18 6.72 43.71 22.09
C VAL J 18 7.14 44.39 20.80
N LYS J 19 6.77 43.78 19.67
CA LYS J 19 7.15 44.29 18.35
C LYS J 19 5.89 44.38 17.50
N VAL J 20 5.38 45.60 17.32
CA VAL J 20 4.20 45.87 16.52
C VAL J 20 4.66 46.32 15.15
N SER J 21 3.85 46.02 14.13
CA SER J 21 4.15 46.45 12.78
C SER J 21 3.18 47.54 12.34
N CYS J 22 3.54 48.21 11.25
CA CYS J 22 2.75 49.32 10.72
C CYS J 22 2.93 49.34 9.20
N LYS J 23 2.00 48.72 8.48
CA LYS J 23 2.09 48.61 7.04
C LYS J 23 1.23 49.69 6.39
N ALA J 24 1.75 50.30 5.33
CA ALA J 24 1.07 51.37 4.62
C ALA J 24 0.58 50.88 3.27
N SER J 25 -0.70 51.10 2.98
CA SER J 25 -1.29 50.71 1.70
C SER J 25 -0.77 51.64 0.61
N GLY J 26 0.19 51.15 -0.18
CA GLY J 26 0.75 51.94 -1.26
C GLY J 26 2.21 51.68 -1.52
N GLY J 27 2.95 51.26 -0.49
CA GLY J 27 4.35 50.97 -0.63
C GLY J 27 5.26 52.17 -0.69
N THR J 28 4.74 53.37 -0.45
CA THR J 28 5.56 54.59 -0.48
C THR J 28 6.21 54.77 0.88
N PHE J 29 7.49 54.46 0.96
CA PHE J 29 8.29 54.68 2.16
C PHE J 29 9.46 55.62 1.88
N SER J 30 9.21 56.67 1.10
CA SER J 30 10.21 57.67 0.76
C SER J 30 9.84 59.00 1.40
N SER J 31 10.71 59.50 2.28
CA SER J 31 10.50 60.78 2.98
C SER J 31 9.15 60.80 3.71
N CYS J 32 8.85 59.72 4.42
CA CYS J 32 7.57 59.57 5.11
C CYS J 32 7.80 59.63 6.61
N ALA J 33 7.11 60.54 7.28
CA ALA J 33 7.18 60.64 8.74
C ALA J 33 6.22 59.64 9.36
N ILE J 34 6.78 58.57 9.92
CA ILE J 34 6.03 57.48 10.53
C ILE J 34 6.04 57.67 12.04
N SER J 35 4.86 57.80 12.64
CA SER J 35 4.76 58.07 14.07
C SER J 35 3.94 56.99 14.75
N TRP J 36 4.22 56.77 16.03
CA TRP J 36 3.52 55.83 16.89
C TRP J 36 2.87 56.56 18.05
N VAL J 37 1.59 56.29 18.29
CA VAL J 37 0.86 56.95 19.37
C VAL J 37 0.23 55.88 20.26
N ARG J 38 -0.01 56.24 21.53
CA ARG J 38 -0.51 55.31 22.53
C ARG J 38 -1.73 55.91 23.21
N GLN J 39 -2.56 55.02 23.77
CA GLN J 39 -3.76 55.45 24.50
C GLN J 39 -4.12 54.40 25.52
N ALA J 40 -3.88 54.68 26.80
CA ALA J 40 -4.32 53.80 27.85
C ALA J 40 -5.85 53.78 27.90
N PRO J 41 -6.46 52.64 28.24
CA PRO J 41 -7.92 52.58 28.30
C PRO J 41 -8.47 53.62 29.25
N GLY J 42 -9.44 54.40 28.77
CA GLY J 42 -10.00 55.46 29.59
C GLY J 42 -9.08 56.64 29.81
N GLN J 43 -7.95 56.69 29.10
CA GLN J 43 -6.95 57.74 29.24
C GLN J 43 -6.79 58.46 27.89
N GLY J 44 -5.90 59.44 27.88
CA GLY J 44 -5.67 60.26 26.70
C GLY J 44 -4.65 59.65 25.74
N LEU J 45 -4.50 60.34 24.60
CA LEU J 45 -3.54 59.95 23.59
C LEU J 45 -2.13 60.35 24.01
N GLU J 46 -1.13 59.61 23.52
CA GLU J 46 0.25 59.86 23.92
C GLU J 46 1.18 59.54 22.77
N TRP J 47 1.77 60.58 22.17
CA TRP J 47 2.68 60.41 21.06
C TRP J 47 4.00 59.80 21.54
N MET J 48 4.60 58.94 20.72
CA MET J 48 5.77 58.20 21.16
C MET J 48 7.01 58.45 20.31
N GLY J 49 6.91 58.35 18.99
CA GLY J 49 8.13 58.43 18.20
C GLY J 49 7.88 58.79 16.75
N ARG J 50 9.00 59.01 16.05
CA ARG J 50 9.00 59.41 14.65
C ARG J 50 10.17 58.71 13.96
N ILE J 51 10.07 58.51 12.65
CA ILE J 51 11.20 58.01 11.88
C ILE J 51 11.08 58.46 10.43
N ILE J 52 12.17 58.94 9.86
CA ILE J 52 12.31 59.15 8.42
C ILE J 52 13.15 57.99 7.87
N PRO J 53 12.61 57.16 7.00
CA PRO J 53 13.35 55.94 6.58
C PRO J 53 14.63 56.22 5.80
N ILE J 54 14.55 57.06 4.78
CA ILE J 54 15.70 57.32 3.92
C ILE J 54 16.81 58.07 4.66
N LEU J 55 16.48 58.75 5.76
CA LEU J 55 17.50 59.39 6.58
C LEU J 55 17.95 58.51 7.74
N GLY J 56 17.03 57.77 8.35
CA GLY J 56 17.35 56.93 9.49
C GLY J 56 17.30 57.62 10.83
N ILE J 57 17.06 58.92 10.87
CA ILE J 57 17.00 59.63 12.15
C ILE J 57 15.63 59.39 12.77
N ALA J 58 15.63 58.92 14.02
CA ALA J 58 14.41 58.61 14.74
C ALA J 58 14.34 59.45 16.00
N ASN J 59 13.23 60.17 16.17
CA ASN J 59 13.00 60.97 17.37
C ASN J 59 12.01 60.24 18.27
N TYR J 60 12.26 60.30 19.57
CA TYR J 60 11.46 59.59 20.56
C TYR J 60 10.93 60.57 21.59
N ALA J 61 9.74 60.27 22.11
CA ALA J 61 9.25 61.01 23.27
C ALA J 61 10.13 60.70 24.47
N GLN J 62 10.39 61.73 25.29
CA GLN J 62 11.34 61.58 26.38
C GLN J 62 10.86 60.57 27.42
N LYS J 63 9.54 60.43 27.57
CA LYS J 63 9.01 59.44 28.50
C LYS J 63 9.33 58.02 28.06
N PHE J 64 9.51 57.79 26.76
CA PHE J 64 9.83 56.49 26.22
C PHE J 64 11.27 56.34 25.76
N GLN J 65 12.07 57.40 25.87
CA GLN J 65 13.45 57.38 25.37
C GLN J 65 14.27 56.41 26.22
N GLY J 66 14.56 55.23 25.67
CA GLY J 66 15.40 54.28 26.36
C GLY J 66 14.96 52.83 26.24
N ARG J 67 13.67 52.62 26.04
CA ARG J 67 13.12 51.28 25.89
C ARG J 67 12.32 51.06 24.61
N VAL J 68 11.93 52.12 23.91
CA VAL J 68 11.26 51.98 22.62
C VAL J 68 12.30 52.18 21.52
N THR J 69 12.09 51.48 20.40
CA THR J 69 12.97 51.57 19.24
C THR J 69 12.12 51.43 17.99
N ILE J 70 12.22 52.40 17.09
CA ILE J 70 11.48 52.39 15.83
C ILE J 70 12.43 52.01 14.70
N THR J 71 11.99 51.10 13.85
CA THR J 71 12.75 50.65 12.69
C THR J 71 11.79 50.48 11.52
N ALA J 72 12.35 50.53 10.31
CA ALA J 72 11.54 50.48 9.10
C ALA J 72 12.06 49.42 8.15
N ASP J 73 11.13 48.80 7.42
CA ASP J 73 11.42 47.82 6.36
C ASP J 73 10.79 48.37 5.09
N LYS J 74 11.55 49.16 4.33
CA LYS J 74 11.02 49.86 3.17
C LYS J 74 10.57 48.89 2.08
N SER J 75 11.23 47.74 1.96
CA SER J 75 10.87 46.77 0.93
C SER J 75 9.47 46.22 1.16
N THR J 76 9.14 45.89 2.41
CA THR J 76 7.83 45.33 2.73
C THR J 76 6.79 46.41 3.02
N SER J 77 7.18 47.69 2.99
CA SER J 77 6.29 48.79 3.34
C SER J 77 5.72 48.63 4.74
N THR J 78 6.54 48.13 5.65
CA THR J 78 6.16 47.95 7.05
C THR J 78 7.19 48.61 7.95
N ALA J 79 6.72 49.11 9.09
CA ALA J 79 7.56 49.73 10.10
C ALA J 79 7.27 49.07 11.43
N TYR J 80 8.33 48.79 12.19
CA TYR J 80 8.21 48.11 13.47
C TYR J 80 8.46 49.08 14.62
N MET J 81 7.96 48.70 15.79
CA MET J 81 8.23 49.40 17.03
C MET J 81 8.51 48.38 18.12
N GLU J 82 9.59 48.60 18.87
CA GLU J 82 10.09 47.64 19.86
C GLU J 82 10.05 48.32 21.22
N LEU J 83 9.08 47.95 22.05
CA LEU J 83 8.95 48.50 23.40
C LEU J 83 9.34 47.43 24.41
N SER J 84 10.31 47.76 25.26
CA SER J 84 10.84 46.85 26.26
C SER J 84 10.55 47.42 27.66
N SER J 85 10.94 46.64 28.67
CA SER J 85 10.70 46.98 30.08
C SER J 85 9.22 47.26 30.34
N LEU J 86 8.39 46.31 29.91
CA LEU J 86 6.94 46.47 30.00
C LEU J 86 6.49 46.48 31.46
N ARG J 87 5.53 47.35 31.76
CA ARG J 87 5.02 47.49 33.12
C ARG J 87 3.51 47.73 33.05
N SER J 88 2.88 47.74 34.23
CA SER J 88 1.42 47.73 34.30
C SER J 88 0.81 48.93 33.61
N GLU J 89 1.40 50.11 33.80
CA GLU J 89 0.86 51.32 33.18
C GLU J 89 0.96 51.30 31.66
N ASP J 90 1.71 50.37 31.08
CA ASP J 90 1.86 50.29 29.64
C ASP J 90 0.79 49.44 28.99
N THR J 91 -0.24 49.03 29.74
CA THR J 91 -1.41 48.39 29.15
C THR J 91 -2.22 49.44 28.41
N ALA J 92 -2.30 49.32 27.08
CA ALA J 92 -2.95 50.35 26.28
C ALA J 92 -3.13 49.85 24.86
N VAL J 93 -3.93 50.59 24.10
CA VAL J 93 -4.09 50.36 22.67
C VAL J 93 -3.09 51.24 21.95
N TYR J 94 -2.30 50.65 21.05
CA TYR J 94 -1.22 51.36 20.38
C TYR J 94 -1.60 51.63 18.93
N TYR J 95 -1.43 52.87 18.50
CA TYR J 95 -1.75 53.28 17.14
C TYR J 95 -0.46 53.70 16.43
N CYS J 96 -0.45 53.59 15.11
CA CYS J 96 0.56 54.22 14.29
C CYS J 96 -0.10 55.12 13.25
N ALA J 97 0.65 56.12 12.80
CA ALA J 97 0.09 57.12 11.88
C ALA J 97 1.22 57.71 11.06
N ARG J 98 0.89 58.08 9.82
CA ARG J 98 1.83 58.71 8.91
C ARG J 98 1.52 60.20 8.81
N GLY J 99 2.56 61.02 8.97
CA GLY J 99 2.36 62.46 8.90
C GLY J 99 3.45 63.12 8.09
N TRP J 100 3.49 64.45 8.09
CA TRP J 100 4.49 65.21 7.36
C TRP J 100 5.05 66.32 8.23
N GLU J 101 6.35 66.59 8.06
CA GLU J 101 7.03 67.67 8.76
C GLU J 101 7.93 68.41 7.80
N PHE J 102 7.95 69.74 7.92
CA PHE J 102 8.69 70.58 6.98
C PHE J 102 10.19 70.53 7.21
N GLY J 103 10.63 71.00 8.38
CA GLY J 103 12.01 70.92 8.79
C GLY J 103 13.03 71.58 7.88
N SER J 104 13.82 70.79 7.17
CA SER J 104 14.84 71.29 6.25
C SER J 104 14.71 70.65 4.87
N GLY J 105 13.49 70.51 4.38
CA GLY J 105 13.22 69.92 3.08
C GLY J 105 12.55 70.90 2.14
N SER J 106 12.23 70.41 0.94
CA SER J 106 11.53 71.26 -0.06
C SER J 106 10.04 71.38 0.30
N TYR J 107 9.40 72.47 -0.11
CA TYR J 107 7.99 72.70 0.29
C TYR J 107 7.05 71.86 -0.58
N TYR J 108 5.81 71.71 -0.15
CA TYR J 108 4.79 70.98 -0.93
C TYR J 108 3.43 71.31 -0.34
N ARG J 109 2.49 71.81 -1.15
CA ARG J 109 1.12 72.05 -0.61
C ARG J 109 0.23 72.51 -1.75
N TYR J 112 -1.97 69.42 1.09
CA TYR J 112 -1.02 68.83 2.01
C TYR J 112 -1.23 69.35 3.43
N TYR J 113 -1.20 68.45 4.40
CA TYR J 113 -1.38 68.88 5.82
C TYR J 113 -0.01 68.94 6.48
N TYR J 114 0.05 69.41 7.74
CA TYR J 114 1.38 69.57 8.37
C TYR J 114 1.29 69.42 9.90
N TYR J 115 2.14 68.56 10.47
CA TYR J 115 2.18 68.36 11.92
C TYR J 115 0.85 67.90 12.46
N ALA J 116 0.04 67.28 11.61
CA ALA J 116 -1.17 66.57 12.00
C ALA J 116 -1.27 65.26 11.25
N MET J 117 -1.57 64.18 11.96
CA MET J 117 -1.60 62.84 11.36
C MET J 117 -2.99 62.60 10.80
N ASP J 118 -3.09 62.46 9.47
CA ASP J 118 -4.38 62.44 8.80
C ASP J 118 -4.99 61.05 8.71
N VAL J 119 -4.16 60.00 8.72
CA VAL J 119 -4.63 58.63 8.63
C VAL J 119 -4.23 57.89 9.90
N TRP J 120 -5.08 56.95 10.31
CA TRP J 120 -4.87 56.16 11.51
C TRP J 120 -5.11 54.69 11.21
N GLY J 121 -4.42 53.83 11.96
CA GLY J 121 -4.64 52.40 11.87
C GLY J 121 -5.84 51.96 12.67
N GLN J 122 -6.09 50.66 12.65
CA GLN J 122 -7.26 50.13 13.35
C GLN J 122 -7.04 50.11 14.85
N GLY J 123 -5.81 49.89 15.31
CA GLY J 123 -5.53 49.84 16.73
C GLY J 123 -5.06 48.51 17.26
N THR J 124 -3.87 48.49 17.86
CA THR J 124 -3.29 47.29 18.43
C THR J 124 -3.33 47.41 19.94
N THR J 125 -3.83 46.38 20.61
CA THR J 125 -3.95 46.39 22.06
C THR J 125 -2.81 45.58 22.69
N VAL J 126 -1.98 46.26 23.46
CA VAL J 126 -0.87 45.62 24.17
C VAL J 126 -1.19 45.72 25.65
N THR J 127 -1.25 44.59 26.34
CA THR J 127 -1.50 44.56 27.76
C THR J 127 -0.32 43.93 28.52
N VAL J 128 0.03 44.56 29.64
CA VAL J 128 1.04 44.06 30.56
C VAL J 128 0.36 43.87 31.91
N SER J 129 0.61 42.73 32.55
CA SER J 129 -0.05 42.38 33.81
C SER J 129 0.99 42.03 34.86
N SER J 130 1.11 42.88 35.87
CA SER J 130 2.01 42.61 37.00
C SER J 130 1.24 42.62 38.32
N ASN K 4 -6.28 -89.25 34.89
CA ASN K 4 -6.27 -90.35 33.95
C ASN K 4 -7.58 -90.40 33.15
N ASN K 5 -8.45 -89.42 33.40
CA ASN K 5 -9.69 -89.29 32.65
C ASN K 5 -9.51 -88.60 31.32
N THR K 6 -8.34 -88.01 31.08
CA THR K 6 -8.05 -87.23 29.87
C THR K 6 -6.88 -87.86 29.14
N ALA K 7 -6.99 -87.97 27.82
CA ALA K 7 -5.93 -88.55 27.01
C ALA K 7 -6.05 -88.03 25.59
N SER K 8 -5.05 -88.37 24.77
CA SER K 8 -5.03 -87.99 23.37
C SER K 8 -5.93 -88.91 22.55
N TRP K 9 -6.59 -88.35 21.55
CA TRP K 9 -7.41 -89.18 20.67
C TRP K 9 -6.59 -90.14 19.83
N PHE K 10 -5.29 -89.91 19.68
CA PHE K 10 -4.46 -90.72 18.79
C PHE K 10 -3.38 -91.45 19.58
N THR K 11 -2.80 -92.46 18.93
CA THR K 11 -1.79 -93.30 19.56
C THR K 11 -0.45 -92.57 19.63
N ALA K 12 0.51 -93.19 20.31
CA ALA K 12 1.83 -92.62 20.46
C ALA K 12 2.63 -92.76 19.16
N LEU K 13 3.58 -91.85 18.98
CA LEU K 13 4.57 -91.94 17.90
C LEU K 13 5.95 -92.13 18.52
N THR K 14 6.32 -93.39 18.74
CA THR K 14 7.60 -93.68 19.39
C THR K 14 8.76 -93.23 18.51
N GLN K 15 9.78 -92.65 19.14
CA GLN K 15 10.95 -92.14 18.44
C GLN K 15 12.12 -93.09 18.70
N HIS K 16 12.34 -94.03 17.79
CA HIS K 16 13.48 -94.93 17.87
C HIS K 16 14.79 -94.29 17.45
N GLY K 17 14.75 -93.24 16.61
CA GLY K 17 15.97 -92.61 16.14
C GLY K 17 16.46 -91.49 17.03
N LYS K 18 17.72 -91.09 16.78
CA LYS K 18 18.32 -89.98 17.48
C LYS K 18 17.86 -88.62 16.96
N GLU K 19 17.50 -88.53 15.69
CA GLU K 19 17.05 -87.27 15.12
C GLU K 19 15.72 -86.84 15.72
N ASP K 20 15.61 -85.55 16.00
CA ASP K 20 14.37 -85.00 16.54
C ASP K 20 13.29 -84.94 15.46
N LEU K 21 12.04 -85.08 15.90
CA LEU K 21 10.91 -85.11 14.99
C LEU K 21 10.71 -83.77 14.30
N LYS K 22 10.39 -83.81 13.01
CA LYS K 22 10.12 -82.60 12.25
C LYS K 22 9.12 -82.91 11.15
N PHE K 23 8.43 -81.85 10.70
CA PHE K 23 7.42 -81.98 9.64
C PHE K 23 7.42 -80.71 8.79
N PRO K 24 7.57 -80.83 7.46
CA PRO K 24 7.34 -79.67 6.60
C PRO K 24 5.89 -79.21 6.68
N ARG K 25 5.62 -78.03 6.11
CA ARG K 25 4.30 -77.43 6.23
C ARG K 25 3.23 -78.31 5.62
N GLY K 26 2.09 -78.39 6.28
CA GLY K 26 0.94 -79.17 5.81
C GLY K 26 0.91 -80.61 6.27
N GLN K 27 1.99 -81.35 6.02
CA GLN K 27 2.03 -82.75 6.41
C GLN K 27 2.20 -82.86 7.92
N GLY K 28 1.77 -84.00 8.45
CA GLY K 28 1.90 -84.28 9.86
C GLY K 28 0.62 -84.16 10.66
N VAL K 29 -0.52 -83.95 10.00
CA VAL K 29 -1.81 -83.81 10.67
C VAL K 29 -2.57 -85.11 10.46
N PRO K 30 -2.83 -85.91 11.49
CA PRO K 30 -3.68 -87.08 11.31
C PRO K 30 -5.07 -86.69 10.89
N ILE K 31 -5.67 -87.53 10.03
CA ILE K 31 -6.94 -87.25 9.39
C ILE K 31 -8.06 -87.91 10.18
N ASN K 32 -9.21 -87.23 10.24
CA ASN K 32 -10.36 -87.76 10.96
C ASN K 32 -11.60 -87.48 10.11
N THR K 33 -12.36 -88.53 9.81
CA THR K 33 -13.57 -88.38 9.02
C THR K 33 -14.67 -87.66 9.79
N ASN K 34 -14.70 -87.81 11.12
CA ASN K 34 -15.64 -87.03 11.93
C ASN K 34 -15.29 -85.55 11.94
N SER K 35 -14.03 -85.20 11.74
CA SER K 35 -13.62 -83.81 11.80
C SER K 35 -13.92 -83.09 10.49
N SER K 36 -14.55 -81.93 10.60
CA SER K 36 -14.75 -81.09 9.43
C SER K 36 -13.42 -80.44 9.05
N PRO K 37 -13.29 -79.96 7.81
CA PRO K 37 -12.03 -79.32 7.41
C PRO K 37 -11.66 -78.11 8.26
N ASP K 38 -12.64 -77.44 8.89
CA ASP K 38 -12.32 -76.32 9.75
C ASP K 38 -11.68 -76.78 11.05
N ASP K 39 -12.15 -77.91 11.59
CA ASP K 39 -11.71 -78.36 12.92
C ASP K 39 -10.30 -78.93 12.90
N GLN K 40 -9.79 -79.30 11.73
CA GLN K 40 -8.53 -80.03 11.61
C GLN K 40 -7.35 -79.08 11.85
N ILE K 41 -7.11 -78.80 13.12
CA ILE K 41 -6.03 -77.90 13.53
C ILE K 41 -5.67 -78.19 14.99
N GLY K 42 -4.38 -78.30 15.27
CA GLY K 42 -3.95 -78.64 16.61
C GLY K 42 -2.44 -78.64 16.72
N TYR K 43 -1.93 -79.36 17.74
CA TYR K 43 -0.51 -79.38 18.02
C TYR K 43 -0.06 -80.78 18.42
N TYR K 44 1.24 -80.93 18.57
CA TYR K 44 1.87 -82.14 19.08
C TYR K 44 2.62 -81.80 20.36
N ARG K 45 2.50 -82.68 21.35
CA ARG K 45 3.14 -82.51 22.64
C ARG K 45 4.01 -83.73 22.91
N ARG K 46 5.24 -83.51 23.34
CA ARG K 46 6.11 -84.62 23.66
C ARG K 46 5.68 -85.19 25.00
N ALA K 47 5.60 -86.51 25.08
CA ALA K 47 5.19 -87.20 26.30
C ALA K 47 6.22 -87.04 27.39
N THR K 48 5.83 -86.35 28.47
CA THR K 48 6.62 -86.32 29.69
C THR K 48 6.68 -87.72 30.28
N ARG K 49 7.89 -88.16 30.62
CA ARG K 49 8.10 -89.47 31.22
C ARG K 49 7.63 -90.61 30.31
N SER K 62 12.14 -94.20 25.15
CA SER K 62 12.14 -93.26 24.03
C SER K 62 11.03 -92.24 24.19
N PRO K 63 11.22 -91.04 23.63
CA PRO K 63 10.16 -90.04 23.66
C PRO K 63 8.98 -90.43 22.78
N ARG K 64 7.82 -89.87 23.14
CA ARG K 64 6.58 -90.12 22.44
C ARG K 64 5.88 -88.81 22.17
N TRP K 65 5.07 -88.77 21.12
CA TRP K 65 4.35 -87.55 20.73
C TRP K 65 2.87 -87.83 20.58
N TYR K 66 2.05 -86.97 21.17
CA TYR K 66 0.60 -87.06 21.12
C TYR K 66 0.05 -85.83 20.41
N PHE K 67 -0.96 -86.02 19.58
CA PHE K 67 -1.59 -84.93 18.86
C PHE K 67 -2.84 -84.47 19.62
N TYR K 68 -2.94 -83.17 19.84
CA TYR K 68 -4.14 -82.59 20.43
C TYR K 68 -4.63 -81.45 19.55
N TYR K 69 -5.96 -81.33 19.43
CA TYR K 69 -6.56 -80.26 18.65
C TYR K 69 -6.32 -78.91 19.32
N LEU K 70 -6.45 -77.85 18.52
CA LEU K 70 -6.19 -76.50 19.03
C LEU K 70 -7.13 -76.16 20.17
N GLY K 71 -6.56 -75.61 21.24
CA GLY K 71 -7.33 -75.23 22.40
C GLY K 71 -7.74 -76.37 23.30
N THR K 72 -7.18 -77.56 23.12
CA THR K 72 -7.47 -78.71 23.96
C THR K 72 -6.17 -79.39 24.38
N GLY K 73 -6.29 -80.29 25.35
CA GLY K 73 -5.17 -81.07 25.81
C GLY K 73 -4.34 -80.38 26.87
N PRO K 74 -3.15 -80.89 27.12
CA PRO K 74 -2.28 -80.31 28.16
C PRO K 74 -1.86 -78.88 27.87
N GLU K 75 -1.92 -78.44 26.61
CA GLU K 75 -1.52 -77.08 26.27
C GLU K 75 -2.70 -76.36 25.62
N ALA K 76 -3.88 -76.48 26.22
CA ALA K 76 -5.07 -75.85 25.68
C ALA K 76 -4.99 -74.33 25.65
N GLY K 77 -4.19 -73.74 26.54
CA GLY K 77 -4.09 -72.29 26.58
C GLY K 77 -3.11 -71.65 25.61
N LEU K 78 -2.41 -72.43 24.81
CA LEU K 78 -1.43 -71.86 23.88
C LEU K 78 -2.09 -71.50 22.55
N PRO K 79 -1.88 -70.29 22.05
CA PRO K 79 -2.33 -69.95 20.70
C PRO K 79 -1.44 -70.58 19.64
N TYR K 80 -2.02 -70.78 18.46
CA TYR K 80 -1.30 -71.38 17.35
C TYR K 80 -0.08 -70.55 16.99
N GLY K 81 1.09 -71.20 16.98
CA GLY K 81 2.34 -70.56 16.66
C GLY K 81 3.28 -70.30 17.82
N ALA K 82 2.96 -70.77 19.02
CA ALA K 82 3.81 -70.50 20.16
C ALA K 82 5.07 -71.36 20.12
N ASN K 83 6.14 -70.85 20.72
CA ASN K 83 7.43 -71.54 20.79
C ASN K 83 7.58 -72.13 22.19
N LYS K 84 7.61 -73.45 22.28
CA LYS K 84 7.91 -74.13 23.52
C LYS K 84 8.51 -75.49 23.22
N ASP K 85 9.61 -75.82 23.90
CA ASP K 85 10.30 -77.07 23.64
C ASP K 85 9.40 -78.25 23.98
N GLY K 86 9.26 -79.17 23.02
CA GLY K 86 8.33 -80.28 23.14
C GLY K 86 7.02 -80.06 22.42
N ILE K 87 6.75 -78.85 21.95
CA ILE K 87 5.50 -78.50 21.27
C ILE K 87 5.84 -78.13 19.83
N ILE K 88 5.26 -78.86 18.88
CA ILE K 88 5.35 -78.53 17.46
C ILE K 88 3.94 -78.50 16.89
N TRP K 89 3.71 -77.56 15.98
CA TRP K 89 2.37 -77.21 15.54
C TRP K 89 2.13 -77.69 14.11
N VAL K 90 0.94 -78.22 13.86
CA VAL K 90 0.52 -78.68 12.54
C VAL K 90 -0.90 -78.21 12.29
N ALA K 91 -1.26 -78.08 11.02
CA ALA K 91 -2.60 -77.66 10.66
C ALA K 91 -2.89 -78.04 9.22
N THR K 92 -4.17 -78.25 8.91
CA THR K 92 -4.61 -78.54 7.56
C THR K 92 -5.08 -77.28 6.87
N GLU K 93 -5.35 -77.42 5.59
CA GLU K 93 -5.84 -76.31 4.78
C GLU K 93 -7.30 -76.01 5.10
N GLY K 94 -7.62 -74.72 5.18
CA GLY K 94 -8.99 -74.34 5.50
C GLY K 94 -9.42 -74.58 6.92
N ALA K 95 -8.49 -74.67 7.86
CA ALA K 95 -8.81 -74.93 9.25
C ALA K 95 -9.12 -73.63 9.98
N LEU K 96 -10.35 -73.54 10.49
CA LEU K 96 -10.78 -72.34 11.21
C LEU K 96 -10.08 -72.24 12.57
N ASN K 97 -9.68 -71.02 12.93
CA ASN K 97 -9.03 -70.75 14.20
C ASN K 97 -10.11 -70.55 15.25
N THR K 98 -10.43 -71.61 15.96
CA THR K 98 -11.41 -71.64 17.03
C THR K 98 -10.90 -72.60 18.09
N PRO K 99 -11.30 -72.41 19.35
CA PRO K 99 -11.14 -73.50 20.32
C PRO K 99 -11.92 -74.72 19.86
N LYS K 100 -11.23 -75.86 19.80
CA LYS K 100 -11.82 -77.13 19.37
C LYS K 100 -12.49 -77.85 20.54
N ASP K 101 -13.35 -77.14 21.25
CA ASP K 101 -13.97 -77.70 22.45
C ASP K 101 -14.97 -78.79 22.11
N HIS K 102 -15.58 -78.73 20.92
CA HIS K 102 -16.55 -79.76 20.53
C HIS K 102 -15.89 -81.10 20.24
N ILE K 103 -14.58 -81.15 20.07
CA ILE K 103 -13.87 -82.42 20.05
C ILE K 103 -13.32 -82.77 21.43
N GLY K 104 -12.66 -81.79 22.07
CA GLY K 104 -12.13 -82.03 23.39
C GLY K 104 -10.96 -82.99 23.34
N THR K 105 -10.91 -83.90 24.31
CA THR K 105 -9.88 -84.90 24.43
C THR K 105 -10.56 -86.26 24.55
N ARG K 106 -9.78 -87.31 24.76
CA ARG K 106 -10.32 -88.66 24.83
C ARG K 106 -10.40 -89.14 26.27
N ASN K 107 -11.55 -89.70 26.65
CA ASN K 107 -11.69 -90.35 27.93
C ASN K 107 -11.47 -91.85 27.76
N PRO K 108 -10.40 -92.42 28.31
CA PRO K 108 -10.17 -93.86 28.11
C PRO K 108 -11.28 -94.73 28.69
N ALA K 109 -12.00 -94.26 29.71
CA ALA K 109 -13.10 -95.03 30.27
C ALA K 109 -14.26 -95.16 29.30
N ASN K 110 -14.54 -94.11 28.53
CA ASN K 110 -15.69 -94.09 27.64
C ASN K 110 -15.34 -94.30 26.18
N ASN K 111 -14.05 -94.20 25.82
CA ASN K 111 -13.65 -94.37 24.42
C ASN K 111 -12.21 -94.85 24.39
N ALA K 112 -11.87 -95.58 23.34
CA ALA K 112 -10.57 -96.19 23.18
C ALA K 112 -9.70 -95.34 22.26
N ALA K 113 -8.39 -95.53 22.37
CA ALA K 113 -7.47 -94.76 21.55
C ALA K 113 -7.61 -95.15 20.08
N ILE K 114 -7.43 -94.16 19.20
CA ILE K 114 -7.55 -94.35 17.77
C ILE K 114 -6.17 -94.48 17.15
N VAL K 115 -6.01 -95.48 16.28
CA VAL K 115 -4.75 -95.71 15.60
C VAL K 115 -4.36 -94.45 14.84
N LEU K 116 -3.05 -94.16 14.80
CA LEU K 116 -2.59 -92.97 14.11
C LEU K 116 -2.98 -93.06 12.63
N GLN K 117 -3.78 -92.09 12.20
CA GLN K 117 -4.31 -92.05 10.84
C GLN K 117 -3.54 -91.01 10.03
N LEU K 118 -2.39 -91.44 9.52
CA LEU K 118 -1.57 -90.55 8.71
C LEU K 118 -2.23 -90.37 7.34
N PRO K 119 -2.06 -89.20 6.72
CA PRO K 119 -2.60 -88.98 5.38
C PRO K 119 -1.84 -89.79 4.34
N GLN K 120 -2.41 -89.81 3.14
CA GLN K 120 -1.89 -90.63 2.05
C GLN K 120 -0.56 -90.09 1.56
N GLY K 121 0.44 -90.98 1.48
CA GLY K 121 1.72 -90.66 0.88
C GLY K 121 2.45 -89.50 1.52
N THR K 122 2.49 -89.48 2.84
CA THR K 122 3.12 -88.42 3.61
C THR K 122 4.60 -88.73 3.85
N THR K 123 5.27 -87.80 4.53
CA THR K 123 6.68 -87.93 4.86
C THR K 123 6.88 -89.03 5.90
N LEU K 124 7.96 -89.78 5.73
CA LEU K 124 8.34 -90.87 6.63
C LEU K 124 9.77 -90.65 7.09
N PRO K 125 9.95 -89.87 8.15
CA PRO K 125 11.29 -89.69 8.74
C PRO K 125 11.88 -90.99 9.27
N LYS K 126 13.16 -90.90 9.63
CA LYS K 126 13.93 -92.06 10.07
C LYS K 126 13.34 -92.66 11.34
N GLY K 127 13.28 -93.99 11.37
CA GLY K 127 12.79 -94.72 12.52
C GLY K 127 11.34 -95.12 12.45
N PHE K 128 10.56 -94.52 11.56
CA PHE K 128 9.14 -94.80 11.43
C PHE K 128 8.90 -95.63 10.18
N TYR K 129 8.12 -96.71 10.32
CA TYR K 129 7.84 -97.61 9.22
C TYR K 129 6.35 -97.63 8.90
N ASN L 4 17.69 102.15 7.45
CA ASN L 4 19.02 101.63 7.73
C ASN L 4 19.68 101.10 6.47
N ASN L 5 20.66 100.21 6.66
CA ASN L 5 21.35 99.53 5.57
C ASN L 5 20.58 98.34 5.02
N THR L 6 19.52 97.91 5.71
CA THR L 6 18.77 96.72 5.33
C THR L 6 17.32 97.09 5.07
N ALA L 7 16.77 96.54 3.98
CA ALA L 7 15.39 96.78 3.60
C ALA L 7 14.90 95.62 2.74
N SER L 8 13.61 95.63 2.43
CA SER L 8 13.01 94.60 1.59
C SER L 8 13.28 94.91 0.12
N TRP L 9 13.50 93.85 -0.67
CA TRP L 9 13.68 94.02 -2.11
C TRP L 9 12.43 94.51 -2.82
N PHE L 10 11.26 94.38 -2.20
CA PHE L 10 10.00 94.70 -2.84
C PHE L 10 9.30 95.84 -2.13
N THR L 11 8.32 96.41 -2.82
CA THR L 11 7.57 97.55 -2.32
C THR L 11 6.57 97.09 -1.25
N ALA L 12 5.91 98.05 -0.63
CA ALA L 12 4.96 97.74 0.42
C ALA L 12 3.66 97.19 -0.18
N LEU L 13 2.97 96.39 0.64
CA LEU L 13 1.63 95.93 0.33
C LEU L 13 0.69 96.56 1.36
N THR L 14 0.20 97.74 1.03
CA THR L 14 -0.63 98.50 1.95
C THR L 14 -1.94 97.76 2.21
N GLN L 15 -2.37 97.79 3.47
CA GLN L 15 -3.59 97.12 3.90
C GLN L 15 -4.61 98.23 4.13
N HIS L 16 -5.44 98.46 3.11
CA HIS L 16 -6.52 99.42 3.18
C HIS L 16 -7.71 98.91 3.98
N GLY L 17 -7.87 97.59 4.09
CA GLY L 17 -9.00 97.05 4.81
C GLY L 17 -8.68 96.87 6.29
N LYS L 18 -9.73 96.65 7.08
CA LYS L 18 -9.52 96.40 8.50
C LYS L 18 -9.03 94.97 8.75
N GLU L 19 -9.42 94.03 7.89
CA GLU L 19 -9.02 92.65 8.06
C GLU L 19 -7.51 92.52 7.87
N ASP L 20 -6.88 91.72 8.71
CA ASP L 20 -5.44 91.49 8.60
C ASP L 20 -5.08 90.64 7.37
N LEU L 21 -3.89 90.90 6.86
CA LEU L 21 -3.40 90.26 5.65
C LEU L 21 -3.18 88.77 5.87
N LYS L 22 -3.54 87.99 4.86
CA LYS L 22 -3.39 86.55 4.85
C LYS L 22 -3.19 86.14 3.39
N PHE L 23 -2.60 84.96 3.19
CA PHE L 23 -2.35 84.51 1.85
C PHE L 23 -2.58 83.01 1.81
N PRO L 24 -3.43 82.55 0.89
CA PRO L 24 -3.56 81.12 0.62
C PRO L 24 -2.28 80.49 0.13
N ARG L 25 -2.34 79.16 0.10
CA ARG L 25 -1.21 78.32 -0.21
C ARG L 25 -0.61 78.61 -1.58
N GLY L 26 0.73 78.62 -1.65
CA GLY L 26 1.49 78.83 -2.87
C GLY L 26 1.75 80.29 -3.17
N GLN L 27 0.67 81.05 -3.19
CA GLN L 27 0.58 82.47 -3.48
C GLN L 27 1.08 83.34 -2.33
N GLY L 28 1.43 84.57 -2.70
CA GLY L 28 1.92 85.61 -1.82
C GLY L 28 3.40 85.90 -1.90
N VAL L 29 4.10 85.30 -2.86
CA VAL L 29 5.52 85.53 -3.06
C VAL L 29 5.67 86.41 -4.30
N PRO L 30 6.12 87.66 -4.18
CA PRO L 30 6.41 88.46 -5.38
C PRO L 30 7.52 87.80 -6.19
N ILE L 31 7.42 87.94 -7.51
CA ILE L 31 8.31 87.20 -8.41
C ILE L 31 9.51 88.08 -8.76
N ASN L 32 10.66 87.42 -8.87
CA ASN L 32 11.95 88.02 -9.20
C ASN L 32 12.64 87.10 -10.18
N THR L 33 13.07 87.64 -11.31
CA THR L 33 13.75 86.83 -12.31
C THR L 33 15.12 86.38 -11.83
N ASN L 34 15.79 87.17 -10.98
CA ASN L 34 17.02 86.70 -10.38
C ASN L 34 16.77 85.54 -9.42
N SER L 35 15.58 85.48 -8.83
CA SER L 35 15.28 84.45 -7.84
C SER L 35 14.91 83.14 -8.54
N SER L 36 15.53 82.05 -8.11
CA SER L 36 15.13 80.74 -8.59
C SER L 36 13.80 80.31 -7.97
N PRO L 37 13.11 79.36 -8.57
CA PRO L 37 11.83 78.88 -8.01
C PRO L 37 11.95 78.33 -6.60
N ASP L 38 13.13 77.85 -6.22
CA ASP L 38 13.34 77.33 -4.87
C ASP L 38 13.36 78.44 -3.82
N ASP L 39 13.92 79.59 -4.18
CA ASP L 39 14.16 80.65 -3.22
C ASP L 39 12.87 81.38 -2.83
N GLN L 40 11.80 81.25 -3.61
CA GLN L 40 10.60 82.04 -3.44
C GLN L 40 9.82 81.52 -2.22
N ILE L 41 10.31 81.91 -1.05
CA ILE L 41 9.73 81.52 0.24
C ILE L 41 10.18 82.53 1.30
N GLY L 42 9.25 82.99 2.13
CA GLY L 42 9.58 84.01 3.11
C GLY L 42 8.38 84.34 3.97
N TYR L 43 8.42 85.54 4.58
CA TYR L 43 7.38 85.96 5.51
C TYR L 43 7.04 87.42 5.26
N TYR L 44 6.00 87.91 5.94
CA TYR L 44 5.62 89.32 5.88
C TYR L 44 5.63 90.08 7.21
N ARG L 45 6.74 90.77 7.45
CA ARG L 45 6.93 91.59 8.64
C ARG L 45 6.14 92.87 8.42
N ARG L 46 5.37 93.34 9.43
CA ARG L 46 4.66 94.59 9.15
C ARG L 46 5.57 95.81 9.17
N ALA L 47 4.99 96.98 9.39
CA ALA L 47 5.72 98.23 9.42
C ALA L 47 6.68 98.33 10.60
N THR L 48 7.85 98.90 10.32
CA THR L 48 8.90 99.13 11.31
C THR L 48 8.83 100.56 11.84
N ASP L 60 -3.15 108.99 10.47
CA ASP L 60 -4.37 108.66 9.75
C ASP L 60 -4.06 108.06 8.38
N LEU L 61 -3.11 107.13 8.35
CA LEU L 61 -2.69 106.47 7.12
C LEU L 61 -3.06 104.99 7.19
N SER L 62 -2.36 104.16 6.42
CA SER L 62 -2.69 102.75 6.37
C SER L 62 -1.49 101.89 6.74
N PRO L 63 -1.73 100.70 7.28
CA PRO L 63 -0.63 99.77 7.57
C PRO L 63 0.00 99.22 6.30
N ARG L 64 1.27 98.82 6.43
CA ARG L 64 2.01 98.27 5.31
C ARG L 64 2.70 96.97 5.74
N TRP L 65 2.95 96.11 4.75
CA TRP L 65 3.57 94.81 4.95
C TRP L 65 4.76 94.67 4.00
N TYR L 66 5.88 94.19 4.53
CA TYR L 66 7.10 94.00 3.75
C TYR L 66 7.45 92.52 3.75
N PHE L 67 7.90 92.04 2.59
CA PHE L 67 8.30 90.65 2.40
C PHE L 67 9.81 90.51 2.54
N TYR L 68 10.24 89.54 3.34
CA TYR L 68 11.65 89.20 3.46
C TYR L 68 11.81 87.70 3.21
N TYR L 69 12.89 87.34 2.54
CA TYR L 69 13.15 85.93 2.25
C TYR L 69 13.45 85.16 3.52
N LEU L 70 13.29 83.83 3.43
CA LEU L 70 13.48 82.95 4.57
C LEU L 70 14.92 83.05 5.09
N GLY L 71 15.06 83.18 6.41
CA GLY L 71 16.38 83.26 7.00
C GLY L 71 17.07 84.59 6.87
N THR L 72 16.35 85.64 6.44
CA THR L 72 16.91 86.97 6.32
C THR L 72 15.98 87.99 6.96
N GLY L 73 16.51 89.20 7.13
CA GLY L 73 15.76 90.32 7.65
C GLY L 73 15.76 90.39 9.17
N PRO L 74 14.84 91.19 9.72
CA PRO L 74 14.80 91.37 11.18
C PRO L 74 14.47 90.10 11.95
N GLU L 75 13.87 89.10 11.32
CA GLU L 75 13.53 87.87 12.03
C GLU L 75 14.21 86.67 11.37
N ALA L 76 15.50 86.80 11.06
CA ALA L 76 16.23 85.73 10.40
C ALA L 76 16.35 84.48 11.26
N GLY L 77 16.28 84.62 12.58
CA GLY L 77 16.40 83.44 13.42
C GLY L 77 15.13 82.64 13.66
N LEU L 78 14.02 83.07 13.09
CA LEU L 78 12.75 82.37 13.29
C LEU L 78 12.56 81.30 12.23
N PRO L 79 12.20 80.07 12.61
CA PRO L 79 11.84 79.06 11.62
C PRO L 79 10.46 79.31 11.04
N TYR L 80 10.27 78.80 9.82
CA TYR L 80 9.01 78.97 9.11
C TYR L 80 7.86 78.34 9.91
N GLY L 81 6.83 79.15 10.15
CA GLY L 81 5.67 78.69 10.90
C GLY L 81 5.54 79.22 12.32
N ALA L 82 6.38 80.16 12.73
CA ALA L 82 6.33 80.66 14.10
C ALA L 82 5.15 81.61 14.27
N ASN L 83 4.65 81.68 15.50
CA ASN L 83 3.51 82.54 15.84
C ASN L 83 4.02 83.80 16.53
N LYS L 84 3.83 84.94 15.86
CA LYS L 84 4.12 86.24 16.43
C LYS L 84 3.21 87.25 15.75
N ASP L 85 2.58 88.10 16.54
CA ASP L 85 1.64 89.06 15.98
C ASP L 85 2.38 90.00 15.03
N GLY L 86 1.87 90.14 13.81
CA GLY L 86 2.55 90.89 12.79
C GLY L 86 3.33 90.05 11.80
N ILE L 87 3.48 88.75 12.05
CA ILE L 87 4.22 87.85 11.18
C ILE L 87 3.24 86.84 10.59
N ILE L 88 3.16 86.80 9.27
CA ILE L 88 2.40 85.80 8.52
C ILE L 88 3.31 85.19 7.47
N TRP L 89 3.17 83.89 7.25
CA TRP L 89 4.14 83.10 6.51
C TRP L 89 3.56 82.71 5.15
N VAL L 90 4.40 82.80 4.10
CA VAL L 90 4.01 82.40 2.75
C VAL L 90 5.13 81.59 2.10
N ALA L 91 4.76 80.76 1.13
CA ALA L 91 5.72 79.95 0.41
C ALA L 91 5.10 79.48 -0.90
N THR L 92 5.95 79.25 -1.90
CA THR L 92 5.51 78.71 -3.18
C THR L 92 5.72 77.21 -3.21
N GLU L 93 5.22 76.57 -4.27
CA GLU L 93 5.36 75.14 -4.41
C GLU L 93 6.80 74.78 -4.79
N GLY L 94 7.32 73.73 -4.18
CA GLY L 94 8.68 73.33 -4.46
C GLY L 94 9.75 74.24 -3.90
N ALA L 95 9.42 75.02 -2.87
CA ALA L 95 10.37 75.96 -2.28
C ALA L 95 11.20 75.25 -1.22
N LEU L 96 12.52 75.21 -1.43
CA LEU L 96 13.42 74.55 -0.49
C LEU L 96 13.55 75.36 0.79
N ASN L 97 13.56 74.67 1.93
CA ASN L 97 13.70 75.30 3.23
C ASN L 97 15.19 75.49 3.50
N THR L 98 15.70 76.67 3.20
CA THR L 98 17.09 77.01 3.43
C THR L 98 17.16 78.47 3.83
N PRO L 99 18.18 78.87 4.59
CA PRO L 99 18.49 80.30 4.70
C PRO L 99 18.82 80.86 3.33
N LYS L 100 18.14 81.94 2.96
CA LYS L 100 18.36 82.60 1.68
C LYS L 100 19.49 83.61 1.75
N ASP L 101 20.64 83.16 2.24
CA ASP L 101 21.75 84.07 2.45
C ASP L 101 22.37 84.53 1.13
N HIS L 102 22.28 83.71 0.08
CA HIS L 102 22.82 84.12 -1.20
C HIS L 102 22.01 85.21 -1.86
N ILE L 103 20.79 85.45 -1.38
CA ILE L 103 20.03 86.64 -1.76
C ILE L 103 20.21 87.75 -0.74
N GLY L 104 20.11 87.41 0.54
CA GLY L 104 20.28 88.39 1.59
C GLY L 104 19.13 89.37 1.58
N THR L 105 19.44 90.64 1.77
CA THR L 105 18.45 91.70 1.80
C THR L 105 18.87 92.79 0.82
N ARG L 106 18.10 93.87 0.79
CA ARG L 106 18.36 94.96 -0.15
C ARG L 106 19.00 96.13 0.60
N ASN L 107 20.06 96.67 0.02
CA ASN L 107 20.66 97.90 0.52
C ASN L 107 20.12 99.08 -0.27
N PRO L 108 19.33 99.97 0.34
CA PRO L 108 18.77 101.09 -0.43
C PRO L 108 19.85 101.98 -1.02
N ALA L 109 21.03 102.03 -0.39
CA ALA L 109 22.13 102.83 -0.94
C ALA L 109 22.64 102.25 -2.24
N ASN L 110 22.66 100.92 -2.37
CA ASN L 110 23.23 100.25 -3.53
C ASN L 110 22.18 99.72 -4.50
N ASN L 111 20.92 99.64 -4.12
CA ASN L 111 19.89 99.11 -5.00
C ASN L 111 18.54 99.71 -4.62
N ALA L 112 17.67 99.82 -5.61
CA ALA L 112 16.36 100.43 -5.44
C ALA L 112 15.29 99.37 -5.26
N ALA L 113 14.16 99.79 -4.68
CA ALA L 113 13.04 98.89 -4.42
C ALA L 113 12.40 98.44 -5.72
N ILE L 114 11.91 97.20 -5.72
CA ILE L 114 11.27 96.60 -6.90
C ILE L 114 9.76 96.65 -6.70
N VAL L 115 9.04 97.07 -7.73
CA VAL L 115 7.58 97.15 -7.68
C VAL L 115 7.00 95.80 -7.31
N LEU L 116 5.94 95.81 -6.51
CA LEU L 116 5.30 94.57 -6.10
C LEU L 116 4.77 93.81 -7.29
N GLN L 117 5.30 92.60 -7.49
CA GLN L 117 4.92 91.74 -8.61
C GLN L 117 4.00 90.64 -8.12
N LEU L 118 2.72 90.95 -8.00
CA LEU L 118 1.76 89.96 -7.55
C LEU L 118 1.51 88.93 -8.66
N PRO L 119 1.26 87.67 -8.30
CA PRO L 119 0.94 86.66 -9.31
C PRO L 119 -0.44 86.87 -9.92
N GLN L 120 -0.68 86.11 -10.99
CA GLN L 120 -1.89 86.23 -11.78
C GLN L 120 -3.10 85.72 -11.01
N GLY L 121 -4.16 86.53 -10.96
CA GLY L 121 -5.42 86.06 -10.41
C GLY L 121 -5.35 85.57 -8.98
N THR L 122 -4.68 86.33 -8.12
CA THR L 122 -4.51 85.95 -6.73
C THR L 122 -5.68 86.45 -5.88
N THR L 123 -5.62 86.13 -4.60
CA THR L 123 -6.63 86.53 -3.64
C THR L 123 -6.60 88.03 -3.41
N LEU L 124 -7.78 88.63 -3.29
CA LEU L 124 -7.90 90.06 -3.03
C LEU L 124 -8.79 90.27 -1.82
N PRO L 125 -8.21 90.23 -0.62
CA PRO L 125 -8.98 90.56 0.59
C PRO L 125 -9.44 92.01 0.53
N LYS L 126 -10.29 92.38 1.48
CA LYS L 126 -10.85 93.73 1.42
C LYS L 126 -9.72 94.74 1.57
N GLY L 127 -9.76 95.78 0.73
CA GLY L 127 -8.77 96.83 0.76
C GLY L 127 -7.65 96.63 -0.24
N PHE L 128 -7.49 95.42 -0.76
CA PHE L 128 -6.43 95.08 -1.70
C PHE L 128 -7.02 94.94 -3.10
N TYR L 129 -6.37 95.57 -4.07
CA TYR L 129 -6.86 95.55 -5.45
C TYR L 129 -5.85 94.89 -6.38
#